data_5WYZ
#
_entry.id   5WYZ
#
_cell.length_a   143.620
_cell.length_b   98.950
_cell.length_c   139.520
_cell.angle_alpha   90.00
_cell.angle_beta   108.39
_cell.angle_gamma   90.00
#
_symmetry.space_group_name_H-M   'C 1 2 1'
#
loop_
_entity.id
_entity.type
_entity.pdbx_description
1 polymer 'Toll-like receptor 8'
2 branched alpha-D-mannopyranose-(1-3)-beta-D-mannopyranose-(1-4)-2-acetamido-2-deoxy-beta-D-glucopyranose-(1-4)-2-acetamido-2-deoxy-beta-D-glucopyranose
3 branched 2-acetamido-2-deoxy-beta-D-glucopyranose-(1-4)-2-acetamido-2-deoxy-beta-D-glucopyranose
4 branched alpha-D-mannopyranose-(1-3)-[alpha-D-mannopyranose-(1-6)]beta-D-mannopyranose-(1-4)-2-acetamido-2-deoxy-beta-D-glucopyranose-(1-4)-2-acetamido-2-deoxy-beta-D-glucopyranose
5 branched alpha-D-mannopyranose-(1-6)-beta-D-mannopyranose-(1-4)-2-acetamido-2-deoxy-beta-D-glucopyranose-(1-4)-2-acetamido-2-deoxy-beta-D-glucopyranose
6 non-polymer 4-(3-methyl-4-oxidanyl-phenyl)quinolin-7-ol
7 non-polymer 2-acetamido-2-deoxy-beta-D-glucopyranose
8 water water
#
_entity_poly.entity_id   1
_entity_poly.type   'polypeptide(L)'
_entity_poly.pdbx_seq_one_letter_code
;RSPWEENFSRSYPCDEKKQNDSVIAECSNRRLQEVPQTVGKYVTELDLSDNFITHITNESFQGLQNLTKINLNHNPNVQH
QNGNPGIQSNGLNITDGAFLNLKNLRELLLEDNQLPQIPSGLPESLTELSLIQNNIYNITKEGISRLINLKNLYLAWNCY
FNKVCEKTNIEDGVFETLTNLELLSLSFNSLSHVPPKLPSSLRKLFLSNTQIKYISEEDFKGLINLTLLDLSGNCPRCFN
APFPCVPCDGGASINIDRFAFQNLTQLRYLNLSSTSLRKINAAWFKNMPHLKVLDLEFNYLVGEIASGAFLTMLPRLEIL
DLSFNYIKGSYPQHINISRNFSKLLSLRALHLRGYVFQELREDDFQPLMQLPNLSTINLGINFIKQIDFKLFQNFSNLEI
IYLSENRISPLVKDTRQSYANSSSFQRHIRKRRSTDFEFDPHSNFYHFTRPLIKPQCAAYGKALDLSLNSIFFIGPNQFE
NLPDIACLNLSANSNAQVLSGTEFSAIPHVKYLDLTNNRLDFDNASALTELSDLEVLDLSYNSHYFRIAGVTHHLEFIQN
FTNLKVLNLSHNNIYTLTDKYNLESKSLVELVFSGNRLDILWNDDDNRYISIFKGLKNLTRLDLSLNRLKHIPNEAFLNL
PASLTELHINDNMLKFFNWTLLQQFPRLELLDLRGNKLLFLTDSLSDFTSSLRTLLLSHNRISHLPSGFLSEVSSLKHLD
LSSNLLKTINKSALETKTTTKLSMLELHGNPFECTCDIGDFRRWMDEHLNVKIPRLVDVICASPGDQRGKSIVSLELTTC
VSDVTEFLVPR
;
_entity_poly.pdbx_strand_id   A,B
#
# COMPACT_ATOMS: atom_id res chain seq x y z
N ARG A 10 22.50 -22.12 32.16
CA ARG A 10 22.00 -21.55 30.86
C ARG A 10 21.22 -22.57 30.00
N SER A 11 19.90 -22.39 29.89
CA SER A 11 19.01 -23.34 29.22
C SER A 11 19.26 -23.42 27.71
N TYR A 12 19.11 -24.63 27.19
CA TYR A 12 19.14 -24.84 25.75
C TYR A 12 18.45 -26.17 25.44
N PRO A 13 17.66 -26.26 24.38
CA PRO A 13 17.39 -25.18 23.47
C PRO A 13 16.30 -24.20 23.91
N CYS A 14 15.59 -24.51 25.00
CA CYS A 14 14.46 -23.72 25.45
C CYS A 14 14.93 -22.50 26.19
N ASP A 15 14.06 -21.49 26.20
CA ASP A 15 14.21 -20.32 27.06
C ASP A 15 13.41 -20.66 28.29
N GLU A 16 14.11 -20.82 29.41
CA GLU A 16 13.44 -21.18 30.65
C GLU A 16 13.38 -19.99 31.57
N LYS A 17 12.28 -19.83 32.28
CA LYS A 17 12.16 -18.67 33.16
C LYS A 17 11.06 -18.84 34.19
N LYS A 18 11.13 -18.01 35.23
CA LYS A 18 10.10 -18.02 36.27
C LYS A 18 8.88 -17.39 35.69
N GLN A 19 7.72 -17.87 36.08
CA GLN A 19 6.44 -17.23 35.81
C GLN A 19 5.61 -17.57 37.04
N ASN A 20 5.10 -16.54 37.72
CA ASN A 20 4.39 -16.71 38.97
C ASN A 20 5.28 -17.47 39.96
N ASP A 21 4.88 -18.63 40.45
CA ASP A 21 5.72 -19.36 41.38
C ASP A 21 6.12 -20.77 40.89
N SER A 22 6.56 -20.83 39.66
CA SER A 22 6.96 -22.07 39.01
C SER A 22 7.83 -21.67 37.85
N VAL A 23 8.35 -22.68 37.14
CA VAL A 23 9.25 -22.44 36.05
C VAL A 23 8.79 -23.10 34.75
N ILE A 24 9.03 -22.33 33.70
CA ILE A 24 8.38 -22.43 32.40
C ILE A 24 9.44 -22.60 31.37
N ALA A 25 9.14 -23.31 30.30
CA ALA A 25 10.10 -23.52 29.25
C ALA A 25 9.44 -23.15 27.96
N GLU A 26 9.88 -22.05 27.36
CA GLU A 26 9.37 -21.66 26.06
C GLU A 26 10.25 -22.36 25.06
N CYS A 27 9.67 -23.26 24.29
CA CYS A 27 10.47 -24.05 23.41
C CYS A 27 9.81 -24.19 22.05
N SER A 28 9.08 -23.16 21.66
CA SER A 28 8.34 -23.20 20.39
C SER A 28 9.17 -22.67 19.22
N ASN A 29 8.74 -22.99 18.01
CA ASN A 29 9.31 -22.38 16.81
C ASN A 29 10.85 -22.41 16.75
N ARG A 30 11.44 -23.55 17.07
CA ARG A 30 12.88 -23.74 17.18
C ARG A 30 13.42 -24.82 16.27
N ARG A 31 12.66 -25.21 15.26
CA ARG A 31 13.09 -26.24 14.34
C ARG A 31 13.58 -27.51 15.07
N LEU A 32 12.87 -27.94 16.11
CA LEU A 32 13.28 -29.13 16.86
C LEU A 32 12.68 -30.37 16.24
N GLN A 33 13.50 -31.41 16.07
CA GLN A 33 13.05 -32.63 15.41
C GLN A 33 12.62 -33.65 16.42
N GLU A 34 12.92 -33.41 17.69
CA GLU A 34 12.46 -34.25 18.78
C GLU A 34 12.39 -33.47 20.09
N VAL A 35 11.75 -34.10 21.07
CA VAL A 35 11.61 -33.58 22.40
C VAL A 35 13.00 -33.56 23.00
N PRO A 36 13.54 -32.37 23.31
CA PRO A 36 14.88 -32.34 23.94
C PRO A 36 14.87 -33.02 25.30
N GLN A 37 16.02 -33.54 25.69
CA GLN A 37 16.23 -34.09 27.00
C GLN A 37 17.06 -33.12 27.84
N THR A 38 17.23 -31.92 27.34
CA THR A 38 18.00 -30.89 27.99
C THR A 38 17.19 -29.84 28.70
N VAL A 39 15.92 -30.11 28.96
CA VAL A 39 15.11 -29.15 29.70
C VAL A 39 15.45 -29.13 31.17
N GLY A 40 15.44 -27.95 31.77
CA GLY A 40 15.76 -27.77 33.19
C GLY A 40 14.90 -28.66 34.06
N LYS A 41 15.45 -29.12 35.18
CA LYS A 41 14.74 -30.05 36.04
C LYS A 41 13.52 -29.41 36.70
N TYR A 42 13.56 -28.09 36.84
CA TYR A 42 12.49 -27.35 37.53
C TYR A 42 11.24 -27.16 36.68
N VAL A 43 11.33 -27.41 35.39
CA VAL A 43 10.28 -26.98 34.46
C VAL A 43 8.99 -27.75 34.70
N THR A 44 7.89 -27.01 34.87
CA THR A 44 6.58 -27.64 35.06
C THR A 44 5.65 -27.35 33.87
N GLU A 45 6.03 -26.44 32.99
CA GLU A 45 5.22 -26.18 31.81
C GLU A 45 6.14 -26.08 30.63
N LEU A 46 5.79 -26.80 29.59
CA LEU A 46 6.66 -26.95 28.45
C LEU A 46 5.94 -26.68 27.16
N ASP A 47 6.36 -25.65 26.47
CA ASP A 47 5.75 -25.30 25.21
C ASP A 47 6.70 -25.70 24.07
N LEU A 48 6.30 -26.74 23.33
CA LEU A 48 7.05 -27.27 22.21
C LEU A 48 6.32 -27.09 20.90
N SER A 49 5.36 -26.18 20.87
CA SER A 49 4.55 -25.92 19.70
C SER A 49 5.36 -25.45 18.51
N ASP A 50 4.83 -25.67 17.32
CA ASP A 50 5.41 -25.11 16.11
C ASP A 50 6.88 -25.54 15.93
N ASN A 51 7.10 -26.84 15.96
CA ASN A 51 8.41 -27.44 15.70
C ASN A 51 8.33 -28.53 14.59
N PHE A 52 9.33 -29.41 14.53
CA PHE A 52 9.40 -30.45 13.53
C PHE A 52 9.30 -31.82 14.19
N ILE A 53 8.64 -31.89 15.34
CA ILE A 53 8.58 -33.15 16.08
C ILE A 53 7.60 -34.13 15.41
N THR A 54 8.08 -35.36 15.21
CA THR A 54 7.32 -36.41 14.52
C THR A 54 6.85 -37.52 15.44
N HIS A 55 7.52 -37.76 16.57
CA HIS A 55 7.17 -38.90 17.41
C HIS A 55 7.16 -38.58 18.91
N ILE A 56 6.18 -39.16 19.61
CA ILE A 56 6.18 -39.10 21.06
C ILE A 56 6.05 -40.54 21.58
N THR A 57 7.05 -40.94 22.37
CA THR A 57 7.11 -42.26 23.02
C THR A 57 6.95 -42.05 24.51
N ASN A 58 6.85 -43.16 25.25
CA ASN A 58 6.76 -43.11 26.74
C ASN A 58 8.06 -42.63 27.40
N GLU A 59 9.07 -42.36 26.58
CA GLU A 59 10.40 -41.91 26.99
C GLU A 59 10.68 -40.43 26.71
N SER A 60 9.93 -39.82 25.81
CA SER A 60 10.14 -38.40 25.45
C SER A 60 10.14 -37.51 26.69
N PHE A 61 9.43 -37.95 27.73
CA PHE A 61 9.18 -37.14 28.93
C PHE A 61 9.69 -37.67 30.25
N GLN A 62 10.24 -38.88 30.24
CA GLN A 62 11.02 -39.34 31.40
C GLN A 62 11.99 -38.20 31.73
N GLY A 63 12.27 -38.04 33.02
CA GLY A 63 13.19 -37.00 33.55
C GLY A 63 12.48 -35.68 33.89
N LEU A 64 11.15 -35.70 33.79
CA LEU A 64 10.29 -34.51 33.99
C LEU A 64 8.90 -34.89 34.50
N GLN A 65 8.87 -35.63 35.59
CA GLN A 65 7.64 -36.19 36.16
C GLN A 65 6.74 -35.08 36.76
N ASN A 66 7.33 -33.90 36.98
CA ASN A 66 6.60 -32.76 37.56
C ASN A 66 5.89 -31.87 36.50
N LEU A 67 5.95 -32.24 35.22
CA LEU A 67 5.18 -31.49 34.20
C LEU A 67 3.68 -31.41 34.47
N THR A 68 3.19 -30.20 34.44
CA THR A 68 1.78 -29.87 34.65
C THR A 68 1.10 -29.62 33.31
N LYS A 69 1.84 -29.04 32.40
CA LYS A 69 1.27 -28.62 31.12
C LYS A 69 2.26 -28.91 30.01
N ILE A 70 1.77 -29.46 28.90
CA ILE A 70 2.58 -29.62 27.70
C ILE A 70 1.81 -29.09 26.51
N ASN A 71 2.45 -28.27 25.70
CA ASN A 71 1.89 -27.80 24.47
C ASN A 71 2.66 -28.38 23.31
N LEU A 72 1.98 -29.16 22.46
CA LEU A 72 2.62 -29.80 21.31
C LEU A 72 1.94 -29.42 20.01
N ASN A 73 1.22 -28.32 20.01
CA ASN A 73 0.51 -27.89 18.79
C ASN A 73 1.39 -27.66 17.59
N HIS A 74 0.83 -27.94 16.41
CA HIS A 74 1.47 -27.62 15.14
C HIS A 74 2.78 -28.38 14.99
N ASN A 75 2.77 -29.65 15.37
CA ASN A 75 3.93 -30.52 15.13
C ASN A 75 3.47 -31.68 14.27
N PRO A 76 4.14 -31.95 13.14
CA PRO A 76 5.31 -31.20 12.62
C PRO A 76 4.95 -30.27 11.49
N ASN A 77 5.91 -29.52 10.96
CA ASN A 77 5.63 -28.50 9.91
C ASN A 77 6.14 -28.71 8.45
N VAL A 78 5.79 -27.73 7.59
CA VAL A 78 6.29 -27.54 6.22
C VAL A 78 6.59 -28.84 5.50
N ASN A 90 2.26 -36.53 6.71
CA ASN A 90 2.23 -37.76 7.52
C ASN A 90 1.59 -37.62 8.92
N GLY A 91 2.17 -36.80 9.81
CA GLY A 91 1.55 -36.47 11.13
C GLY A 91 2.35 -36.76 12.41
N LEU A 92 1.82 -36.30 13.53
CA LEU A 92 2.43 -36.59 14.84
C LEU A 92 2.07 -37.97 15.31
N ASN A 93 3.10 -38.71 15.69
CA ASN A 93 2.97 -40.13 15.97
C ASN A 93 3.12 -40.34 17.46
N ILE A 94 2.05 -40.78 18.10
CA ILE A 94 2.04 -40.90 19.56
C ILE A 94 1.74 -42.33 20.01
N THR A 95 2.71 -42.94 20.70
CA THR A 95 2.58 -44.33 21.15
C THR A 95 1.56 -44.38 22.23
N ASP A 96 0.87 -45.51 22.39
CA ASP A 96 -0.10 -45.68 23.51
C ASP A 96 0.63 -45.46 24.83
N GLY A 97 -0.10 -44.91 25.80
CA GLY A 97 0.45 -44.56 27.11
C GLY A 97 1.72 -43.72 27.15
N ALA A 98 1.94 -42.93 26.13
CA ALA A 98 3.12 -42.13 26.08
C ALA A 98 3.13 -41.20 27.26
N PHE A 99 1.97 -40.69 27.62
CA PHE A 99 1.85 -39.74 28.71
C PHE A 99 1.40 -40.25 30.07
N LEU A 100 1.05 -41.51 30.23
CA LEU A 100 0.44 -41.94 31.48
C LEU A 100 1.42 -41.98 32.63
N ASN A 101 2.69 -41.92 32.33
CA ASN A 101 3.70 -41.78 33.37
C ASN A 101 3.64 -40.48 34.18
N LEU A 102 3.31 -39.40 33.51
CA LEU A 102 3.29 -38.05 34.04
C LEU A 102 2.03 -37.82 34.90
N LYS A 103 2.13 -38.19 36.17
CA LYS A 103 0.96 -38.30 37.08
C LYS A 103 0.39 -36.97 37.49
N ASN A 104 1.14 -35.89 37.27
CA ASN A 104 0.67 -34.52 37.52
C ASN A 104 0.20 -33.75 36.31
N LEU A 105 0.15 -34.38 35.14
CA LEU A 105 -0.19 -33.64 33.91
C LEU A 105 -1.66 -33.19 33.93
N ARG A 106 -1.88 -31.88 33.96
CA ARG A 106 -3.25 -31.31 34.02
C ARG A 106 -3.73 -30.86 32.67
N GLU A 107 -2.83 -30.26 31.90
CA GLU A 107 -3.19 -29.61 30.65
C GLU A 107 -2.33 -30.12 29.53
N LEU A 108 -2.97 -30.62 28.48
CA LEU A 108 -2.24 -31.15 27.35
C LEU A 108 -2.83 -30.63 26.06
N LEU A 109 -2.04 -29.92 25.28
CA LEU A 109 -2.54 -29.31 24.05
C LEU A 109 -1.95 -30.06 22.87
N LEU A 110 -2.83 -30.57 22.02
CA LEU A 110 -2.42 -31.34 20.87
C LEU A 110 -3.21 -30.89 19.68
N GLU A 111 -2.98 -29.64 19.31
CA GLU A 111 -3.74 -29.06 18.22
C GLU A 111 -2.91 -29.09 16.93
N ASP A 112 -3.61 -29.29 15.82
CA ASP A 112 -2.96 -29.24 14.50
C ASP A 112 -1.80 -30.20 14.42
N ASN A 113 -2.03 -31.44 14.84
CA ASN A 113 -1.01 -32.47 14.82
C ASN A 113 -1.35 -33.57 13.80
N GLN A 114 -2.45 -33.41 13.06
CA GLN A 114 -2.97 -34.42 12.14
C GLN A 114 -3.17 -35.76 12.82
N LEU A 115 -3.66 -35.75 14.05
CA LEU A 115 -3.94 -37.00 14.73
C LEU A 115 -5.10 -37.68 14.04
N PRO A 116 -4.97 -38.99 13.77
CA PRO A 116 -6.05 -39.76 13.16
C PRO A 116 -7.01 -40.32 14.19
N GLN A 117 -6.62 -40.25 15.45
CA GLN A 117 -7.48 -40.71 16.54
C GLN A 117 -7.09 -40.08 17.90
N ILE A 118 -8.00 -40.13 18.86
CA ILE A 118 -7.68 -39.75 20.22
C ILE A 118 -6.54 -40.67 20.65
N PRO A 119 -5.40 -40.10 21.11
CA PRO A 119 -4.35 -40.95 21.64
C PRO A 119 -4.87 -41.80 22.80
N SER A 120 -4.41 -43.04 22.88
CA SER A 120 -4.98 -43.95 23.84
C SER A 120 -4.10 -43.94 25.07
N GLY A 121 -4.71 -44.19 26.23
CA GLY A 121 -4.01 -44.20 27.48
C GLY A 121 -3.53 -42.82 27.86
N LEU A 122 -4.45 -41.87 28.00
CA LEU A 122 -4.05 -40.53 28.46
C LEU A 122 -4.19 -40.54 29.98
N PRO A 123 -3.38 -39.74 30.68
CA PRO A 123 -3.42 -39.75 32.13
C PRO A 123 -4.68 -39.16 32.77
N GLU A 124 -5.09 -39.78 33.87
CA GLU A 124 -6.34 -39.58 34.57
C GLU A 124 -6.32 -38.17 35.17
N SER A 125 -5.10 -37.64 35.34
CA SER A 125 -4.87 -36.35 35.97
C SER A 125 -5.30 -35.14 35.14
N LEU A 126 -5.59 -35.36 33.85
CA LEU A 126 -5.93 -34.27 32.92
C LEU A 126 -7.16 -33.49 33.27
N THR A 127 -7.00 -32.17 33.37
CA THR A 127 -8.15 -31.26 33.52
C THR A 127 -8.46 -30.52 32.26
N GLU A 128 -7.45 -30.30 31.41
CA GLU A 128 -7.71 -29.66 30.12
C GLU A 128 -7.02 -30.42 28.99
N LEU A 129 -7.77 -30.70 27.93
CA LEU A 129 -7.24 -31.43 26.77
C LEU A 129 -7.75 -30.78 25.51
N SER A 130 -6.84 -30.39 24.63
CA SER A 130 -7.24 -29.81 23.35
C SER A 130 -6.74 -30.70 22.20
N LEU A 131 -7.66 -31.10 21.32
CA LEU A 131 -7.34 -31.92 20.16
C LEU A 131 -7.97 -31.26 18.96
N ILE A 132 -7.91 -29.93 18.95
CA ILE A 132 -8.47 -29.13 17.87
C ILE A 132 -7.66 -29.32 16.62
N GLN A 133 -8.31 -29.23 15.45
CA GLN A 133 -7.60 -29.24 14.13
C GLN A 133 -6.83 -30.53 13.88
N ASN A 134 -7.45 -31.67 14.16
CA ASN A 134 -6.86 -32.95 13.81
C ASN A 134 -7.78 -33.68 12.83
N ASN A 135 -7.61 -35.00 12.68
CA ASN A 135 -8.45 -35.81 11.79
C ASN A 135 -9.16 -36.89 12.57
N ILE A 136 -9.65 -36.51 13.74
CA ILE A 136 -10.31 -37.42 14.65
C ILE A 136 -11.78 -37.46 14.29
N TYR A 137 -12.23 -38.60 13.75
CA TYR A 137 -13.63 -38.79 13.36
C TYR A 137 -14.43 -39.62 14.34
N ASN A 138 -13.75 -40.28 15.28
CA ASN A 138 -14.40 -41.17 16.24
C ASN A 138 -14.13 -40.72 17.65
N ILE A 139 -15.18 -40.38 18.41
CA ILE A 139 -14.97 -40.06 19.82
C ILE A 139 -15.43 -41.22 20.67
N THR A 140 -14.48 -41.94 21.26
CA THR A 140 -14.76 -43.22 21.92
C THR A 140 -14.55 -43.21 23.41
N LYS A 141 -15.18 -44.16 24.09
CA LYS A 141 -14.96 -44.37 25.53
C LYS A 141 -13.50 -44.77 25.82
N GLU A 142 -12.95 -45.56 24.91
CA GLU A 142 -11.55 -46.00 25.02
C GLU A 142 -10.67 -44.76 25.16
N GLY A 143 -10.95 -43.74 24.36
CA GLY A 143 -10.16 -42.52 24.34
C GLY A 143 -10.32 -41.61 25.54
N ILE A 144 -11.55 -41.35 25.99
CA ILE A 144 -11.77 -40.29 26.99
C ILE A 144 -12.59 -40.62 28.23
N SER A 145 -13.38 -41.66 28.21
CA SER A 145 -14.31 -41.81 29.28
C SER A 145 -13.63 -41.98 30.63
N ARG A 146 -12.40 -42.45 30.63
CA ARG A 146 -11.64 -42.53 31.86
C ARG A 146 -11.21 -41.20 32.47
N LEU A 147 -11.11 -40.16 31.66
CA LEU A 147 -10.55 -38.87 32.04
C LEU A 147 -11.54 -38.09 32.89
N ILE A 148 -11.82 -38.63 34.06
CA ILE A 148 -12.95 -38.18 34.86
C ILE A 148 -12.65 -36.84 35.52
N ASN A 149 -11.39 -36.39 35.46
CA ASN A 149 -11.09 -35.03 35.94
C ASN A 149 -11.09 -33.97 34.82
N LEU A 150 -11.43 -34.31 33.59
CA LEU A 150 -11.58 -33.23 32.57
C LEU A 150 -12.56 -32.11 33.02
N LYS A 151 -12.10 -30.87 33.01
CA LYS A 151 -12.98 -29.67 33.06
C LYS A 151 -13.27 -29.08 31.67
N ASN A 152 -12.26 -29.01 30.83
CA ASN A 152 -12.34 -28.36 29.52
C ASN A 152 -11.86 -29.28 28.44
N LEU A 153 -12.71 -29.58 27.46
CA LEU A 153 -12.33 -30.52 26.39
C LEU A 153 -12.59 -29.92 25.02
N TYR A 154 -11.54 -29.78 24.21
CA TYR A 154 -11.69 -29.11 22.95
C TYR A 154 -11.47 -30.10 21.82
N LEU A 155 -12.53 -30.31 21.03
CA LEU A 155 -12.53 -31.28 19.93
C LEU A 155 -12.99 -30.64 18.62
N ALA A 156 -12.90 -29.33 18.54
CA ALA A 156 -13.35 -28.60 17.36
C ALA A 156 -12.48 -28.84 16.15
N TRP A 157 -13.02 -28.57 14.96
CA TRP A 157 -12.23 -28.56 13.72
C TRP A 157 -11.56 -29.94 13.44
N ASN A 158 -12.33 -31.02 13.56
CA ASN A 158 -11.79 -32.35 13.23
C ASN A 158 -12.41 -32.97 11.97
N CYS A 159 -13.69 -32.72 11.74
CA CYS A 159 -14.43 -33.23 10.57
C CYS A 159 -15.18 -32.07 9.89
N TYR A 160 -14.48 -31.30 9.07
CA TYR A 160 -15.12 -30.18 8.37
C TYR A 160 -14.66 -30.09 6.90
N PHE A 161 -15.56 -30.32 5.94
CA PHE A 161 -15.24 -30.22 4.49
C PHE A 161 -14.01 -31.05 4.06
N ASN A 162 -13.89 -32.25 4.62
CA ASN A 162 -12.83 -33.17 4.30
C ASN A 162 -13.46 -34.44 3.78
N LYS A 163 -13.12 -34.76 2.53
CA LYS A 163 -13.68 -35.91 1.82
C LYS A 163 -13.52 -37.19 2.66
N VAL A 164 -12.44 -37.24 3.45
CA VAL A 164 -12.16 -38.36 4.37
C VAL A 164 -13.25 -38.43 5.44
N CYS A 165 -13.53 -37.28 6.02
CA CYS A 165 -14.50 -37.15 7.08
C CYS A 165 -15.87 -37.07 6.47
N GLU A 166 -16.63 -38.15 6.56
CA GLU A 166 -18.05 -38.13 6.17
C GLU A 166 -18.85 -37.49 7.29
N LYS A 167 -18.63 -38.01 8.50
CA LYS A 167 -19.37 -37.60 9.69
C LYS A 167 -18.61 -37.99 10.96
N THR A 168 -18.86 -37.26 12.06
CA THR A 168 -18.21 -37.55 13.32
C THR A 168 -19.02 -38.56 14.11
N ASN A 169 -18.35 -39.61 14.55
CA ASN A 169 -19.01 -40.62 15.29
C ASN A 169 -18.72 -40.48 16.77
N ILE A 170 -19.77 -40.18 17.53
CA ILE A 170 -19.68 -40.03 18.97
C ILE A 170 -20.32 -41.21 19.72
N GLU A 171 -19.48 -42.09 20.23
CA GLU A 171 -19.94 -43.26 20.97
C GLU A 171 -20.97 -42.86 22.03
N ASP A 172 -22.10 -43.54 22.05
CA ASP A 172 -23.18 -43.18 22.95
C ASP A 172 -22.70 -43.14 24.40
N GLY A 173 -22.81 -41.98 25.03
CA GLY A 173 -22.48 -41.81 26.44
C GLY A 173 -21.02 -41.54 26.76
N VAL A 174 -20.20 -41.33 25.73
CA VAL A 174 -18.79 -41.16 25.93
C VAL A 174 -18.50 -40.01 26.91
N PHE A 175 -19.35 -39.01 26.98
CA PHE A 175 -19.10 -37.90 27.89
C PHE A 175 -19.76 -38.07 29.22
N GLU A 176 -20.67 -39.04 29.34
CA GLU A 176 -21.53 -39.11 30.53
C GLU A 176 -20.74 -39.35 31.81
N THR A 177 -19.60 -40.00 31.68
CA THR A 177 -18.73 -40.26 32.81
C THR A 177 -17.89 -39.04 33.24
N LEU A 178 -17.84 -38.00 32.39
CA LEU A 178 -17.04 -36.80 32.66
C LEU A 178 -17.84 -35.84 33.53
N THR A 179 -17.96 -36.18 34.80
CA THR A 179 -18.92 -35.51 35.67
C THR A 179 -18.38 -34.19 36.26
N ASN A 180 -17.10 -33.86 36.00
CA ASN A 180 -16.59 -32.51 36.27
C ASN A 180 -16.48 -31.58 35.05
N LEU A 181 -17.02 -32.00 33.91
CA LEU A 181 -16.79 -31.29 32.65
C LEU A 181 -17.59 -29.99 32.55
N GLU A 182 -16.90 -28.88 32.32
CA GLU A 182 -17.52 -27.54 32.28
C GLU A 182 -17.60 -26.95 30.89
N LEU A 183 -16.57 -27.24 30.10
CA LEU A 183 -16.54 -26.79 28.74
C LEU A 183 -16.36 -27.96 27.79
N LEU A 184 -17.28 -28.07 26.83
CA LEU A 184 -17.13 -29.02 25.72
C LEU A 184 -17.26 -28.25 24.41
N SER A 185 -16.23 -28.31 23.57
CA SER A 185 -16.34 -27.75 22.24
C SER A 185 -16.25 -28.80 21.14
N LEU A 186 -17.28 -28.86 20.30
CA LEU A 186 -17.34 -29.78 19.16
C LEU A 186 -17.62 -29.05 17.87
N SER A 187 -17.49 -27.72 17.89
CA SER A 187 -17.67 -26.89 16.74
C SER A 187 -16.84 -27.31 15.55
N PHE A 188 -17.36 -27.05 14.34
CA PHE A 188 -16.64 -27.44 13.11
C PHE A 188 -16.34 -28.94 13.00
N ASN A 189 -17.43 -29.70 13.10
CA ASN A 189 -17.49 -31.13 12.90
C ASN A 189 -18.88 -31.36 12.38
N SER A 190 -19.12 -32.48 11.72
CA SER A 190 -20.47 -32.77 11.29
C SER A 190 -21.10 -33.70 12.25
N LEU A 191 -22.11 -33.24 12.97
CA LEU A 191 -22.72 -34.01 14.01
C LEU A 191 -24.15 -34.36 13.76
N SER A 192 -24.79 -33.56 12.94
CA SER A 192 -26.20 -33.70 12.61
C SER A 192 -27.17 -33.58 13.76
N HIS A 193 -26.81 -34.08 14.93
CA HIS A 193 -27.65 -33.83 16.11
C HIS A 193 -26.81 -33.70 17.36
N VAL A 194 -27.40 -33.03 18.34
CA VAL A 194 -26.79 -32.85 19.63
C VAL A 194 -26.60 -34.24 20.23
N PRO A 195 -25.39 -34.59 20.63
CA PRO A 195 -25.22 -35.91 21.16
C PRO A 195 -25.94 -36.01 22.50
N PRO A 196 -26.47 -37.20 22.80
CA PRO A 196 -27.19 -37.43 24.06
C PRO A 196 -26.22 -37.70 25.17
N LYS A 197 -26.72 -37.71 26.39
CA LYS A 197 -25.94 -38.13 27.53
C LYS A 197 -24.71 -37.24 27.75
N LEU A 198 -25.00 -35.95 27.91
CA LEU A 198 -23.99 -34.92 28.25
C LEU A 198 -24.08 -34.64 29.73
N PRO A 199 -22.93 -34.50 30.40
CA PRO A 199 -22.98 -34.36 31.84
C PRO A 199 -23.62 -33.04 32.28
N SER A 200 -24.22 -33.09 33.47
CA SER A 200 -24.93 -31.99 34.07
C SER A 200 -24.02 -30.90 34.59
N SER A 201 -22.74 -31.20 34.74
CA SER A 201 -21.71 -30.20 35.07
C SER A 201 -21.43 -29.17 33.92
N LEU A 202 -21.90 -29.43 32.70
CA LEU A 202 -21.59 -28.54 31.59
C LEU A 202 -22.04 -27.11 31.81
N ARG A 203 -21.09 -26.20 31.63
CA ARG A 203 -21.39 -24.78 31.67
C ARG A 203 -21.38 -24.12 30.28
N LYS A 204 -20.54 -24.60 29.39
CA LYS A 204 -20.37 -24.01 28.11
C LYS A 204 -20.32 -25.07 27.08
N LEU A 205 -21.22 -24.99 26.10
CA LEU A 205 -21.28 -25.99 25.07
C LEU A 205 -21.17 -25.31 23.72
N PHE A 206 -20.13 -25.65 22.99
CA PHE A 206 -19.87 -25.00 21.71
C PHE A 206 -20.23 -25.97 20.60
N LEU A 207 -21.25 -25.63 19.81
CA LEU A 207 -21.68 -26.49 18.70
C LEU A 207 -21.82 -25.70 17.43
N SER A 208 -20.85 -24.83 17.16
CA SER A 208 -20.84 -24.06 15.90
C SER A 208 -20.51 -24.88 14.68
N ASN A 209 -21.17 -24.58 13.57
CA ASN A 209 -20.88 -25.23 12.32
C ASN A 209 -20.77 -26.74 12.48
N THR A 210 -21.83 -27.35 13.03
CA THR A 210 -21.88 -28.78 13.23
C THR A 210 -23.02 -29.48 12.42
N GLN A 211 -23.69 -28.75 11.53
CA GLN A 211 -24.80 -29.32 10.72
C GLN A 211 -25.93 -29.88 11.58
N ILE A 212 -26.20 -29.19 12.68
CA ILE A 212 -27.34 -29.53 13.46
C ILE A 212 -28.45 -28.57 13.06
N LYS A 213 -29.38 -29.10 12.26
CA LYS A 213 -30.41 -28.31 11.64
C LYS A 213 -31.65 -28.26 12.48
N TYR A 214 -31.74 -29.14 13.47
CA TYR A 214 -32.95 -29.23 14.28
C TYR A 214 -32.53 -29.45 15.75
N ILE A 215 -33.18 -28.72 16.65
CA ILE A 215 -32.92 -28.80 18.06
C ILE A 215 -34.22 -29.16 18.70
N SER A 216 -34.26 -30.33 19.33
CA SER A 216 -35.47 -30.81 19.97
C SER A 216 -35.54 -30.39 21.41
N GLU A 217 -36.67 -30.71 22.02
CA GLU A 217 -36.89 -30.47 23.43
C GLU A 217 -35.93 -31.27 24.34
N GLU A 218 -35.40 -32.39 23.82
CA GLU A 218 -34.63 -33.38 24.57
C GLU A 218 -33.14 -33.08 24.59
N ASP A 219 -32.67 -32.36 23.59
CA ASP A 219 -31.25 -32.12 23.38
C ASP A 219 -30.55 -31.46 24.58
N PHE A 220 -31.16 -30.48 25.20
CA PHE A 220 -30.47 -29.76 26.29
C PHE A 220 -31.13 -29.97 27.64
N LYS A 221 -32.04 -30.93 27.71
CA LYS A 221 -32.65 -31.24 28.96
C LYS A 221 -31.52 -31.83 29.77
N GLY A 222 -31.56 -31.57 31.06
CA GLY A 222 -30.51 -31.97 31.98
C GLY A 222 -29.36 -31.01 32.16
N LEU A 223 -29.19 -30.00 31.29
CA LEU A 223 -28.04 -29.07 31.39
C LEU A 223 -28.46 -27.82 32.12
N ILE A 224 -28.88 -28.03 33.35
CA ILE A 224 -29.38 -26.98 34.21
C ILE A 224 -28.29 -26.01 34.67
N ASN A 225 -27.00 -26.36 34.54
CA ASN A 225 -25.90 -25.43 34.85
C ASN A 225 -25.37 -24.65 33.61
N LEU A 226 -25.98 -24.83 32.44
CA LEU A 226 -25.42 -24.26 31.22
C LEU A 226 -25.47 -22.72 31.19
N THR A 227 -24.30 -22.07 31.01
CA THR A 227 -24.23 -20.63 30.90
C THR A 227 -23.99 -20.14 29.49
N LEU A 228 -23.42 -20.98 28.66
CA LEU A 228 -23.19 -20.64 27.26
C LEU A 228 -23.60 -21.78 26.34
N LEU A 229 -24.29 -21.40 25.26
CA LEU A 229 -24.57 -22.29 24.16
C LEU A 229 -24.31 -21.57 22.80
N ASP A 230 -23.49 -22.19 21.98
CA ASP A 230 -23.16 -21.67 20.68
C ASP A 230 -23.66 -22.62 19.57
N LEU A 231 -24.68 -22.19 18.83
CA LEU A 231 -25.27 -22.97 17.71
C LEU A 231 -25.13 -22.22 16.38
N SER A 232 -24.16 -21.32 16.32
CA SER A 232 -23.92 -20.47 15.16
C SER A 232 -23.57 -21.36 14.00
N GLY A 233 -23.94 -20.96 12.79
CA GLY A 233 -23.43 -21.61 11.57
C GLY A 233 -24.07 -22.95 11.24
N ASN A 234 -25.24 -23.20 11.85
CA ASN A 234 -26.09 -24.32 11.50
C ASN A 234 -27.30 -23.80 10.71
N CYS A 235 -27.42 -24.23 9.46
CA CYS A 235 -28.24 -23.52 8.43
C CYS A 235 -27.65 -22.09 8.25
N PRO A 236 -26.40 -22.03 7.81
CA PRO A 236 -25.77 -20.75 7.60
C PRO A 236 -26.44 -19.87 6.58
N ARG A 237 -26.20 -18.58 6.74
CA ARG A 237 -26.43 -17.59 5.72
C ARG A 237 -25.18 -17.58 4.83
N CYS A 238 -25.25 -18.19 3.66
CA CYS A 238 -24.07 -18.38 2.82
C CYS A 238 -23.87 -17.29 1.78
N PHE A 239 -24.85 -16.40 1.63
CA PHE A 239 -24.68 -15.27 0.71
C PHE A 239 -23.35 -14.57 0.98
N ASN A 240 -22.49 -14.53 -0.02
CA ASN A 240 -21.21 -13.81 0.10
C ASN A 240 -20.30 -14.36 1.22
N ALA A 241 -20.35 -15.66 1.45
CA ALA A 241 -19.54 -16.28 2.48
C ALA A 241 -18.07 -16.44 2.00
N PRO A 242 -17.10 -16.03 2.84
CA PRO A 242 -15.68 -16.23 2.56
C PRO A 242 -15.25 -17.70 2.43
N PHE A 243 -15.77 -18.55 3.32
CA PHE A 243 -15.41 -19.98 3.39
C PHE A 243 -16.50 -20.82 2.76
N PRO A 244 -16.17 -22.06 2.39
CA PRO A 244 -17.24 -22.87 1.84
C PRO A 244 -18.40 -22.95 2.83
N CYS A 245 -19.61 -23.11 2.28
CA CYS A 245 -20.80 -22.88 3.03
C CYS A 245 -21.97 -23.59 2.38
N VAL A 246 -22.72 -24.36 3.15
CA VAL A 246 -23.78 -25.17 2.62
C VAL A 246 -25.05 -24.83 3.35
N PRO A 247 -25.95 -24.14 2.67
CA PRO A 247 -27.16 -23.81 3.39
C PRO A 247 -27.94 -25.07 3.61
N CYS A 248 -28.91 -24.98 4.48
CA CYS A 248 -29.93 -25.96 4.61
C CYS A 248 -30.79 -25.93 3.33
N ASP A 249 -31.60 -26.98 3.16
CA ASP A 249 -32.40 -27.16 1.96
C ASP A 249 -33.40 -26.03 1.84
N GLY A 250 -33.22 -25.23 0.77
CA GLY A 250 -34.05 -24.06 0.48
C GLY A 250 -33.78 -22.86 1.37
N GLY A 251 -32.53 -22.75 1.84
CA GLY A 251 -32.12 -21.71 2.82
C GLY A 251 -33.03 -21.51 4.04
N ALA A 252 -33.73 -22.58 4.42
CA ALA A 252 -34.50 -22.61 5.63
C ALA A 252 -33.62 -22.30 6.84
N SER A 253 -34.28 -21.89 7.91
CA SER A 253 -33.57 -21.54 9.12
C SER A 253 -33.27 -22.79 9.95
N ILE A 254 -32.28 -22.71 10.83
CA ILE A 254 -32.18 -23.69 11.91
C ILE A 254 -33.58 -23.81 12.51
N ASN A 255 -33.88 -25.03 12.96
CA ASN A 255 -35.19 -25.37 13.46
C ASN A 255 -35.11 -25.74 14.94
N ILE A 256 -35.61 -24.85 15.77
CA ILE A 256 -35.41 -24.96 17.19
C ILE A 256 -36.78 -25.08 17.78
N ASP A 257 -37.04 -26.23 18.37
CA ASP A 257 -38.30 -26.45 19.02
C ASP A 257 -38.58 -25.39 20.06
N ARG A 258 -39.85 -25.04 20.15
CA ARG A 258 -40.37 -24.06 21.11
C ARG A 258 -39.85 -24.23 22.52
N PHE A 259 -39.67 -25.48 22.96
CA PHE A 259 -39.26 -25.77 24.35
C PHE A 259 -37.79 -26.24 24.46
N ALA A 260 -37.02 -26.01 23.41
CA ALA A 260 -35.63 -26.42 23.38
C ALA A 260 -34.78 -25.85 24.53
N PHE A 261 -35.10 -24.66 25.03
CA PHE A 261 -34.29 -23.99 26.06
C PHE A 261 -34.98 -23.81 27.40
N GLN A 262 -36.02 -24.59 27.65
CA GLN A 262 -36.84 -24.38 28.87
C GLN A 262 -36.09 -24.63 30.19
N ASN A 263 -35.21 -25.63 30.23
CA ASN A 263 -34.47 -25.88 31.47
C ASN A 263 -33.11 -25.19 31.53
N LEU A 264 -32.77 -24.30 30.57
CA LEU A 264 -31.47 -23.63 30.55
C LEU A 264 -31.57 -22.30 31.25
N THR A 265 -31.89 -22.36 32.53
CA THR A 265 -32.26 -21.18 33.28
C THR A 265 -31.02 -20.35 33.63
N GLN A 266 -29.84 -20.94 33.56
CA GLN A 266 -28.64 -20.19 33.85
C GLN A 266 -27.97 -19.54 32.58
N LEU A 267 -28.57 -19.71 31.40
CA LEU A 267 -27.89 -19.31 30.17
C LEU A 267 -27.60 -17.83 30.13
N ARG A 268 -26.32 -17.46 29.99
CA ARG A 268 -25.88 -16.06 29.89
C ARG A 268 -25.47 -15.62 28.45
N TYR A 269 -24.99 -16.55 27.65
CA TYR A 269 -24.42 -16.30 26.32
C TYR A 269 -25.09 -17.25 25.35
N LEU A 270 -25.70 -16.68 24.31
CA LEU A 270 -26.37 -17.47 23.27
C LEU A 270 -25.98 -16.90 21.92
N ASN A 271 -25.37 -17.76 21.13
CA ASN A 271 -24.86 -17.37 19.83
C ASN A 271 -25.64 -18.13 18.76
N LEU A 272 -26.42 -17.40 17.98
CA LEU A 272 -27.25 -17.93 16.90
C LEU A 272 -26.90 -17.16 15.62
N SER A 273 -25.65 -16.73 15.48
CA SER A 273 -25.19 -16.12 14.27
C SER A 273 -25.30 -17.11 13.13
N SER A 274 -25.75 -16.65 11.98
CA SER A 274 -25.68 -17.47 10.78
C SER A 274 -26.42 -18.78 10.95
N THR A 275 -27.68 -18.69 11.37
CA THR A 275 -28.56 -19.82 11.37
C THR A 275 -29.77 -19.55 10.49
N SER A 276 -29.63 -18.57 9.59
CA SER A 276 -30.67 -18.24 8.63
C SER A 276 -32.00 -17.93 9.29
N LEU A 277 -31.99 -17.42 10.51
CA LEU A 277 -33.24 -17.05 11.17
C LEU A 277 -33.99 -15.92 10.49
N ARG A 278 -35.26 -16.14 10.25
CA ARG A 278 -36.13 -15.09 9.84
C ARG A 278 -37.04 -14.70 10.97
N LYS A 279 -37.22 -15.57 11.93
CA LYS A 279 -38.03 -15.24 13.08
C LYS A 279 -37.53 -15.83 14.36
N ILE A 280 -37.78 -15.14 15.44
CA ILE A 280 -37.31 -15.57 16.72
C ILE A 280 -38.47 -15.80 17.64
N ASN A 281 -38.55 -16.99 18.20
CA ASN A 281 -39.60 -17.38 19.08
C ASN A 281 -39.34 -16.81 20.45
N ALA A 282 -40.15 -15.85 20.88
CA ALA A 282 -40.00 -15.30 22.20
C ALA A 282 -40.09 -16.36 23.31
N ALA A 283 -40.71 -17.49 23.03
CA ALA A 283 -40.86 -18.54 24.04
C ALA A 283 -39.51 -19.17 24.36
N TRP A 284 -38.57 -19.03 23.43
CA TRP A 284 -37.20 -19.53 23.65
C TRP A 284 -36.52 -18.95 24.89
N PHE A 285 -36.91 -17.75 25.26
CA PHE A 285 -36.32 -16.99 26.38
C PHE A 285 -37.20 -16.97 27.65
N LYS A 286 -38.29 -17.74 27.62
CA LYS A 286 -39.26 -17.80 28.71
C LYS A 286 -38.55 -18.03 30.03
N ASN A 287 -37.65 -19.01 30.07
CA ASN A 287 -37.02 -19.47 31.28
C ASN A 287 -35.54 -19.08 31.36
N MET A 288 -35.19 -17.96 30.75
CA MET A 288 -33.80 -17.59 30.52
C MET A 288 -33.61 -16.15 31.00
N PRO A 289 -33.98 -15.90 32.26
CA PRO A 289 -34.03 -14.52 32.73
C PRO A 289 -32.67 -13.81 32.93
N HIS A 290 -31.58 -14.54 32.76
CA HIS A 290 -30.26 -13.96 32.97
C HIS A 290 -29.51 -13.67 31.67
N LEU A 291 -30.10 -13.93 30.52
CA LEU A 291 -29.36 -13.84 29.27
C LEU A 291 -28.72 -12.48 29.12
N LYS A 292 -27.40 -12.49 28.95
CA LYS A 292 -26.55 -11.32 28.91
C LYS A 292 -26.08 -10.89 27.50
N VAL A 293 -25.77 -11.87 26.67
CA VAL A 293 -25.12 -11.63 25.41
C VAL A 293 -25.80 -12.48 24.39
N LEU A 294 -26.30 -11.85 23.33
CA LEU A 294 -27.05 -12.58 22.28
C LEU A 294 -26.52 -12.17 20.93
N ASP A 295 -25.98 -13.13 20.18
CA ASP A 295 -25.44 -12.89 18.86
C ASP A 295 -26.41 -13.41 17.80
N LEU A 296 -26.91 -12.50 16.95
CA LEU A 296 -27.81 -12.79 15.88
C LEU A 296 -27.34 -12.19 14.53
N GLU A 297 -26.03 -12.11 14.37
CA GLU A 297 -25.36 -11.66 13.12
C GLU A 297 -25.65 -12.65 11.98
N PHE A 298 -25.61 -12.16 10.75
CA PHE A 298 -25.69 -13.00 9.58
C PHE A 298 -26.95 -13.86 9.58
N ASN A 299 -28.08 -13.23 9.85
CA ASN A 299 -29.39 -13.84 9.69
C ASN A 299 -30.24 -13.01 8.69
N TYR A 300 -31.58 -13.14 8.74
CA TYR A 300 -32.51 -12.36 7.94
C TYR A 300 -33.58 -11.69 8.78
N LEU A 301 -33.15 -10.85 9.73
CA LEU A 301 -34.03 -10.43 10.83
C LEU A 301 -34.45 -9.01 10.69
N VAL A 302 -34.35 -8.47 9.48
CA VAL A 302 -34.90 -7.12 9.22
C VAL A 302 -36.34 -6.96 9.72
N GLY A 303 -37.21 -7.93 9.39
CA GLY A 303 -38.59 -8.00 9.91
C GLY A 303 -38.68 -8.04 11.43
N GLU A 304 -38.05 -9.06 12.03
CA GLU A 304 -37.96 -9.12 13.50
C GLU A 304 -37.40 -7.89 14.16
N ILE A 305 -36.53 -7.16 13.50
CA ILE A 305 -35.97 -5.97 14.15
C ILE A 305 -37.06 -4.92 14.22
N ALA A 306 -37.93 -4.93 13.21
CA ALA A 306 -39.06 -4.00 13.17
C ALA A 306 -40.16 -4.32 14.18
N SER A 307 -40.43 -5.60 14.48
CA SER A 307 -41.55 -5.92 15.35
C SER A 307 -41.01 -6.37 16.69
N GLY A 308 -40.40 -7.55 16.70
CA GLY A 308 -39.54 -7.98 17.77
C GLY A 308 -40.16 -8.26 19.12
N ALA A 309 -41.00 -9.28 19.17
CA ALA A 309 -41.64 -9.73 20.42
C ALA A 309 -40.58 -10.20 21.37
N PHE A 310 -39.62 -10.97 20.85
CA PHE A 310 -38.57 -11.55 21.66
C PHE A 310 -37.85 -10.50 22.48
N LEU A 311 -37.89 -9.25 22.05
CA LEU A 311 -37.18 -8.20 22.76
C LEU A 311 -37.77 -7.89 24.12
N THR A 312 -39.01 -8.33 24.38
CA THR A 312 -39.67 -8.02 25.64
C THR A 312 -39.20 -9.01 26.66
N MET A 313 -38.62 -10.10 26.20
CA MET A 313 -38.12 -11.18 27.07
C MET A 313 -36.68 -11.05 27.56
N LEU A 314 -36.04 -9.89 27.42
CA LEU A 314 -34.57 -9.80 27.63
C LEU A 314 -34.18 -8.61 28.47
N PRO A 315 -34.82 -8.45 29.63
CA PRO A 315 -34.58 -7.26 30.44
C PRO A 315 -33.15 -7.22 31.01
N ARG A 316 -32.39 -8.34 30.98
CA ARG A 316 -31.01 -8.32 31.47
C ARG A 316 -29.89 -8.39 30.36
N LEU A 317 -30.30 -8.41 29.10
CA LEU A 317 -29.34 -8.48 28.01
C LEU A 317 -28.44 -7.24 28.00
N GLU A 318 -27.13 -7.45 27.92
CA GLU A 318 -26.18 -6.36 27.91
C GLU A 318 -25.57 -6.13 26.53
N ILE A 319 -25.38 -7.19 25.77
CA ILE A 319 -24.84 -7.03 24.41
C ILE A 319 -25.80 -7.72 23.41
N LEU A 320 -26.30 -6.92 22.45
CA LEU A 320 -27.02 -7.48 21.32
C LEU A 320 -26.30 -7.20 20.00
N ASP A 321 -26.08 -8.26 19.23
CA ASP A 321 -25.52 -8.13 17.94
C ASP A 321 -26.48 -8.60 16.84
N LEU A 322 -26.89 -7.66 16.00
CA LEU A 322 -27.79 -7.89 14.90
C LEU A 322 -27.17 -7.55 13.53
N SER A 323 -25.85 -7.65 13.45
CA SER A 323 -25.12 -7.14 12.32
C SER A 323 -25.30 -8.02 11.09
N PHE A 324 -25.12 -7.44 9.92
CA PHE A 324 -25.12 -8.21 8.69
C PHE A 324 -26.37 -9.05 8.48
N ASN A 325 -27.51 -8.40 8.69
CA ASN A 325 -28.80 -8.96 8.33
C ASN A 325 -29.42 -8.28 7.11
N TYR A 326 -28.57 -7.61 6.32
CA TYR A 326 -29.05 -6.85 5.16
C TYR A 326 -29.72 -7.78 4.18
N ILE A 327 -30.59 -7.18 3.38
CA ILE A 327 -31.35 -7.92 2.38
C ILE A 327 -30.70 -7.64 1.04
N LYS A 328 -30.32 -8.69 0.34
CA LYS A 328 -29.66 -8.54 -0.93
C LYS A 328 -30.49 -7.72 -1.93
N GLY A 329 -29.86 -6.77 -2.61
CA GLY A 329 -30.50 -5.96 -3.63
C GLY A 329 -31.21 -4.77 -3.07
N SER A 330 -31.21 -4.62 -1.76
CA SER A 330 -31.96 -3.56 -1.13
C SER A 330 -31.06 -2.45 -0.55
N TYR A 331 -31.51 -1.21 -0.65
CA TYR A 331 -30.86 -0.10 -0.05
C TYR A 331 -31.96 0.82 0.45
N PRO A 332 -32.75 0.35 1.41
CA PRO A 332 -33.93 1.07 1.90
C PRO A 332 -33.58 2.42 2.45
N GLN A 333 -34.52 3.36 2.33
CA GLN A 333 -34.35 4.69 2.84
C GLN A 333 -34.11 4.75 4.34
N HIS A 334 -34.80 3.88 5.08
CA HIS A 334 -34.91 4.05 6.53
C HIS A 334 -34.67 2.76 7.25
N ILE A 335 -34.19 2.87 8.48
CA ILE A 335 -34.12 1.73 9.36
C ILE A 335 -35.41 1.71 10.21
N ASN A 336 -35.96 0.53 10.40
CA ASN A 336 -37.17 0.32 11.20
C ASN A 336 -36.89 -0.46 12.51
N ILE A 337 -36.83 0.27 13.59
CA ILE A 337 -36.47 -0.22 14.92
C ILE A 337 -37.74 -0.35 15.76
N SER A 338 -38.15 -1.56 16.12
CA SER A 338 -39.24 -1.70 17.07
C SER A 338 -39.12 -0.86 18.33
N ARG A 339 -40.27 -0.46 18.83
CA ARG A 339 -40.39 0.24 20.11
C ARG A 339 -40.02 -0.69 21.26
N ASN A 340 -40.14 -1.98 21.03
CA ASN A 340 -39.71 -2.97 22.02
C ASN A 340 -38.21 -2.92 22.40
N PHE A 341 -37.36 -2.31 21.56
CA PHE A 341 -35.95 -2.14 21.96
C PHE A 341 -35.91 -1.43 23.32
N SER A 342 -36.95 -0.62 23.62
CA SER A 342 -37.02 0.10 24.89
C SER A 342 -37.12 -0.81 26.11
N LYS A 343 -37.39 -2.09 25.92
CA LYS A 343 -37.46 -3.08 27.00
C LYS A 343 -36.13 -3.72 27.34
N LEU A 344 -35.06 -3.38 26.61
CA LEU A 344 -33.73 -3.89 26.87
C LEU A 344 -33.01 -3.03 27.92
N LEU A 345 -33.55 -3.02 29.12
CA LEU A 345 -33.14 -2.07 30.16
C LEU A 345 -31.70 -2.22 30.53
N SER A 346 -31.15 -3.42 30.39
CA SER A 346 -29.74 -3.61 30.74
C SER A 346 -28.72 -3.34 29.60
N LEU A 347 -29.18 -2.91 28.43
CA LEU A 347 -28.32 -2.92 27.22
C LEU A 347 -27.15 -1.98 27.36
N ARG A 348 -25.95 -2.50 27.16
CA ARG A 348 -24.74 -1.66 27.15
C ARG A 348 -24.20 -1.38 25.72
N ALA A 349 -24.34 -2.36 24.85
CA ALA A 349 -23.78 -2.23 23.50
C ALA A 349 -24.78 -2.80 22.48
N LEU A 350 -25.11 -2.01 21.49
CA LEU A 350 -25.88 -2.51 20.35
C LEU A 350 -25.06 -2.45 19.03
N HIS A 351 -24.93 -3.62 18.39
CA HIS A 351 -24.16 -3.74 17.16
C HIS A 351 -25.15 -3.95 16.06
N LEU A 352 -25.21 -2.96 15.18
CA LEU A 352 -26.07 -2.97 14.03
C LEU A 352 -25.27 -2.68 12.76
N ARG A 353 -24.17 -3.38 12.56
CA ARG A 353 -23.41 -3.21 11.32
C ARG A 353 -24.17 -3.85 10.17
N GLY A 354 -24.02 -3.29 9.00
CA GLY A 354 -24.44 -4.00 7.79
C GLY A 354 -25.91 -4.38 7.71
N TYR A 355 -26.76 -3.48 8.22
CA TYR A 355 -28.16 -3.51 8.01
C TYR A 355 -28.40 -2.90 6.63
N VAL A 356 -27.76 -1.73 6.40
CA VAL A 356 -27.65 -1.05 5.07
C VAL A 356 -28.88 -0.25 4.79
N PHE A 357 -28.76 1.04 4.98
CA PHE A 357 -29.87 1.93 4.80
C PHE A 357 -29.35 3.33 4.63
N GLN A 358 -30.22 4.24 4.18
CA GLN A 358 -29.80 5.58 3.70
C GLN A 358 -29.84 6.72 4.64
N GLU A 359 -30.77 6.71 5.57
CA GLU A 359 -31.02 7.89 6.42
C GLU A 359 -31.37 7.44 7.84
N LEU A 360 -30.83 8.12 8.86
CA LEU A 360 -31.17 7.87 10.20
C LEU A 360 -31.78 9.13 10.78
N ARG A 361 -33.04 9.00 11.19
CA ARG A 361 -33.76 10.12 11.82
C ARG A 361 -33.77 10.00 13.33
N GLU A 362 -33.90 11.14 13.98
CA GLU A 362 -34.09 11.23 15.42
C GLU A 362 -35.07 10.17 15.94
N ASP A 363 -36.26 10.14 15.37
CA ASP A 363 -37.35 9.27 15.85
C ASP A 363 -37.04 7.76 15.68
N ASP A 364 -36.13 7.40 14.79
CA ASP A 364 -35.81 5.98 14.55
C ASP A 364 -35.14 5.39 15.77
N PHE A 365 -34.42 6.19 16.53
CA PHE A 365 -33.70 5.73 17.73
C PHE A 365 -34.33 6.14 19.06
N GLN A 366 -35.55 6.61 19.00
CA GLN A 366 -36.29 6.94 20.22
C GLN A 366 -36.31 5.78 21.25
N PRO A 367 -36.60 4.55 20.81
CA PRO A 367 -36.61 3.44 21.77
C PRO A 367 -35.34 3.24 22.60
N LEU A 368 -34.21 3.68 22.10
CA LEU A 368 -32.91 3.43 22.71
C LEU A 368 -32.52 4.57 23.61
N MET A 369 -33.18 5.70 23.45
CA MET A 369 -32.76 6.90 24.18
C MET A 369 -33.01 6.81 25.67
N GLN A 370 -33.77 5.82 26.10
CA GLN A 370 -34.09 5.63 27.50
C GLN A 370 -33.37 4.43 28.13
N LEU A 371 -32.49 3.78 27.38
CA LEU A 371 -31.75 2.72 27.96
C LEU A 371 -30.66 3.37 28.77
N PRO A 372 -30.67 3.14 30.10
CA PRO A 372 -29.76 3.90 30.97
C PRO A 372 -28.29 3.55 30.81
N ASN A 373 -27.98 2.31 30.43
CA ASN A 373 -26.60 1.91 30.37
C ASN A 373 -26.03 1.74 28.93
N LEU A 374 -26.75 2.18 27.92
CA LEU A 374 -26.33 2.02 26.52
C LEU A 374 -25.13 2.93 26.27
N SER A 375 -23.97 2.32 26.16
CA SER A 375 -22.75 3.10 26.02
C SER A 375 -22.13 2.99 24.62
N THR A 376 -22.46 1.93 23.85
CA THR A 376 -21.90 1.70 22.53
C THR A 376 -23.00 1.46 21.54
N ILE A 377 -23.04 2.31 20.51
CA ILE A 377 -23.88 2.11 19.36
C ILE A 377 -22.93 1.95 18.17
N ASN A 378 -22.99 0.80 17.54
CA ASN A 378 -22.13 0.45 16.44
C ASN A 378 -23.00 0.36 15.19
N LEU A 379 -22.86 1.35 14.32
CA LEU A 379 -23.51 1.42 13.04
C LEU A 379 -22.49 1.42 11.87
N GLY A 380 -21.38 0.72 12.03
CA GLY A 380 -20.39 0.60 10.97
C GLY A 380 -20.97 -0.03 9.69
N ILE A 381 -20.46 0.37 8.52
CA ILE A 381 -20.79 -0.34 7.30
C ILE A 381 -22.31 -0.45 7.05
N ASN A 382 -23.02 0.65 7.17
CA ASN A 382 -24.39 0.70 6.67
C ASN A 382 -24.57 1.60 5.48
N PHE A 383 -23.51 2.31 5.07
CA PHE A 383 -23.61 3.23 3.94
C PHE A 383 -24.70 4.25 4.06
N ILE A 384 -24.85 4.74 5.28
CA ILE A 384 -25.85 5.72 5.59
C ILE A 384 -25.37 7.02 4.99
N LYS A 385 -26.25 7.67 4.24
CA LYS A 385 -26.00 8.98 3.61
C LYS A 385 -26.25 10.14 4.50
N GLN A 386 -27.18 10.00 5.45
CA GLN A 386 -27.57 11.15 6.26
C GLN A 386 -28.02 10.74 7.65
N ILE A 387 -27.51 11.46 8.65
CA ILE A 387 -27.88 11.22 9.99
C ILE A 387 -28.25 12.53 10.62
N ASP A 388 -29.33 12.50 11.36
CA ASP A 388 -29.72 13.60 12.18
C ASP A 388 -28.91 13.56 13.47
N PHE A 389 -27.73 14.18 13.45
CA PHE A 389 -26.73 13.98 14.47
C PHE A 389 -27.17 14.45 15.85
N LYS A 390 -28.16 15.36 15.92
CA LYS A 390 -28.66 15.85 17.21
C LYS A 390 -29.23 14.71 18.06
N LEU A 391 -29.74 13.67 17.44
CA LEU A 391 -30.27 12.52 18.18
C LEU A 391 -29.32 11.91 19.18
N PHE A 392 -28.02 12.00 18.94
CA PHE A 392 -27.04 11.46 19.93
C PHE A 392 -26.93 12.32 21.22
N GLN A 393 -27.55 13.49 21.28
CA GLN A 393 -27.52 14.28 22.51
C GLN A 393 -28.49 13.72 23.55
N ASN A 394 -29.49 12.96 23.11
CA ASN A 394 -30.54 12.39 23.95
C ASN A 394 -30.16 11.07 24.57
N PHE A 395 -28.88 10.80 24.80
CA PHE A 395 -28.48 9.56 25.45
C PHE A 395 -27.60 9.96 26.65
N SER A 396 -27.85 9.38 27.81
CA SER A 396 -27.11 9.75 29.03
C SER A 396 -25.74 9.11 29.17
N ASN A 397 -25.56 7.91 28.64
CA ASN A 397 -24.28 7.24 28.80
C ASN A 397 -23.58 6.79 27.50
N LEU A 398 -23.91 7.37 26.34
CA LEU A 398 -23.18 7.02 25.10
C LEU A 398 -21.73 7.39 25.25
N GLU A 399 -20.83 6.41 25.15
CA GLU A 399 -19.37 6.67 25.12
C GLU A 399 -18.70 6.37 23.74
N ILE A 400 -19.31 5.50 22.93
CA ILE A 400 -18.77 5.07 21.62
C ILE A 400 -19.86 5.14 20.57
N ILE A 401 -19.71 6.09 19.65
CA ILE A 401 -20.60 6.19 18.50
C ILE A 401 -19.74 5.78 17.30
N TYR A 402 -19.95 4.58 16.76
CA TYR A 402 -19.08 4.05 15.74
C TYR A 402 -19.81 4.13 14.41
N LEU A 403 -19.32 4.99 13.53
CA LEU A 403 -19.97 5.25 12.24
C LEU A 403 -19.01 5.05 11.03
N SER A 404 -17.95 4.28 11.18
CA SER A 404 -17.10 3.98 10.05
C SER A 404 -17.90 3.42 8.87
N GLU A 405 -17.45 3.71 7.65
CA GLU A 405 -17.99 3.05 6.42
C GLU A 405 -19.45 3.34 6.28
N ASN A 406 -19.79 4.60 6.58
CA ASN A 406 -21.03 5.16 6.10
C ASN A 406 -20.71 6.17 5.01
N ARG A 407 -21.69 6.96 4.57
CA ARG A 407 -21.54 7.87 3.44
C ARG A 407 -21.98 9.26 3.86
N ILE A 408 -21.65 9.66 5.09
CA ILE A 408 -21.86 10.99 5.51
C ILE A 408 -21.01 11.93 4.64
N SER A 409 -21.61 13.10 4.31
CA SER A 409 -21.09 14.14 3.42
C SER A 409 -20.80 15.42 4.12
N PRO A 410 -20.20 16.39 3.41
CA PRO A 410 -20.02 17.70 4.00
C PRO A 410 -21.37 18.36 4.24
N LEU A 411 -21.53 18.94 5.42
CA LEU A 411 -22.81 19.50 5.83
C LEU A 411 -22.73 21.02 5.65
N VAL A 412 -23.49 21.51 4.69
CA VAL A 412 -23.52 22.92 4.34
C VAL A 412 -24.87 23.57 4.77
N PHE A 439 -8.90 -21.14 9.85
CA PHE A 439 -7.82 -20.38 10.46
C PHE A 439 -8.18 -20.23 11.93
N ASP A 440 -7.62 -19.24 12.65
CA ASP A 440 -7.53 -19.29 14.13
C ASP A 440 -8.80 -19.77 14.86
N PRO A 441 -8.75 -20.99 15.44
CA PRO A 441 -9.96 -21.60 16.04
C PRO A 441 -10.40 -20.98 17.36
N HIS A 442 -9.47 -20.41 18.13
CA HIS A 442 -9.76 -19.79 19.42
C HIS A 442 -10.13 -18.29 19.32
N SER A 443 -10.55 -17.86 18.13
CA SER A 443 -11.09 -16.53 17.94
C SER A 443 -12.55 -16.58 17.47
N ASN A 444 -13.23 -15.46 17.70
CA ASN A 444 -14.63 -15.37 17.44
C ASN A 444 -14.85 -15.20 15.96
N PHE A 445 -15.57 -16.16 15.37
CA PHE A 445 -15.75 -16.31 13.92
C PHE A 445 -16.72 -15.28 13.33
N TYR A 446 -17.71 -14.81 14.10
CA TYR A 446 -18.82 -13.92 13.59
C TYR A 446 -18.96 -12.51 14.24
N HIS A 447 -18.27 -12.30 15.35
CA HIS A 447 -18.31 -11.02 16.08
C HIS A 447 -16.87 -10.56 16.30
N PHE A 448 -16.46 -9.65 15.41
CA PHE A 448 -15.10 -9.13 15.43
C PHE A 448 -14.89 -8.38 16.74
N THR A 449 -13.80 -8.73 17.39
CA THR A 449 -13.72 -8.61 18.84
C THR A 449 -12.82 -7.46 19.36
N ARG A 450 -11.82 -7.07 18.57
CA ARG A 450 -10.96 -5.92 18.91
C ARG A 450 -11.77 -4.64 19.14
N PRO A 451 -11.22 -3.71 19.91
CA PRO A 451 -12.04 -2.54 20.19
C PRO A 451 -12.41 -1.79 18.92
N LEU A 452 -13.60 -1.21 18.96
CA LEU A 452 -14.08 -0.42 17.87
C LEU A 452 -13.22 0.78 17.67
N ILE A 453 -12.76 1.39 18.76
CA ILE A 453 -11.99 2.61 18.67
C ILE A 453 -10.75 2.39 19.47
N LYS A 454 -9.61 2.89 19.01
CA LYS A 454 -8.40 2.62 19.76
C LYS A 454 -8.59 3.07 21.22
N PRO A 455 -8.15 2.29 22.16
CA PRO A 455 -8.37 2.54 23.57
C PRO A 455 -7.76 3.85 24.00
N GLN A 456 -6.63 4.18 23.44
CA GLN A 456 -5.93 5.39 23.74
C GLN A 456 -6.74 6.61 23.39
N CYS A 457 -7.59 6.52 22.40
CA CYS A 457 -8.42 7.64 21.97
C CYS A 457 -9.66 7.65 22.82
N ALA A 458 -10.29 6.48 22.95
CA ALA A 458 -11.54 6.41 23.69
C ALA A 458 -11.32 6.77 25.18
N ALA A 459 -10.12 6.59 25.71
CA ALA A 459 -9.85 6.87 27.14
C ALA A 459 -10.05 8.33 27.46
N TYR A 460 -9.95 9.20 26.47
CA TYR A 460 -10.17 10.64 26.74
C TYR A 460 -11.62 11.02 26.96
N GLY A 461 -12.55 10.13 26.61
CA GLY A 461 -13.94 10.46 26.71
C GLY A 461 -14.72 10.04 25.49
N LYS A 462 -15.84 10.73 25.28
CA LYS A 462 -16.83 10.36 24.30
C LYS A 462 -16.16 10.33 22.90
N ALA A 463 -16.42 9.26 22.18
CA ALA A 463 -15.70 8.92 20.94
C ALA A 463 -16.69 8.77 19.78
N LEU A 464 -16.37 9.43 18.68
CA LEU A 464 -17.16 9.40 17.45
C LEU A 464 -16.22 9.00 16.31
N ASP A 465 -16.53 7.92 15.62
CA ASP A 465 -15.71 7.45 14.54
C ASP A 465 -16.47 7.58 13.21
N LEU A 466 -16.00 8.50 12.39
CA LEU A 466 -16.55 8.83 11.05
C LEU A 466 -15.48 8.56 9.93
N SER A 467 -14.58 7.65 10.20
CA SER A 467 -13.64 7.19 9.20
C SER A 467 -14.36 6.57 8.02
N LEU A 468 -13.76 6.69 6.85
CA LEU A 468 -14.24 6.01 5.65
C LEU A 468 -15.67 6.36 5.30
N ASN A 469 -16.01 7.64 5.40
CA ASN A 469 -17.25 8.20 4.96
C ASN A 469 -16.95 9.07 3.70
N SER A 470 -17.72 10.12 3.40
CA SER A 470 -17.49 10.99 2.23
C SER A 470 -17.38 12.38 2.66
N ILE A 471 -16.65 12.63 3.71
CA ILE A 471 -16.56 13.97 4.24
C ILE A 471 -15.35 14.60 3.56
N PHE A 472 -15.51 14.97 2.30
CA PHE A 472 -14.37 15.44 1.47
C PHE A 472 -13.91 16.85 1.78
N PHE A 473 -14.74 17.63 2.47
CA PHE A 473 -14.24 18.76 3.23
C PHE A 473 -15.12 18.86 4.48
N ILE A 474 -14.71 19.69 5.41
CA ILE A 474 -15.48 19.87 6.65
C ILE A 474 -16.46 20.95 6.41
N GLY A 475 -17.72 20.61 6.26
CA GLY A 475 -18.71 21.64 6.03
C GLY A 475 -18.89 22.52 7.25
N PRO A 476 -19.41 23.75 7.06
CA PRO A 476 -19.55 24.62 8.22
C PRO A 476 -20.52 24.08 9.30
N ASN A 477 -21.44 23.17 8.96
CA ASN A 477 -22.35 22.52 9.95
C ASN A 477 -21.96 21.07 10.32
N GLN A 478 -20.75 20.67 9.96
CA GLN A 478 -20.39 19.27 10.09
C GLN A 478 -20.66 18.71 11.47
N PHE A 479 -20.35 19.50 12.50
CA PHE A 479 -20.38 19.04 13.89
C PHE A 479 -21.43 19.69 14.82
N GLU A 480 -22.39 20.44 14.28
CA GLU A 480 -23.45 21.10 15.09
C GLU A 480 -24.38 20.06 15.76
N ASN A 481 -24.85 20.30 16.96
CA ASN A 481 -25.74 19.29 17.58
C ASN A 481 -25.08 17.94 17.93
N LEU A 482 -23.75 17.90 17.93
CA LEU A 482 -23.05 16.75 18.48
C LEU A 482 -22.86 17.02 19.96
N PRO A 483 -22.87 15.94 20.75
CA PRO A 483 -22.39 16.14 22.09
C PRO A 483 -20.92 16.45 22.12
N ASP A 484 -20.46 16.76 23.32
CA ASP A 484 -19.09 17.04 23.60
C ASP A 484 -18.19 15.83 23.23
N ILE A 485 -17.49 15.89 22.11
CA ILE A 485 -16.61 14.81 21.67
C ILE A 485 -15.17 15.02 22.16
N ALA A 486 -14.60 13.99 22.76
CA ALA A 486 -13.22 14.00 23.20
C ALA A 486 -12.29 13.26 22.24
N CYS A 487 -12.83 12.36 21.44
CA CYS A 487 -12.06 11.43 20.59
C CYS A 487 -12.79 11.38 19.25
N LEU A 488 -12.17 11.94 18.21
CA LEU A 488 -12.78 12.01 16.92
C LEU A 488 -11.92 11.33 15.87
N ASN A 489 -12.52 10.46 15.08
CA ASN A 489 -11.82 9.82 13.97
C ASN A 489 -12.42 10.24 12.62
N LEU A 490 -11.60 10.94 11.83
CA LEU A 490 -12.00 11.35 10.46
C LEU A 490 -11.08 10.70 9.37
N SER A 491 -10.40 9.63 9.73
CA SER A 491 -9.49 8.95 8.82
C SER A 491 -10.14 8.63 7.50
N ALA A 492 -9.39 8.85 6.41
CA ALA A 492 -9.74 8.26 5.13
C ALA A 492 -11.07 8.68 4.65
N ASN A 493 -11.27 10.00 4.57
CA ASN A 493 -12.45 10.57 3.95
C ASN A 493 -12.15 11.35 2.66
N SER A 494 -10.96 11.19 2.11
CA SER A 494 -10.53 12.04 0.96
C SER A 494 -10.67 13.50 1.31
N ASN A 495 -10.42 13.84 2.58
CA ASN A 495 -10.74 15.19 3.05
C ASN A 495 -9.61 16.16 2.71
N ALA A 496 -9.94 17.19 2.00
CA ALA A 496 -8.98 18.16 1.52
C ALA A 496 -9.17 19.51 2.13
N GLN A 497 -9.80 19.56 3.32
CA GLN A 497 -10.07 20.84 4.00
C GLN A 497 -8.83 21.72 4.16
N VAL A 498 -9.00 23.02 3.89
CA VAL A 498 -8.01 24.03 4.27
C VAL A 498 -8.28 24.45 5.71
N LEU A 499 -7.45 23.96 6.62
CA LEU A 499 -7.74 24.19 8.04
C LEU A 499 -7.30 25.59 8.37
N SER A 500 -8.21 26.33 9.01
CA SER A 500 -8.07 27.77 9.22
C SER A 500 -8.34 28.20 10.66
N GLY A 501 -8.81 27.30 11.50
CA GLY A 501 -9.03 27.63 12.88
C GLY A 501 -10.46 27.71 13.30
N THR A 502 -11.41 27.33 12.44
CA THR A 502 -12.82 27.49 12.74
C THR A 502 -13.63 26.19 12.55
N GLU A 503 -13.01 25.18 11.96
CA GLU A 503 -13.78 24.05 11.45
C GLU A 503 -14.30 23.22 12.61
N PHE A 504 -13.59 23.24 13.74
CA PHE A 504 -13.93 22.33 14.86
C PHE A 504 -14.55 23.02 16.11
N SER A 505 -15.05 24.23 15.92
CA SER A 505 -15.44 25.10 17.03
C SER A 505 -16.73 24.63 17.69
N ALA A 506 -17.54 23.84 17.00
CA ALA A 506 -18.71 23.25 17.61
C ALA A 506 -18.39 22.01 18.51
N ILE A 507 -17.16 21.52 18.47
CA ILE A 507 -16.68 20.44 19.36
C ILE A 507 -15.26 20.81 19.79
N PRO A 508 -15.15 21.91 20.53
CA PRO A 508 -13.83 22.42 20.81
C PRO A 508 -13.07 21.64 21.86
N HIS A 509 -13.63 20.59 22.45
CA HIS A 509 -12.88 19.84 23.45
C HIS A 509 -12.33 18.48 22.98
N VAL A 510 -12.13 18.33 21.66
CA VAL A 510 -11.50 17.10 21.14
C VAL A 510 -10.13 17.03 21.70
N LYS A 511 -9.76 15.86 22.26
CA LYS A 511 -8.43 15.65 22.78
C LYS A 511 -7.53 14.75 21.94
N TYR A 512 -8.14 13.83 21.20
CA TYR A 512 -7.42 12.86 20.37
C TYR A 512 -8.10 12.97 19.01
N LEU A 513 -7.36 13.48 18.02
CA LEU A 513 -7.95 13.72 16.67
C LEU A 513 -7.17 12.91 15.64
N ASP A 514 -7.86 11.97 14.99
CA ASP A 514 -7.27 11.12 13.95
C ASP A 514 -7.70 11.62 12.57
N LEU A 515 -6.75 12.22 11.86
CA LEU A 515 -6.97 12.80 10.54
C LEU A 515 -6.16 12.03 9.49
N THR A 516 -5.71 10.83 9.82
CA THR A 516 -4.86 10.04 8.94
C THR A 516 -5.51 9.78 7.58
N ASN A 517 -4.65 9.60 6.59
CA ASN A 517 -5.10 9.20 5.25
C ASN A 517 -6.05 10.17 4.63
N ASN A 518 -5.76 11.43 4.76
CA ASN A 518 -6.57 12.43 4.08
C ASN A 518 -5.67 13.33 3.20
N ARG A 519 -6.20 14.44 2.73
CA ARG A 519 -5.50 15.33 1.80
C ARG A 519 -5.49 16.75 2.35
N LEU A 520 -5.11 16.87 3.61
CA LEU A 520 -5.38 18.09 4.32
C LEU A 520 -4.35 19.14 4.08
N ASP A 521 -4.83 20.38 4.06
CA ASP A 521 -3.97 21.56 3.96
C ASP A 521 -3.89 22.17 5.36
N PHE A 522 -2.73 22.09 5.98
CA PHE A 522 -2.51 22.73 7.26
C PHE A 522 -1.39 23.76 7.15
N ASP A 523 -1.44 24.56 6.08
CA ASP A 523 -0.50 25.67 5.83
C ASP A 523 -0.75 26.93 6.68
N ASN A 524 -2.02 27.26 6.91
CA ASN A 524 -2.38 28.35 7.82
C ASN A 524 -1.87 28.06 9.29
N ALA A 525 -1.19 29.02 9.91
CA ALA A 525 -0.70 28.92 11.27
C ALA A 525 -1.83 28.76 12.26
N SER A 526 -3.07 29.07 11.88
CA SER A 526 -4.22 28.90 12.77
C SER A 526 -4.91 27.50 12.69
N ALA A 527 -4.43 26.62 11.82
CA ALA A 527 -5.01 25.30 11.63
C ALA A 527 -5.19 24.59 12.96
N LEU A 528 -6.41 24.13 13.22
CA LEU A 528 -6.71 23.34 14.40
C LEU A 528 -6.57 24.04 15.77
N THR A 529 -6.39 25.37 15.82
CA THR A 529 -6.08 26.09 17.09
C THR A 529 -7.32 26.35 17.93
N GLU A 530 -8.48 26.18 17.32
CA GLU A 530 -9.72 26.11 18.05
C GLU A 530 -9.77 24.88 18.99
N LEU A 531 -8.92 23.87 18.80
CA LEU A 531 -8.85 22.69 19.66
C LEU A 531 -7.77 22.93 20.66
N SER A 532 -8.03 23.85 21.57
CA SER A 532 -7.01 24.24 22.53
C SER A 532 -6.71 23.14 23.54
N ASP A 533 -7.60 22.16 23.68
CA ASP A 533 -7.34 21.05 24.57
C ASP A 533 -6.70 19.84 23.91
N LEU A 534 -6.37 19.93 22.62
CA LEU A 534 -5.79 18.79 21.89
C LEU A 534 -4.57 18.27 22.51
N GLU A 535 -4.57 16.94 22.72
CA GLU A 535 -3.36 16.27 23.21
C GLU A 535 -2.69 15.32 22.22
N VAL A 536 -3.47 14.67 21.39
CA VAL A 536 -2.92 13.74 20.43
C VAL A 536 -3.46 14.11 19.06
N LEU A 537 -2.55 14.29 18.08
CA LEU A 537 -2.90 14.55 16.67
C LEU A 537 -2.23 13.60 15.71
N ASP A 538 -3.01 12.86 14.92
CA ASP A 538 -2.46 11.87 14.00
C ASP A 538 -2.71 12.33 12.59
N LEU A 539 -1.63 12.66 11.88
CA LEU A 539 -1.73 13.10 10.50
C LEU A 539 -0.96 12.12 9.58
N SER A 540 -0.78 10.87 10.02
CA SER A 540 -0.14 9.86 9.21
C SER A 540 -0.75 9.84 7.80
N TYR A 541 0.12 9.69 6.79
CA TYR A 541 -0.31 9.44 5.39
C TYR A 541 -1.13 10.57 4.78
N ASN A 542 -0.88 11.79 5.21
CA ASN A 542 -1.53 12.90 4.62
C ASN A 542 -0.75 13.35 3.37
N SER A 543 -1.44 13.80 2.35
CA SER A 543 -0.79 14.17 1.11
C SER A 543 -1.67 15.18 0.43
N HIS A 544 -1.23 15.71 -0.69
CA HIS A 544 -2.03 16.74 -1.32
C HIS A 544 -3.14 16.10 -2.15
N TYR A 545 -4.27 16.80 -2.28
CA TYR A 545 -5.42 16.27 -3.07
C TYR A 545 -5.14 16.15 -4.56
N PHE A 546 -3.83 16.06 -4.88
CA PHE A 546 -3.30 15.77 -6.23
C PHE A 546 -2.29 14.62 -6.24
N ARG A 547 -1.76 14.24 -5.08
CA ARG A 547 -0.79 13.13 -4.98
C ARG A 547 0.41 13.33 -5.91
N ILE A 548 1.05 14.50 -5.77
CA ILE A 548 2.14 14.93 -6.66
C ILE A 548 3.42 15.27 -5.92
N ALA A 549 4.55 14.86 -6.50
CA ALA A 549 5.88 15.22 -5.99
C ALA A 549 6.11 16.74 -6.06
N GLY A 550 6.36 17.34 -4.89
CA GLY A 550 6.67 18.76 -4.80
C GLY A 550 6.00 19.54 -3.67
N VAL A 551 5.01 18.92 -3.05
CA VAL A 551 4.17 19.61 -2.04
C VAL A 551 5.02 20.16 -0.88
N THR A 552 4.79 21.42 -0.50
CA THR A 552 5.49 22.05 0.65
C THR A 552 4.60 22.11 1.90
N HIS A 553 5.25 22.35 3.05
CA HIS A 553 4.59 22.34 4.37
C HIS A 553 4.99 23.52 5.23
N HIS A 554 4.08 23.91 6.11
CA HIS A 554 4.28 24.99 7.06
C HIS A 554 3.75 24.38 8.37
N LEU A 555 4.58 24.35 9.40
CA LEU A 555 4.25 23.62 10.62
C LEU A 555 4.12 24.54 11.79
N GLU A 556 3.88 25.81 11.49
CA GLU A 556 3.77 26.81 12.54
C GLU A 556 2.56 26.58 13.49
N PHE A 557 1.51 25.95 13.00
CA PHE A 557 0.32 25.69 13.82
C PHE A 557 0.64 24.89 15.09
N ILE A 558 1.68 24.08 15.02
CA ILE A 558 2.05 23.25 16.17
C ILE A 558 2.26 24.07 17.44
N GLN A 559 2.90 25.21 17.31
CA GLN A 559 3.33 26.01 18.44
C GLN A 559 2.19 26.48 19.31
N ASN A 560 1.03 26.72 18.70
CA ASN A 560 -0.07 27.34 19.38
C ASN A 560 -0.64 26.51 20.58
N PHE A 561 -0.43 25.19 20.58
CA PHE A 561 -1.06 24.31 21.54
C PHE A 561 -0.21 24.16 22.78
N THR A 562 -0.83 24.38 23.93
CA THR A 562 -0.11 24.26 25.18
C THR A 562 -0.21 22.97 25.92
N ASN A 563 -1.02 22.05 25.47
CA ASN A 563 -0.91 20.73 26.05
C ASN A 563 -0.90 19.61 25.01
N LEU A 564 -0.46 19.91 23.80
CA LEU A 564 -0.30 18.87 22.76
C LEU A 564 0.85 17.99 23.12
N LYS A 565 0.59 16.68 23.21
CA LYS A 565 1.64 15.74 23.64
C LYS A 565 2.25 14.87 22.56
N VAL A 566 1.40 14.36 21.69
CA VAL A 566 1.79 13.36 20.68
C VAL A 566 1.40 13.83 19.29
N LEU A 567 2.38 13.95 18.40
CA LEU A 567 2.08 14.40 17.00
C LEU A 567 2.68 13.39 16.07
N ASN A 568 1.88 12.88 15.17
CA ASN A 568 2.34 11.87 14.24
C ASN A 568 2.26 12.43 12.81
N LEU A 569 3.43 12.71 12.25
CA LEU A 569 3.56 13.27 10.89
C LEU A 569 4.16 12.23 9.96
N SER A 570 3.92 10.95 10.24
CA SER A 570 4.53 9.89 9.48
C SER A 570 4.04 9.87 8.02
N HIS A 571 4.92 9.44 7.13
CA HIS A 571 4.64 9.37 5.69
C HIS A 571 3.89 10.56 5.14
N ASN A 572 4.32 11.76 5.53
CA ASN A 572 3.87 12.99 4.92
C ASN A 572 4.83 13.50 3.79
N ASN A 573 5.89 12.75 3.51
CA ASN A 573 6.92 13.16 2.55
C ASN A 573 7.29 14.62 2.67
N ILE A 574 7.63 15.01 3.89
CA ILE A 574 8.05 16.40 4.13
C ILE A 574 9.52 16.57 3.72
N TYR A 575 9.74 17.51 2.79
CA TYR A 575 11.11 17.80 2.31
C TYR A 575 11.51 19.28 2.39
N THR A 576 10.54 20.17 2.54
CA THR A 576 10.79 21.57 2.78
C THR A 576 9.63 22.29 3.55
N LEU A 577 10.00 23.28 4.37
CA LEU A 577 9.08 24.11 5.11
C LEU A 577 9.24 25.55 4.67
N THR A 578 8.16 26.31 4.71
CA THR A 578 8.10 27.63 4.08
C THR A 578 8.75 28.80 4.88
N ASP A 579 7.96 29.72 5.46
CA ASP A 579 8.53 30.91 6.13
C ASP A 579 9.42 30.46 7.31
N LYS A 580 8.85 29.59 8.14
CA LYS A 580 9.46 29.11 9.36
C LYS A 580 10.11 27.74 9.13
N TYR A 581 11.33 27.58 9.63
CA TYR A 581 12.06 26.32 9.45
C TYR A 581 12.21 25.52 10.71
N ASN A 582 11.55 25.96 11.78
CA ASN A 582 11.65 25.30 13.10
C ASN A 582 10.31 24.85 13.66
N LEU A 583 10.26 23.61 14.13
CA LEU A 583 9.05 23.18 14.85
C LEU A 583 9.23 23.65 16.27
N GLU A 584 8.17 24.17 16.86
CA GLU A 584 8.28 24.63 18.23
C GLU A 584 7.09 24.22 19.13
N SER A 585 7.40 23.87 20.37
CA SER A 585 6.39 23.47 21.34
C SER A 585 7.01 23.28 22.68
N LYS A 586 6.35 23.85 23.68
CA LYS A 586 6.70 23.69 25.05
C LYS A 586 6.11 22.39 25.62
N SER A 587 5.03 21.89 25.01
CA SER A 587 4.27 20.75 25.57
C SER A 587 4.67 19.37 24.97
N LEU A 588 5.15 19.31 23.73
CA LEU A 588 5.21 18.05 23.00
C LEU A 588 6.24 17.11 23.55
N VAL A 589 5.82 15.85 23.66
CA VAL A 589 6.65 14.81 24.28
C VAL A 589 7.05 13.81 23.22
N GLU A 590 6.20 13.64 22.21
CA GLU A 590 6.42 12.60 21.25
C GLU A 590 6.19 13.13 19.86
N LEU A 591 7.22 13.05 19.01
CA LEU A 591 7.05 13.36 17.56
C LEU A 591 7.38 12.14 16.72
N VAL A 592 6.44 11.72 15.88
CA VAL A 592 6.70 10.64 14.94
C VAL A 592 6.90 11.31 13.56
N PHE A 593 8.11 11.18 13.04
CA PHE A 593 8.53 11.86 11.81
C PHE A 593 9.03 10.87 10.75
N SER A 594 8.58 9.62 10.85
CA SER A 594 8.98 8.61 9.94
C SER A 594 8.45 8.89 8.57
N GLY A 595 9.16 8.38 7.57
CA GLY A 595 8.67 8.42 6.20
C GLY A 595 8.60 9.80 5.63
N ASN A 596 9.51 10.67 6.05
CA ASN A 596 9.64 11.97 5.44
C ASN A 596 11.07 12.09 4.84
N ARG A 597 11.52 13.32 4.54
CA ARG A 597 12.78 13.50 3.82
C ARG A 597 13.80 14.35 4.58
N LEU A 598 14.17 13.88 5.76
CA LEU A 598 15.19 14.59 6.53
C LEU A 598 16.55 14.55 5.83
N ASP A 599 16.74 13.56 4.97
CA ASP A 599 17.91 13.52 4.11
C ASP A 599 18.01 14.82 3.29
N ILE A 600 16.90 15.28 2.72
CA ILE A 600 16.88 16.53 1.96
C ILE A 600 16.92 17.71 2.91
N LEU A 601 16.13 17.66 3.98
CA LEU A 601 16.06 18.80 4.89
C LEU A 601 17.43 19.13 5.46
N TRP A 602 18.17 18.11 5.83
CA TRP A 602 19.48 18.28 6.42
C TRP A 602 20.68 18.31 5.44
N ASN A 603 20.45 18.18 4.15
CA ASN A 603 21.52 18.42 3.15
C ASN A 603 21.29 19.74 2.47
N ASP A 604 20.48 20.59 3.10
CA ASP A 604 20.23 21.92 2.62
C ASP A 604 21.48 22.83 2.53
N ASP A 605 21.60 23.52 1.41
CA ASP A 605 22.79 24.35 1.15
C ASP A 605 22.99 25.44 2.19
N ASP A 606 21.88 26.08 2.54
CA ASP A 606 21.83 27.12 3.52
C ASP A 606 21.77 26.64 5.00
N ASN A 607 21.84 25.34 5.28
CA ASN A 607 21.65 24.85 6.66
C ASN A 607 20.37 25.36 7.37
N ARG A 608 19.29 25.62 6.62
CA ARG A 608 18.07 26.20 7.19
C ARG A 608 17.38 25.33 8.27
N TYR A 609 17.63 24.00 8.27
CA TYR A 609 16.93 23.03 9.11
C TYR A 609 17.80 22.38 10.16
N ILE A 610 18.95 22.97 10.43
CA ILE A 610 19.85 22.36 11.35
C ILE A 610 19.27 22.42 12.74
N SER A 611 18.30 23.28 12.98
CA SER A 611 17.69 23.39 14.32
C SER A 611 16.20 22.94 14.32
N ILE A 612 15.82 22.16 13.33
CA ILE A 612 14.42 21.92 13.03
C ILE A 612 13.55 21.44 14.26
N PHE A 613 14.07 20.52 15.06
CA PHE A 613 13.38 19.99 16.22
C PHE A 613 13.84 20.57 17.55
N LYS A 614 14.90 21.39 17.55
CA LYS A 614 15.42 21.89 18.82
C LYS A 614 14.38 22.63 19.64
N GLY A 615 13.47 23.34 18.99
CA GLY A 615 12.43 24.10 19.70
C GLY A 615 11.32 23.25 20.32
N LEU A 616 11.41 21.92 20.20
CA LEU A 616 10.49 21.05 20.92
C LEU A 616 11.11 20.77 22.28
N LYS A 617 10.88 21.70 23.19
CA LYS A 617 11.69 21.80 24.39
C LYS A 617 11.48 20.65 25.39
N ASN A 618 10.31 19.98 25.33
CA ASN A 618 10.07 18.84 26.21
C ASN A 618 10.02 17.48 25.56
N LEU A 619 10.58 17.39 24.35
CA LEU A 619 10.49 16.15 23.62
C LEU A 619 11.26 15.04 24.30
N THR A 620 10.58 13.91 24.56
CA THR A 620 11.29 12.71 25.04
C THR A 620 11.36 11.53 24.08
N ARG A 621 10.48 11.48 23.09
CA ARG A 621 10.54 10.38 22.11
C ARG A 621 10.48 10.93 20.70
N LEU A 622 11.43 10.50 19.87
CA LEU A 622 11.51 11.00 18.49
C LEU A 622 11.81 9.87 17.50
N ASP A 623 10.99 9.79 16.45
CA ASP A 623 11.06 8.74 15.46
C ASP A 623 11.45 9.37 14.12
N LEU A 624 12.66 9.05 13.68
CA LEU A 624 13.20 9.56 12.42
C LEU A 624 13.54 8.38 11.53
N SER A 625 12.88 7.28 11.77
CA SER A 625 13.00 6.16 10.90
C SER A 625 12.53 6.52 9.48
N LEU A 626 12.97 5.73 8.52
CA LEU A 626 12.47 5.79 7.12
C LEU A 626 12.59 7.16 6.55
N ASN A 627 13.68 7.86 6.85
CA ASN A 627 13.91 9.18 6.27
C ASN A 627 15.11 9.16 5.27
N ARG A 628 15.52 7.98 4.84
CA ARG A 628 16.59 7.83 3.80
C ARG A 628 17.88 8.52 4.19
N LEU A 629 18.19 8.49 5.48
CA LEU A 629 19.37 9.18 5.97
C LEU A 629 20.62 8.36 5.75
N LYS A 630 21.59 9.04 5.13
CA LYS A 630 22.95 8.50 4.89
C LYS A 630 23.94 9.00 5.94
N HIS A 631 23.75 10.24 6.37
CA HIS A 631 24.68 10.89 7.25
C HIS A 631 23.93 12.06 7.88
N ILE A 632 23.92 12.15 9.20
CA ILE A 632 23.35 13.31 9.87
C ILE A 632 24.45 14.33 10.18
N PRO A 633 24.35 15.55 9.64
CA PRO A 633 25.36 16.55 10.02
C PRO A 633 25.56 16.59 11.51
N ASN A 634 26.81 16.73 11.92
CA ASN A 634 27.13 16.75 13.33
C ASN A 634 26.33 17.79 14.12
N GLU A 635 26.22 19.01 13.64
CA GLU A 635 25.52 20.05 14.39
C GLU A 635 23.99 19.88 14.32
N ALA A 636 23.51 19.14 13.34
CA ALA A 636 22.10 18.81 13.27
C ALA A 636 21.75 17.84 14.38
N PHE A 637 22.60 16.84 14.57
CA PHE A 637 22.37 15.91 15.64
C PHE A 637 22.41 16.58 17.01
N LEU A 638 23.29 17.57 17.20
CA LEU A 638 23.43 18.26 18.51
C LEU A 638 22.26 19.22 18.79
N ASN A 639 21.60 19.65 17.74
CA ASN A 639 20.37 20.43 17.86
C ASN A 639 19.07 19.64 18.09
N LEU A 640 19.14 18.33 18.24
CA LEU A 640 17.99 17.57 18.70
C LEU A 640 17.81 17.92 20.19
N PRO A 641 16.58 17.87 20.70
CA PRO A 641 16.37 18.20 22.06
C PRO A 641 17.18 17.37 23.03
N ALA A 642 17.70 18.05 24.03
CA ALA A 642 18.51 17.42 25.04
C ALA A 642 17.65 16.62 26.00
N SER A 643 16.36 16.95 26.04
CA SER A 643 15.37 16.15 26.78
C SER A 643 15.14 14.71 26.26
N LEU A 644 15.61 14.36 25.07
CA LEU A 644 15.22 13.05 24.55
C LEU A 644 15.62 11.91 25.47
N THR A 645 14.69 10.97 25.67
CA THR A 645 15.05 9.71 26.31
C THR A 645 15.05 8.54 25.30
N GLU A 646 14.41 8.73 24.15
CA GLU A 646 14.19 7.63 23.22
C GLU A 646 14.32 8.18 21.82
N LEU A 647 15.30 7.68 21.06
CA LEU A 647 15.54 8.16 19.72
C LEU A 647 15.61 7.00 18.78
N HIS A 648 14.77 7.04 17.74
CA HIS A 648 14.73 5.99 16.74
C HIS A 648 15.24 6.55 15.42
N ILE A 649 16.29 5.93 14.86
CA ILE A 649 16.78 6.29 13.52
C ILE A 649 16.96 4.99 12.72
N ASN A 650 16.14 4.01 13.03
CA ASN A 650 16.12 2.76 12.33
C ASN A 650 15.65 2.87 10.88
N ASP A 651 16.00 1.86 10.09
CA ASP A 651 15.66 1.82 8.66
C ASP A 651 15.89 3.14 7.97
N ASN A 652 17.12 3.62 8.11
CA ASN A 652 17.67 4.63 7.18
C ASN A 652 18.85 3.93 6.45
N MET A 653 19.89 4.66 6.09
CA MET A 653 21.08 4.09 5.42
C MET A 653 22.32 4.68 6.00
N LEU A 654 22.37 4.71 7.33
CA LEU A 654 23.50 5.34 8.00
C LEU A 654 24.79 4.53 7.78
N LYS A 655 25.74 5.17 7.12
CA LYS A 655 27.11 4.73 7.04
C LYS A 655 27.91 4.90 8.30
N PHE A 656 27.78 6.05 8.94
CA PHE A 656 28.54 6.29 10.13
C PHE A 656 27.70 6.92 11.24
N PHE A 657 28.07 6.70 12.49
CA PHE A 657 27.50 7.38 13.63
C PHE A 657 28.55 8.02 14.54
N ASN A 658 28.38 9.29 14.82
CA ASN A 658 29.26 9.97 15.72
C ASN A 658 28.89 9.77 17.19
N TRP A 659 29.38 8.66 17.70
CA TRP A 659 29.15 8.31 19.09
C TRP A 659 29.49 9.39 20.08
N THR A 660 30.44 10.28 19.76
CA THR A 660 30.87 11.26 20.76
C THR A 660 29.73 12.21 21.13
N LEU A 661 28.81 12.43 20.18
CA LEU A 661 27.70 13.38 20.38
C LEU A 661 26.64 12.95 21.42
N LEU A 662 26.65 11.68 21.80
CA LEU A 662 25.75 11.25 22.89
C LEU A 662 26.00 12.02 24.21
N GLN A 663 27.15 12.71 24.30
CA GLN A 663 27.44 13.61 25.42
C GLN A 663 26.41 14.70 25.58
N GLN A 664 25.82 15.18 24.49
CA GLN A 664 24.84 16.28 24.57
C GLN A 664 23.45 15.73 25.01
N PHE A 665 23.34 14.44 25.33
CA PHE A 665 22.03 13.85 25.64
C PHE A 665 22.06 13.09 26.93
N PRO A 666 22.05 13.84 28.02
CA PRO A 666 22.27 13.26 29.33
C PRO A 666 21.09 12.45 29.84
N ARG A 667 19.93 12.55 29.19
CA ARG A 667 18.80 11.69 29.58
C ARG A 667 18.52 10.48 28.65
N LEU A 668 19.36 10.25 27.63
CA LEU A 668 19.07 9.23 26.60
C LEU A 668 19.17 7.82 27.15
N GLU A 669 18.07 7.07 27.03
CA GLU A 669 18.04 5.70 27.55
C GLU A 669 18.01 4.68 26.46
N LEU A 670 17.43 5.05 25.32
CA LEU A 670 17.18 4.10 24.25
C LEU A 670 17.60 4.75 22.93
N LEU A 671 18.50 4.07 22.21
CA LEU A 671 18.97 4.52 20.92
C LEU A 671 18.79 3.36 19.95
N ASP A 672 18.01 3.61 18.89
CA ASP A 672 17.63 2.58 17.97
C ASP A 672 18.18 2.96 16.58
N LEU A 673 19.12 2.13 16.12
CA LEU A 673 19.82 2.29 14.86
C LEU A 673 19.78 1.03 14.02
N ARG A 674 18.84 0.13 14.32
CA ARG A 674 18.55 -1.02 13.50
C ARG A 674 18.37 -0.72 12.03
N GLY A 675 18.70 -1.69 11.19
CA GLY A 675 18.42 -1.55 9.73
C GLY A 675 19.12 -0.40 9.04
N ASN A 676 20.40 -0.20 9.35
CA ASN A 676 21.22 0.80 8.63
C ASN A 676 22.42 0.13 7.98
N LYS A 677 23.52 0.86 7.76
CA LYS A 677 24.73 0.30 7.12
C LYS A 677 25.98 0.60 7.91
N LEU A 678 25.91 0.49 9.22
CA LEU A 678 27.01 0.94 10.07
C LEU A 678 28.10 -0.13 10.18
N LEU A 679 29.34 0.35 10.20
CA LEU A 679 30.53 -0.48 10.11
C LEU A 679 31.28 -0.59 11.41
N PHE A 680 31.29 0.49 12.19
CA PHE A 680 32.13 0.47 13.39
C PHE A 680 31.44 1.06 14.63
N LEU A 681 31.86 0.54 15.78
CA LEU A 681 31.44 1.02 17.08
C LEU A 681 32.59 1.72 17.75
N THR A 682 32.34 2.86 18.40
CA THR A 682 33.36 3.51 19.22
C THR A 682 33.88 2.52 20.25
N ASP A 683 35.14 2.69 20.63
CA ASP A 683 35.77 1.80 21.61
C ASP A 683 35.59 2.31 23.04
N SER A 684 35.16 3.55 23.19
CA SER A 684 35.03 4.15 24.50
C SER A 684 33.62 4.77 24.70
N LEU A 685 32.61 3.91 24.74
CA LEU A 685 31.20 4.39 24.83
C LEU A 685 30.87 5.05 26.16
N SER A 686 31.40 4.49 27.24
CA SER A 686 31.18 4.99 28.61
C SER A 686 31.70 6.39 28.78
N ASP A 687 32.62 6.83 27.93
CA ASP A 687 33.02 8.24 27.90
C ASP A 687 31.93 9.16 27.41
N PHE A 688 30.96 8.63 26.68
CA PHE A 688 29.98 9.50 26.04
C PHE A 688 28.60 9.46 26.67
N THR A 689 28.31 8.43 27.46
CA THR A 689 27.02 8.36 28.12
C THR A 689 27.12 7.52 29.37
N SER A 690 26.41 7.94 30.39
CA SER A 690 26.16 7.11 31.55
C SER A 690 24.66 6.85 31.68
N SER A 691 23.86 7.28 30.70
CA SER A 691 22.39 7.14 30.72
C SER A 691 21.84 6.02 29.85
N LEU A 692 22.56 5.69 28.76
CA LEU A 692 22.03 4.75 27.78
C LEU A 692 21.82 3.34 28.35
N ARG A 693 20.59 2.85 28.26
CA ARG A 693 20.24 1.53 28.75
C ARG A 693 20.05 0.54 27.63
N THR A 694 19.49 1.00 26.51
CA THR A 694 19.08 0.08 25.43
C THR A 694 19.63 0.58 24.13
N LEU A 695 20.45 -0.24 23.50
CA LEU A 695 21.12 0.14 22.24
C LEU A 695 20.86 -0.95 21.23
N LEU A 696 20.14 -0.58 20.17
CA LEU A 696 19.71 -1.54 19.18
C LEU A 696 20.48 -1.29 17.86
N LEU A 697 21.22 -2.30 17.43
CA LEU A 697 22.13 -2.21 16.27
C LEU A 697 21.92 -3.33 15.27
N SER A 698 20.86 -4.11 15.39
CA SER A 698 20.68 -5.21 14.49
C SER A 698 20.54 -4.74 13.06
N HIS A 699 20.74 -5.67 12.13
CA HIS A 699 20.73 -5.34 10.69
C HIS A 699 21.62 -4.14 10.31
N ASN A 700 22.88 -4.22 10.75
CA ASN A 700 23.94 -3.31 10.26
C ASN A 700 25.13 -4.12 9.68
N ARG A 701 26.32 -3.53 9.57
CA ARG A 701 27.44 -4.22 8.93
C ARG A 701 28.65 -4.27 9.83
N ILE A 702 28.39 -4.54 11.09
CA ILE A 702 29.43 -4.54 12.07
C ILE A 702 30.08 -5.91 12.07
N SER A 703 31.40 -5.88 11.88
CA SER A 703 32.22 -7.08 11.88
C SER A 703 33.20 -7.11 13.04
N HIS A 704 33.32 -6.02 13.80
CA HIS A 704 34.28 -6.00 14.89
C HIS A 704 33.76 -5.26 16.13
N LEU A 705 33.83 -5.96 17.26
CA LEU A 705 33.61 -5.35 18.58
C LEU A 705 34.90 -4.89 19.24
N PRO A 706 34.99 -3.60 19.56
CA PRO A 706 36.19 -3.07 20.17
C PRO A 706 36.62 -3.73 21.47
N SER A 707 37.95 -3.80 21.65
CA SER A 707 38.58 -3.94 22.97
C SER A 707 37.95 -2.98 23.97
N GLY A 708 37.27 -3.55 24.96
CA GLY A 708 36.53 -2.77 25.91
C GLY A 708 35.46 -1.95 25.23
N PHE A 709 34.68 -2.57 24.35
CA PHE A 709 33.38 -2.00 23.98
C PHE A 709 32.49 -2.08 25.22
N LEU A 710 32.29 -3.30 25.68
CA LEU A 710 31.45 -3.58 26.85
C LEU A 710 32.29 -3.47 28.14
N SER A 711 33.32 -2.64 28.06
CA SER A 711 34.01 -2.12 29.23
C SER A 711 34.39 -0.65 28.98
N GLU A 712 33.89 0.24 29.81
CA GLU A 712 32.94 -0.12 30.85
C GLU A 712 31.55 -0.32 30.28
N VAL A 713 31.19 0.47 29.27
CA VAL A 713 29.79 0.58 28.79
C VAL A 713 28.83 0.98 29.92
N SER A 714 28.93 0.27 31.06
CA SER A 714 28.35 0.67 32.35
C SER A 714 26.84 0.67 32.33
N SER A 715 26.30 1.69 31.69
CA SER A 715 24.88 1.99 31.71
C SER A 715 24.01 0.92 31.04
N LEU A 716 24.56 0.18 30.06
CA LEU A 716 23.73 -0.64 29.21
C LEU A 716 23.14 -1.77 29.94
N LYS A 717 21.85 -1.98 29.69
CA LYS A 717 21.19 -3.21 30.07
C LYS A 717 20.95 -4.10 28.86
N HIS A 718 20.63 -3.51 27.71
CA HIS A 718 20.19 -4.30 26.56
C HIS A 718 20.99 -3.88 25.34
N LEU A 719 21.73 -4.84 24.75
CA LEU A 719 22.54 -4.58 23.55
C LEU A 719 22.11 -5.48 22.44
N ASP A 720 21.69 -4.93 21.31
CA ASP A 720 21.25 -5.80 20.23
C ASP A 720 22.15 -5.71 19.01
N LEU A 721 22.93 -6.79 18.78
CA LEU A 721 23.91 -6.85 17.70
C LEU A 721 23.57 -7.97 16.73
N SER A 722 22.36 -8.51 16.83
CA SER A 722 21.84 -9.49 15.87
C SER A 722 21.96 -9.04 14.41
N SER A 723 21.94 -10.01 13.51
CA SER A 723 22.09 -9.74 12.09
C SER A 723 23.10 -8.65 11.75
N ASN A 724 24.30 -8.78 12.31
CA ASN A 724 25.45 -8.02 11.81
C ASN A 724 26.45 -9.00 11.14
N LEU A 725 27.73 -8.63 11.04
CA LEU A 725 28.71 -9.43 10.31
C LEU A 725 29.83 -9.89 11.22
N LEU A 726 29.52 -10.17 12.48
CA LEU A 726 30.53 -10.64 13.43
C LEU A 726 30.87 -12.11 13.16
N LYS A 727 32.17 -12.41 13.04
CA LYS A 727 32.63 -13.81 12.97
C LYS A 727 32.99 -14.33 14.35
N THR A 728 33.38 -13.45 15.24
CA THR A 728 33.81 -13.87 16.54
C THR A 728 33.73 -12.70 17.51
N ILE A 729 33.90 -12.99 18.81
CA ILE A 729 34.09 -11.93 19.79
C ILE A 729 35.42 -12.12 20.56
N ASN A 730 36.11 -11.01 20.83
CA ASN A 730 37.47 -11.03 21.40
C ASN A 730 37.50 -11.35 22.88
N LYS A 731 38.70 -11.65 23.35
CA LYS A 731 38.99 -11.63 24.76
C LYS A 731 38.92 -10.17 25.21
N SER A 732 39.54 -9.27 24.46
CA SER A 732 39.64 -7.85 24.81
C SER A 732 38.32 -7.04 24.69
N ALA A 733 37.43 -7.44 23.77
CA ALA A 733 36.14 -6.79 23.61
C ALA A 733 35.30 -7.11 24.82
N LEU A 734 35.50 -8.32 25.31
CA LEU A 734 35.16 -8.70 26.68
C LEU A 734 36.24 -8.13 27.57
N GLU A 735 35.85 -7.56 28.69
CA GLU A 735 36.79 -7.09 29.67
C GLU A 735 36.48 -7.61 31.05
N THR A 736 36.02 -6.73 31.91
CA THR A 736 36.07 -6.98 33.35
C THR A 736 37.57 -6.80 33.72
N LYS A 737 37.93 -6.02 34.75
CA LYS A 737 37.35 -5.89 36.10
C LYS A 737 35.92 -5.38 36.27
N THR A 738 35.63 -4.27 35.60
CA THR A 738 34.27 -3.85 35.32
C THR A 738 33.46 -3.82 36.63
N THR A 739 32.25 -4.37 36.74
CA THR A 739 31.57 -5.26 35.83
C THR A 739 30.38 -4.60 35.17
N THR A 740 29.99 -5.12 34.01
CA THR A 740 28.83 -4.63 33.28
C THR A 740 27.51 -4.88 34.00
N LYS A 741 26.65 -3.89 33.95
CA LYS A 741 25.26 -4.01 34.40
C LYS A 741 24.36 -4.57 33.27
N LEU A 742 24.95 -5.29 32.30
CA LEU A 742 24.22 -5.82 31.15
C LEU A 742 23.33 -6.94 31.55
N SER A 743 22.11 -7.01 31.00
CA SER A 743 21.24 -8.17 31.21
C SER A 743 20.63 -8.81 29.93
N MET A 744 20.75 -8.18 28.76
CA MET A 744 20.39 -8.88 27.52
C MET A 744 21.36 -8.57 26.40
N LEU A 745 21.74 -9.60 25.65
CA LEU A 745 22.72 -9.45 24.58
C LEU A 745 22.24 -10.30 23.46
N GLU A 746 21.95 -9.68 22.32
CA GLU A 746 21.35 -10.36 21.20
C GLU A 746 22.40 -10.50 20.11
N LEU A 747 22.58 -11.74 19.62
CA LEU A 747 23.67 -12.08 18.67
C LEU A 747 23.26 -12.91 17.46
N HIS A 748 22.06 -13.48 17.49
CA HIS A 748 21.56 -14.32 16.40
C HIS A 748 21.74 -13.69 15.04
N GLY A 749 22.02 -14.52 14.03
CA GLY A 749 22.13 -14.05 12.65
C GLY A 749 23.47 -13.41 12.26
N ASN A 750 24.49 -13.60 13.10
CA ASN A 750 25.86 -13.28 12.72
C ASN A 750 26.62 -14.52 12.22
N PRO A 751 27.48 -14.34 11.20
CA PRO A 751 28.19 -15.46 10.56
C PRO A 751 29.37 -15.93 11.39
N PHE A 752 29.12 -16.62 12.50
CA PHE A 752 30.19 -16.97 13.42
C PHE A 752 31.14 -18.04 12.86
N GLU A 753 32.44 -17.82 13.11
CA GLU A 753 33.49 -18.79 12.79
C GLU A 753 33.67 -19.72 13.98
N CYS A 754 33.25 -20.97 13.87
CA CYS A 754 33.36 -21.91 14.97
C CYS A 754 34.64 -22.75 14.82
N THR A 755 35.78 -22.06 15.06
CA THR A 755 37.07 -22.67 15.32
C THR A 755 37.28 -22.63 16.84
N CYS A 756 38.53 -22.78 17.31
CA CYS A 756 38.84 -22.64 18.73
C CYS A 756 38.98 -21.15 19.17
N ASP A 757 38.99 -20.22 18.21
CA ASP A 757 39.03 -18.78 18.52
C ASP A 757 37.80 -18.29 19.30
N ILE A 758 36.66 -18.94 19.05
CA ILE A 758 35.40 -18.62 19.72
C ILE A 758 35.27 -19.22 21.12
N GLY A 759 36.18 -20.11 21.50
CA GLY A 759 36.19 -20.72 22.82
C GLY A 759 36.20 -19.69 23.93
N ASP A 760 36.85 -18.55 23.68
CA ASP A 760 36.87 -17.44 24.64
C ASP A 760 35.47 -16.98 24.96
N PHE A 761 34.67 -16.76 23.91
CA PHE A 761 33.30 -16.27 24.08
C PHE A 761 32.44 -17.28 24.82
N ARG A 762 32.53 -18.53 24.41
CA ARG A 762 31.81 -19.63 25.04
C ARG A 762 32.01 -19.73 26.56
N ARG A 763 33.24 -19.47 27.04
CA ARG A 763 33.50 -19.54 28.47
C ARG A 763 32.91 -18.32 29.15
N TRP A 764 33.10 -17.14 28.56
CA TRP A 764 32.49 -15.91 29.06
C TRP A 764 30.98 -16.07 29.20
N MET A 765 30.35 -16.81 28.28
CA MET A 765 28.93 -17.09 28.38
C MET A 765 28.63 -17.85 29.66
N ASP A 766 29.37 -18.92 29.93
CA ASP A 766 29.12 -19.65 31.17
C ASP A 766 29.50 -18.89 32.46
N GLU A 767 30.44 -17.96 32.37
CA GLU A 767 30.87 -17.12 33.52
C GLU A 767 29.92 -15.95 33.78
N HIS A 768 28.91 -15.78 32.93
CA HIS A 768 27.92 -14.71 33.09
C HIS A 768 26.57 -15.29 32.72
N LEU A 769 26.10 -16.20 33.55
CA LEU A 769 24.79 -16.79 33.38
C LEU A 769 23.68 -15.74 33.41
N ASN A 770 23.92 -14.62 34.09
CA ASN A 770 22.92 -13.55 34.23
C ASN A 770 22.60 -12.72 32.97
N VAL A 771 23.52 -12.75 32.01
CA VAL A 771 23.38 -12.02 30.76
C VAL A 771 22.60 -12.93 29.86
N LYS A 772 21.35 -12.58 29.59
CA LYS A 772 20.48 -13.45 28.80
C LYS A 772 20.88 -13.31 27.34
N ILE A 773 20.88 -14.44 26.62
CA ILE A 773 21.06 -14.43 25.20
C ILE A 773 19.93 -15.22 24.59
N PRO A 774 19.01 -14.52 23.93
CA PRO A 774 17.80 -15.19 23.43
C PRO A 774 18.12 -15.93 22.17
N ARG A 775 17.22 -16.82 21.76
CA ARG A 775 17.29 -17.43 20.46
C ARG A 775 18.66 -18.05 20.18
N LEU A 776 19.15 -18.83 21.13
CA LEU A 776 20.45 -19.49 21.00
C LEU A 776 20.51 -20.38 19.77
N VAL A 777 19.43 -21.08 19.51
CA VAL A 777 19.25 -21.90 18.32
C VAL A 777 19.54 -21.13 17.03
N ASP A 778 19.41 -19.82 17.05
CA ASP A 778 19.68 -19.02 15.86
C ASP A 778 21.02 -18.29 15.88
N VAL A 779 21.82 -18.52 16.91
CA VAL A 779 23.20 -18.03 16.97
C VAL A 779 24.08 -19.13 16.37
N ILE A 780 24.35 -18.99 15.07
CA ILE A 780 24.72 -20.09 14.17
C ILE A 780 26.10 -19.92 13.56
N CYS A 781 26.96 -20.92 13.73
CA CYS A 781 28.21 -21.04 12.97
C CYS A 781 27.91 -20.96 11.47
N ALA A 782 28.57 -20.06 10.74
CA ALA A 782 28.52 -20.08 9.26
C ALA A 782 29.73 -20.81 8.62
N SER A 783 30.72 -21.14 9.44
CA SER A 783 32.00 -21.73 9.03
C SER A 783 32.62 -22.33 10.31
N PRO A 784 33.60 -23.23 10.19
CA PRO A 784 33.96 -23.88 8.94
C PRO A 784 32.88 -24.89 8.52
N GLY A 785 32.97 -25.38 7.29
CA GLY A 785 31.96 -26.24 6.65
C GLY A 785 31.29 -27.28 7.52
N ASP A 786 32.10 -28.01 8.29
CA ASP A 786 31.59 -29.10 9.14
C ASP A 786 30.77 -28.60 10.35
N GLN A 787 30.98 -27.33 10.70
CA GLN A 787 30.20 -26.66 11.74
C GLN A 787 29.01 -25.90 11.15
N ARG A 788 29.16 -25.44 9.90
CA ARG A 788 28.15 -24.59 9.29
C ARG A 788 26.74 -25.06 9.61
N GLY A 789 25.94 -24.16 10.18
CA GLY A 789 24.54 -24.44 10.45
C GLY A 789 24.22 -24.90 11.86
N LYS A 790 25.22 -25.20 12.68
CA LYS A 790 24.91 -25.58 14.07
C LYS A 790 25.03 -24.41 15.01
N SER A 791 24.44 -24.57 16.19
CA SER A 791 24.46 -23.51 17.18
C SER A 791 25.81 -23.47 17.82
N ILE A 792 26.30 -22.28 18.12
CA ILE A 792 27.64 -22.14 18.71
C ILE A 792 27.72 -22.81 20.08
N VAL A 793 26.58 -23.06 20.68
CA VAL A 793 26.56 -23.62 21.99
C VAL A 793 26.87 -25.13 21.96
N SER A 794 26.67 -25.81 20.83
CA SER A 794 26.97 -27.25 20.68
C SER A 794 28.40 -27.46 20.14
N LEU A 795 29.38 -27.45 21.03
CA LEU A 795 30.78 -27.51 20.65
C LEU A 795 31.58 -28.12 21.81
N GLU A 796 32.84 -28.50 21.56
CA GLU A 796 33.70 -29.04 22.62
C GLU A 796 34.73 -28.02 23.09
N ARG B 10 34.36 -0.96 -29.80
CA ARG B 10 33.29 -0.88 -28.75
C ARG B 10 33.36 0.42 -27.99
N SER B 11 32.36 1.25 -28.21
CA SER B 11 32.34 2.52 -27.57
C SER B 11 32.41 2.37 -26.06
N TYR B 12 33.16 3.27 -25.45
CA TYR B 12 33.18 3.36 -24.00
C TYR B 12 33.62 4.79 -23.66
N PRO B 13 32.99 5.43 -22.67
CA PRO B 13 31.97 4.86 -21.82
C PRO B 13 30.56 4.91 -22.40
N CYS B 14 30.38 5.61 -23.53
CA CYS B 14 29.06 5.82 -24.10
C CYS B 14 28.60 4.60 -24.85
N ASP B 15 27.30 4.46 -24.98
CA ASP B 15 26.69 3.50 -25.89
C ASP B 15 26.43 4.29 -27.14
N GLU B 16 27.12 3.93 -28.20
CA GLU B 16 26.97 4.61 -29.47
C GLU B 16 26.16 3.70 -30.40
N LYS B 17 25.04 4.21 -30.93
CA LYS B 17 24.22 3.48 -31.91
C LYS B 17 23.90 4.41 -33.06
N LYS B 18 24.03 3.94 -34.29
CA LYS B 18 23.52 4.67 -35.47
C LYS B 18 22.02 4.42 -35.52
N GLN B 19 21.28 5.48 -35.84
CA GLN B 19 19.89 5.37 -36.16
C GLN B 19 19.51 6.41 -37.19
N ASN B 20 18.89 5.95 -38.27
CA ASN B 20 18.59 6.80 -39.39
C ASN B 20 19.92 7.38 -39.86
N ASP B 21 19.92 8.63 -40.25
CA ASP B 21 21.13 9.31 -40.62
C ASP B 21 22.08 9.42 -39.44
N SER B 22 21.49 9.69 -38.29
CA SER B 22 22.21 10.05 -37.07
C SER B 22 23.08 8.93 -36.53
N VAL B 23 24.01 9.31 -35.67
CA VAL B 23 24.58 8.35 -34.74
C VAL B 23 24.60 8.99 -33.35
N ILE B 24 23.89 8.33 -32.46
CA ILE B 24 23.73 8.76 -31.09
C ILE B 24 24.98 8.39 -30.31
N ALA B 25 25.18 9.07 -29.20
CA ALA B 25 26.01 8.56 -28.10
C ALA B 25 25.22 8.76 -26.80
N GLU B 26 24.73 7.67 -26.19
CA GLU B 26 24.02 7.78 -24.91
C GLU B 26 25.06 7.72 -23.84
N CYS B 27 25.20 8.77 -23.05
CA CYS B 27 26.29 8.83 -22.11
C CYS B 27 25.84 9.43 -20.78
N SER B 28 24.57 9.19 -20.44
CA SER B 28 23.99 9.80 -19.24
C SER B 28 24.10 8.90 -18.02
N ASN B 29 23.94 9.48 -16.85
CA ASN B 29 23.87 8.71 -15.60
C ASN B 29 24.99 7.67 -15.43
N ARG B 30 26.21 8.09 -15.76
CA ARG B 30 27.38 7.22 -15.80
C ARG B 30 28.49 7.65 -14.81
N ARG B 31 28.17 8.51 -13.85
CA ARG B 31 29.16 9.00 -12.89
C ARG B 31 30.43 9.53 -13.57
N LEU B 32 30.28 10.29 -14.66
CA LEU B 32 31.43 10.82 -15.37
C LEU B 32 31.84 12.15 -14.80
N GLN B 33 33.13 12.30 -14.57
CA GLN B 33 33.63 13.52 -13.93
C GLN B 33 34.11 14.52 -14.99
N GLU B 34 34.23 14.09 -16.23
CA GLU B 34 34.57 14.96 -17.34
C GLU B 34 34.08 14.38 -18.68
N VAL B 35 34.10 15.24 -19.70
CA VAL B 35 33.69 14.89 -21.03
C VAL B 35 34.73 13.94 -21.57
N PRO B 36 34.32 12.71 -21.90
CA PRO B 36 35.32 11.79 -22.46
C PRO B 36 35.89 12.30 -23.78
N GLN B 37 37.17 12.00 -24.05
CA GLN B 37 37.81 12.34 -25.32
C GLN B 37 37.81 11.08 -26.21
N THR B 38 37.06 10.08 -25.74
CA THR B 38 37.04 8.74 -26.28
C THR B 38 35.70 8.54 -26.98
N VAL B 39 35.21 9.56 -27.67
CA VAL B 39 33.91 9.47 -28.30
C VAL B 39 34.15 9.39 -29.80
N GLY B 40 33.41 8.49 -30.47
CA GLY B 40 33.59 8.29 -31.91
C GLY B 40 33.47 9.60 -32.66
N LYS B 41 34.32 9.83 -33.67
CA LYS B 41 34.32 11.07 -34.43
C LYS B 41 33.01 11.29 -35.17
N TYR B 42 32.33 10.18 -35.48
CA TYR B 42 31.11 10.23 -36.26
C TYR B 42 29.86 10.55 -35.45
N VAL B 43 29.96 10.63 -34.12
CA VAL B 43 28.80 10.87 -33.26
C VAL B 43 28.24 12.24 -33.51
N THR B 44 26.90 12.35 -33.57
CA THR B 44 26.23 13.64 -33.86
C THR B 44 25.32 14.13 -32.75
N GLU B 45 24.72 13.24 -31.97
CA GLU B 45 24.03 13.63 -30.76
C GLU B 45 24.83 13.07 -29.62
N LEU B 46 25.04 13.86 -28.58
CA LEU B 46 25.78 13.40 -27.39
C LEU B 46 24.99 13.75 -26.16
N ASP B 47 24.51 12.75 -25.46
CA ASP B 47 23.76 12.94 -24.24
C ASP B 47 24.65 12.64 -23.03
N LEU B 48 25.05 13.70 -22.32
CA LEU B 48 25.94 13.60 -21.15
C LEU B 48 25.25 13.96 -19.86
N SER B 49 23.92 13.98 -19.90
CA SER B 49 23.10 14.46 -18.81
C SER B 49 23.27 13.61 -17.57
N ASP B 50 22.99 14.19 -16.42
CA ASP B 50 22.96 13.43 -15.16
C ASP B 50 24.31 12.73 -14.88
N ASN B 51 25.39 13.51 -14.89
CA ASN B 51 26.73 13.04 -14.56
C ASN B 51 27.37 13.91 -13.45
N PHE B 52 28.70 13.84 -13.32
CA PHE B 52 29.44 14.63 -12.32
C PHE B 52 30.39 15.64 -12.98
N ILE B 53 30.04 16.10 -14.17
CA ILE B 53 30.92 17.00 -14.91
C ILE B 53 30.88 18.41 -14.31
N THR B 54 32.08 18.97 -14.07
CA THR B 54 32.25 20.32 -13.45
C THR B 54 32.76 21.41 -14.41
N HIS B 55 33.44 21.05 -15.49
CA HIS B 55 34.01 22.07 -16.39
C HIS B 55 33.83 21.77 -17.87
N ILE B 56 33.56 22.80 -18.64
CA ILE B 56 33.59 22.66 -20.10
C ILE B 56 34.55 23.74 -20.65
N THR B 57 35.57 23.27 -21.36
CA THR B 57 36.55 24.11 -22.04
C THR B 57 36.39 23.89 -23.56
N ASN B 58 37.20 24.62 -24.32
CA ASN B 58 37.75 24.13 -25.58
C ASN B 58 39.16 24.02 -25.06
N GLU B 59 39.71 22.82 -24.88
CA GLU B 59 39.59 21.60 -25.72
C GLU B 59 38.37 20.64 -25.54
N SER B 60 37.49 20.85 -24.55
CA SER B 60 36.53 19.76 -24.18
C SER B 60 35.67 19.16 -25.32
N PHE B 61 35.45 19.92 -26.40
CA PHE B 61 34.97 19.36 -27.67
C PHE B 61 36.00 19.81 -28.72
N GLN B 62 36.83 18.85 -29.16
CA GLN B 62 37.92 19.08 -30.09
C GLN B 62 37.78 18.09 -31.22
N GLY B 63 37.89 18.57 -32.45
CA GLY B 63 37.76 17.67 -33.58
C GLY B 63 36.46 16.89 -33.54
N LEU B 64 35.36 17.55 -33.15
CA LEU B 64 34.03 16.93 -33.14
C LEU B 64 33.06 17.82 -33.88
N GLN B 65 33.44 18.26 -35.08
CA GLN B 65 32.61 19.15 -35.89
C GLN B 65 31.27 18.51 -36.20
N ASN B 66 31.23 17.18 -36.22
CA ASN B 66 30.00 16.47 -36.56
C ASN B 66 28.93 16.43 -35.42
N LEU B 67 29.14 17.10 -34.28
CA LEU B 67 28.07 17.32 -33.31
C LEU B 67 26.95 18.33 -33.71
N THR B 68 25.73 17.79 -33.67
CA THR B 68 24.53 18.54 -33.96
C THR B 68 23.84 18.96 -32.66
N LYS B 69 23.93 18.11 -31.66
CA LYS B 69 23.20 18.25 -30.43
C LYS B 69 24.08 17.80 -29.26
N ILE B 70 24.10 18.58 -28.19
CA ILE B 70 24.71 18.17 -26.94
C ILE B 70 23.74 18.40 -25.79
N ASN B 71 23.51 17.38 -24.99
CA ASN B 71 22.73 17.49 -23.76
C ASN B 71 23.64 17.40 -22.52
N LEU B 72 23.67 18.46 -21.70
CA LEU B 72 24.55 18.51 -20.54
C LEU B 72 23.76 18.74 -19.26
N ASN B 73 22.47 18.47 -19.31
CA ASN B 73 21.61 18.75 -18.17
C ASN B 73 22.01 18.01 -16.90
N HIS B 74 21.72 18.64 -15.76
CA HIS B 74 21.90 18.02 -14.44
C HIS B 74 23.37 17.69 -14.19
N ASN B 75 24.27 18.59 -14.58
CA ASN B 75 25.69 18.44 -14.26
C ASN B 75 26.16 19.63 -13.45
N PRO B 76 26.76 19.42 -12.29
CA PRO B 76 27.03 18.11 -11.71
C PRO B 76 26.05 17.81 -10.58
N ASN B 77 26.12 16.60 -10.05
CA ASN B 77 25.18 16.20 -9.00
C ASN B 77 25.83 16.27 -7.61
N VAL B 78 25.09 15.79 -6.60
CA VAL B 78 25.69 15.44 -5.29
C VAL B 78 27.00 14.64 -5.49
N ASN B 90 28.05 25.27 -5.74
CA ASN B 90 28.19 25.87 -7.07
C ASN B 90 28.79 24.90 -8.09
N GLY B 91 28.23 24.97 -9.30
CA GLY B 91 28.36 23.94 -10.32
C GLY B 91 28.98 24.28 -11.69
N LEU B 92 28.25 24.10 -12.80
CA LEU B 92 28.94 23.83 -14.08
C LEU B 92 29.67 25.04 -14.60
N ASN B 93 30.93 24.83 -14.95
CA ASN B 93 31.83 25.90 -15.29
C ASN B 93 32.15 25.86 -16.77
N ILE B 94 31.75 26.89 -17.48
CA ILE B 94 31.90 26.90 -18.93
C ILE B 94 32.72 28.10 -19.40
N THR B 95 33.85 27.82 -20.03
CA THR B 95 34.74 28.88 -20.51
C THR B 95 34.09 29.57 -21.69
N ASP B 96 34.38 30.85 -21.88
CA ASP B 96 33.87 31.60 -23.04
C ASP B 96 34.26 30.85 -24.30
N GLY B 97 33.43 30.93 -25.33
CA GLY B 97 33.65 30.23 -26.59
C GLY B 97 33.96 28.73 -26.54
N ALA B 98 33.55 28.05 -25.46
CA ALA B 98 33.75 26.60 -25.30
C ALA B 98 33.13 25.76 -26.45
N PHE B 99 32.06 26.30 -27.04
CA PHE B 99 31.37 25.68 -28.15
C PHE B 99 31.54 26.44 -29.47
N LEU B 100 32.39 27.43 -29.50
CA LEU B 100 32.48 28.29 -30.66
C LEU B 100 32.87 27.54 -31.92
N ASN B 101 33.70 26.53 -31.77
CA ASN B 101 34.30 25.73 -32.87
C ASN B 101 33.33 24.76 -33.58
N LEU B 102 32.30 24.31 -32.86
CA LEU B 102 31.35 23.31 -33.37
C LEU B 102 30.33 23.97 -34.32
N LYS B 103 30.69 24.06 -35.60
CA LYS B 103 30.01 24.92 -36.58
C LYS B 103 28.65 24.39 -37.01
N ASN B 104 28.39 23.11 -36.74
CA ASN B 104 27.08 22.48 -36.99
C ASN B 104 26.20 22.31 -35.74
N LEU B 105 26.62 22.85 -34.60
CA LEU B 105 25.82 22.66 -33.38
C LEU B 105 24.48 23.39 -33.49
N ARG B 106 23.39 22.63 -33.48
CA ARG B 106 22.04 23.21 -33.64
C ARG B 106 21.37 23.31 -32.30
N GLU B 107 21.54 22.28 -31.49
CA GLU B 107 20.75 22.12 -30.28
C GLU B 107 21.67 21.89 -29.10
N LEU B 108 21.53 22.75 -28.10
CA LEU B 108 22.37 22.66 -26.92
C LEU B 108 21.48 22.74 -25.70
N LEU B 109 21.50 21.72 -24.86
CA LEU B 109 20.66 21.69 -23.66
C LEU B 109 21.56 21.84 -22.43
N LEU B 110 21.25 22.84 -21.61
CA LEU B 110 22.06 23.16 -20.42
C LEU B 110 21.15 23.43 -19.27
N GLU B 111 20.39 22.42 -18.90
CA GLU B 111 19.38 22.58 -17.86
C GLU B 111 19.92 22.08 -16.52
N ASP B 112 19.53 22.76 -15.45
CA ASP B 112 19.88 22.34 -14.11
C ASP B 112 21.38 22.20 -13.97
N ASN B 113 22.11 23.22 -14.40
CA ASN B 113 23.58 23.26 -14.32
C ASN B 113 24.08 24.32 -13.32
N GLN B 114 23.15 24.98 -12.62
CA GLN B 114 23.48 26.11 -11.75
C GLN B 114 24.28 27.22 -12.44
N LEU B 115 24.00 27.46 -13.71
CA LEU B 115 24.68 28.53 -14.40
C LEU B 115 24.28 29.84 -13.76
N PRO B 116 25.28 30.70 -13.45
CA PRO B 116 25.01 32.04 -12.91
C PRO B 116 24.76 33.06 -14.00
N GLN B 117 25.04 32.70 -15.24
CA GLN B 117 24.73 33.56 -16.37
C GLN B 117 24.73 32.78 -17.70
N ILE B 118 24.18 33.40 -18.71
CA ILE B 118 24.23 32.82 -20.05
C ILE B 118 25.70 32.68 -20.42
N PRO B 119 26.13 31.47 -20.85
CA PRO B 119 27.50 31.33 -21.31
C PRO B 119 27.77 32.26 -22.48
N SER B 120 28.98 32.82 -22.55
CA SER B 120 29.26 33.79 -23.57
C SER B 120 29.92 33.09 -24.73
N GLY B 121 29.74 33.68 -25.92
CA GLY B 121 30.29 33.15 -27.14
C GLY B 121 29.70 31.83 -27.54
N LEU B 122 28.39 31.80 -27.70
CA LEU B 122 27.76 30.58 -28.14
C LEU B 122 27.75 30.62 -29.68
N PRO B 123 27.85 29.46 -30.33
CA PRO B 123 27.84 29.43 -31.79
C PRO B 123 26.55 29.94 -32.48
N GLU B 124 26.73 30.84 -33.42
CA GLU B 124 25.70 31.29 -34.35
C GLU B 124 24.78 30.23 -34.95
N SER B 125 25.29 29.00 -35.09
CA SER B 125 24.54 27.91 -35.71
C SER B 125 23.34 27.37 -34.87
N LEU B 126 23.26 27.75 -33.59
CA LEU B 126 22.21 27.27 -32.69
C LEU B 126 20.82 27.60 -33.15
N THR B 127 19.99 26.56 -33.27
CA THR B 127 18.55 26.70 -33.46
C THR B 127 17.76 26.42 -32.18
N GLU B 128 18.26 25.58 -31.30
CA GLU B 128 17.60 25.35 -30.00
C GLU B 128 18.57 25.45 -28.83
N LEU B 129 18.21 26.22 -27.81
CA LEU B 129 18.99 26.43 -26.62
C LEU B 129 18.08 26.32 -25.41
N SER B 130 18.40 25.44 -24.48
CA SER B 130 17.66 25.36 -23.21
C SER B 130 18.59 25.69 -22.03
N LEU B 131 18.18 26.66 -21.22
CA LEU B 131 18.91 27.05 -20.01
C LEU B 131 17.94 27.06 -18.84
N ILE B 132 17.05 26.08 -18.84
CA ILE B 132 16.03 25.94 -17.78
C ILE B 132 16.66 25.53 -16.45
N GLN B 133 16.09 25.98 -15.32
CA GLN B 133 16.54 25.57 -13.98
C GLN B 133 17.98 25.96 -13.67
N ASN B 134 18.35 27.19 -13.96
CA ASN B 134 19.68 27.70 -13.59
C ASN B 134 19.49 28.89 -12.69
N ASN B 135 20.54 29.71 -12.54
CA ASN B 135 20.46 30.93 -11.73
C ASN B 135 20.74 32.17 -12.54
N ILE B 136 20.21 32.18 -13.76
CA ILE B 136 20.42 33.27 -14.68
C ILE B 136 19.40 34.36 -14.41
N TYR B 137 19.84 35.49 -13.85
CA TYR B 137 18.95 36.61 -13.53
C TYR B 137 18.99 37.72 -14.56
N ASN B 138 19.97 37.68 -15.44
CA ASN B 138 20.20 38.71 -16.40
C ASN B 138 20.17 38.13 -17.80
N ILE B 139 19.25 38.58 -18.63
CA ILE B 139 19.26 38.18 -20.01
C ILE B 139 19.77 39.32 -20.88
N THR B 140 20.97 39.15 -21.43
CA THR B 140 21.70 40.24 -22.06
C THR B 140 21.94 40.04 -23.53
N LYS B 141 22.19 41.15 -24.24
CA LYS B 141 22.57 41.10 -25.65
C LYS B 141 23.90 40.38 -25.85
N GLU B 142 24.81 40.58 -24.92
CA GLU B 142 26.10 39.90 -25.02
C GLU B 142 25.88 38.38 -25.05
N GLY B 143 24.92 37.87 -24.27
CA GLY B 143 24.61 36.44 -24.23
C GLY B 143 23.93 35.85 -25.47
N ILE B 144 22.89 36.51 -25.97
CA ILE B 144 22.08 35.89 -26.99
C ILE B 144 21.82 36.68 -28.27
N SER B 145 22.08 37.97 -28.30
CA SER B 145 21.64 38.74 -29.44
C SER B 145 22.26 38.32 -30.77
N ARG B 146 23.41 37.68 -30.71
CA ARG B 146 24.06 37.16 -31.91
C ARG B 146 23.49 35.86 -32.43
N LEU B 147 22.70 35.16 -31.64
CA LEU B 147 22.18 33.83 -32.02
C LEU B 147 20.95 33.96 -32.93
N ILE B 148 21.20 34.50 -34.12
CA ILE B 148 20.14 34.96 -34.98
C ILE B 148 19.45 33.79 -35.64
N ASN B 149 19.99 32.58 -35.53
CA ASN B 149 19.26 31.37 -35.95
C ASN B 149 18.49 30.66 -34.83
N LEU B 150 18.44 31.20 -33.61
CA LEU B 150 17.53 30.58 -32.61
C LEU B 150 16.08 30.49 -33.09
N LYS B 151 15.55 29.27 -33.08
CA LYS B 151 14.10 29.02 -33.22
C LYS B 151 13.42 28.89 -31.85
N ASN B 152 14.05 28.16 -30.93
CA ASN B 152 13.43 27.78 -29.63
C ASN B 152 14.34 28.10 -28.51
N LEU B 153 13.90 28.94 -27.58
CA LEU B 153 14.74 29.36 -26.50
C LEU B 153 14.04 29.14 -25.17
N TYR B 154 14.61 28.33 -24.30
CA TYR B 154 13.99 28.01 -23.02
C TYR B 154 14.78 28.58 -21.85
N LEU B 155 14.14 29.50 -21.14
CA LEU B 155 14.74 30.22 -20.04
C LEU B 155 13.91 30.12 -18.78
N ALA B 156 13.04 29.13 -18.70
CA ALA B 156 12.13 28.96 -17.56
C ALA B 156 12.85 28.54 -16.28
N TRP B 157 12.24 28.81 -15.14
CA TRP B 157 12.75 28.34 -13.83
C TRP B 157 14.17 28.86 -13.49
N ASN B 158 14.40 30.15 -13.64
CA ASN B 158 15.71 30.72 -13.32
C ASN B 158 15.68 31.66 -12.11
N CYS B 159 14.59 32.40 -11.95
CA CYS B 159 14.42 33.36 -10.84
C CYS B 159 13.09 33.05 -10.20
N TYR B 160 13.08 32.06 -9.33
CA TYR B 160 11.84 31.56 -8.79
C TYR B 160 11.95 31.36 -7.27
N PHE B 161 11.33 32.25 -6.49
CA PHE B 161 11.49 32.27 -5.03
C PHE B 161 12.97 32.26 -4.59
N ASN B 162 13.80 33.02 -5.31
CA ASN B 162 15.19 33.25 -4.93
C ASN B 162 15.20 34.62 -4.30
N LYS B 163 15.61 34.70 -3.03
CA LYS B 163 15.67 36.00 -2.37
C LYS B 163 16.73 36.88 -3.05
N VAL B 164 17.79 36.23 -3.53
CA VAL B 164 18.93 36.90 -4.18
C VAL B 164 18.51 37.54 -5.53
N CYS B 165 17.70 36.81 -6.29
CA CYS B 165 17.05 37.33 -7.49
C CYS B 165 15.67 37.86 -7.15
N GLU B 166 15.55 39.17 -6.97
CA GLU B 166 14.24 39.81 -6.74
C GLU B 166 13.45 39.73 -8.04
N LYS B 167 14.18 39.89 -9.15
CA LYS B 167 13.58 40.11 -10.45
C LYS B 167 14.57 39.84 -11.59
N THR B 168 14.03 39.29 -12.67
CA THR B 168 14.77 38.94 -13.83
C THR B 168 14.95 40.20 -14.68
N ASN B 169 16.20 40.46 -15.05
CA ASN B 169 16.50 41.66 -15.79
C ASN B 169 16.73 41.29 -17.24
N ILE B 170 15.78 41.74 -18.06
CA ILE B 170 15.80 41.50 -19.50
C ILE B 170 16.19 42.76 -20.25
N GLU B 171 17.45 42.78 -20.70
CA GLU B 171 17.96 43.91 -21.46
C GLU B 171 17.01 44.32 -22.58
N ASP B 172 16.69 45.60 -22.65
CA ASP B 172 15.74 46.11 -23.62
C ASP B 172 16.13 45.73 -25.05
N GLY B 173 15.28 44.97 -25.71
CA GLY B 173 15.46 44.57 -27.10
C GLY B 173 16.31 43.35 -27.30
N VAL B 174 16.68 42.66 -26.23
CA VAL B 174 17.57 41.51 -26.35
C VAL B 174 17.04 40.46 -27.32
N PHE B 175 15.72 40.35 -27.43
CA PHE B 175 15.17 39.34 -28.35
C PHE B 175 14.86 39.90 -29.71
N GLU B 176 14.91 41.21 -29.88
CA GLU B 176 14.44 41.83 -31.13
C GLU B 176 15.26 41.41 -32.34
N THR B 177 16.54 41.08 -32.13
CA THR B 177 17.42 40.63 -33.20
C THR B 177 17.16 39.15 -33.60
N LEU B 178 16.43 38.41 -32.77
CA LEU B 178 16.17 36.98 -33.01
C LEU B 178 14.97 36.82 -33.95
N THR B 179 15.21 37.10 -35.22
CA THR B 179 14.12 37.30 -36.17
C THR B 179 13.60 35.97 -36.72
N ASN B 180 14.25 34.86 -36.37
CA ASN B 180 13.71 33.52 -36.66
C ASN B 180 13.09 32.82 -35.44
N LEU B 181 12.94 33.52 -34.33
CA LEU B 181 12.55 32.91 -33.04
C LEU B 181 11.06 32.56 -33.00
N GLU B 182 10.78 31.29 -32.77
CA GLU B 182 9.44 30.78 -32.74
C GLU B 182 8.89 30.49 -31.33
N LEU B 183 9.76 29.97 -30.47
CA LEU B 183 9.36 29.61 -29.14
C LEU B 183 10.24 30.33 -28.16
N LEU B 184 9.61 31.10 -27.28
CA LEU B 184 10.28 31.72 -26.14
C LEU B 184 9.57 31.28 -24.85
N SER B 185 10.28 30.63 -23.94
CA SER B 185 9.72 30.32 -22.66
C SER B 185 10.47 31.03 -21.52
N LEU B 186 9.72 31.77 -20.71
CA LEU B 186 10.28 32.51 -19.57
C LEU B 186 9.50 32.23 -18.34
N SER B 187 8.67 31.21 -18.39
CA SER B 187 7.83 30.81 -17.27
C SER B 187 8.64 30.57 -16.02
N PHE B 188 8.03 30.79 -14.87
CA PHE B 188 8.75 30.59 -13.58
C PHE B 188 10.01 31.46 -13.43
N ASN B 189 9.80 32.77 -13.62
CA ASN B 189 10.77 33.85 -13.38
C ASN B 189 9.97 35.04 -12.93
N SER B 190 10.54 35.93 -12.11
CA SER B 190 9.88 37.23 -11.78
C SER B 190 10.18 38.25 -12.86
N LEU B 191 9.30 38.34 -13.81
CA LEU B 191 9.28 39.44 -14.74
C LEU B 191 8.15 40.14 -14.03
N SER B 192 7.90 41.41 -14.21
CA SER B 192 6.60 41.93 -13.71
C SER B 192 5.72 42.31 -14.87
N HIS B 193 6.31 42.29 -16.04
CA HIS B 193 5.59 42.65 -17.23
C HIS B 193 6.18 42.01 -18.43
N VAL B 194 5.37 41.87 -19.45
CA VAL B 194 5.77 41.26 -20.69
C VAL B 194 6.89 42.10 -21.28
N PRO B 195 8.03 41.49 -21.56
CA PRO B 195 9.10 42.31 -22.07
C PRO B 195 8.74 42.88 -23.44
N PRO B 196 9.17 44.12 -23.70
CA PRO B 196 8.91 44.72 -24.98
C PRO B 196 9.84 44.20 -26.06
N LYS B 197 9.53 44.51 -27.31
CA LYS B 197 10.46 44.26 -28.41
C LYS B 197 10.72 42.78 -28.60
N LEU B 198 9.61 42.08 -28.79
CA LEU B 198 9.63 40.67 -29.10
C LEU B 198 9.50 40.53 -30.59
N PRO B 199 10.25 39.59 -31.19
CA PRO B 199 10.18 39.44 -32.63
C PRO B 199 8.85 38.90 -33.13
N SER B 200 8.54 39.26 -34.34
CA SER B 200 7.27 38.94 -35.00
C SER B 200 7.20 37.51 -35.50
N SER B 201 8.34 36.85 -35.55
CA SER B 201 8.40 35.42 -35.81
C SER B 201 7.88 34.56 -34.61
N LEU B 202 7.65 35.12 -33.44
CA LEU B 202 7.15 34.29 -32.30
C LEU B 202 5.85 33.57 -32.52
N ARG B 203 5.88 32.27 -32.31
CA ARG B 203 4.70 31.45 -32.44
C ARG B 203 4.15 30.97 -31.05
N LYS B 204 5.04 30.77 -30.08
CA LYS B 204 4.66 30.25 -28.81
C LYS B 204 5.35 31.01 -27.74
N LEU B 205 4.60 31.65 -26.87
CA LEU B 205 5.19 32.46 -25.84
C LEU B 205 4.69 31.93 -24.51
N PHE B 206 5.62 31.42 -23.71
CA PHE B 206 5.26 30.80 -22.43
C PHE B 206 5.62 31.79 -21.33
N LEU B 207 4.61 32.28 -20.61
CA LEU B 207 4.85 33.23 -19.53
C LEU B 207 4.09 32.84 -18.28
N SER B 208 4.11 31.55 -17.94
CA SER B 208 3.46 31.07 -16.72
C SER B 208 4.22 31.51 -15.45
N ASN B 209 3.47 31.82 -14.41
CA ASN B 209 4.05 32.09 -13.10
C ASN B 209 5.22 33.04 -13.23
N THR B 210 4.94 34.20 -13.80
CA THR B 210 5.96 35.24 -14.00
C THR B 210 5.61 36.54 -13.28
N GLN B 211 4.55 36.55 -12.48
CA GLN B 211 4.10 37.73 -11.74
C GLN B 211 3.72 38.88 -12.64
N ILE B 212 3.12 38.56 -13.76
CA ILE B 212 2.63 39.58 -14.65
C ILE B 212 1.15 39.74 -14.38
N LYS B 213 0.85 40.80 -13.66
CA LYS B 213 -0.47 41.04 -13.15
C LYS B 213 -1.28 41.89 -14.09
N TYR B 214 -0.64 42.54 -15.05
CA TYR B 214 -1.33 43.41 -16.02
C TYR B 214 -0.80 43.16 -17.41
N ILE B 215 -1.72 43.01 -18.36
CA ILE B 215 -1.44 42.85 -19.75
C ILE B 215 -2.05 44.03 -20.49
N SER B 216 -1.20 44.84 -21.13
CA SER B 216 -1.62 46.01 -21.92
C SER B 216 -1.85 45.67 -23.38
N GLU B 217 -2.35 46.66 -24.09
CA GLU B 217 -2.60 46.55 -25.52
C GLU B 217 -1.31 46.38 -26.31
N GLU B 218 -0.19 46.81 -25.72
CA GLU B 218 1.14 46.87 -26.37
C GLU B 218 1.94 45.57 -26.27
N ASP B 219 1.67 44.79 -25.24
CA ASP B 219 2.47 43.65 -24.88
C ASP B 219 2.51 42.63 -25.99
N PHE B 220 1.39 42.36 -26.64
CA PHE B 220 1.38 41.33 -27.68
C PHE B 220 1.11 41.88 -29.08
N LYS B 221 1.30 43.18 -29.23
CA LYS B 221 1.00 43.86 -30.50
C LYS B 221 1.93 43.40 -31.59
N GLY B 222 1.37 43.09 -32.75
CA GLY B 222 2.22 42.64 -33.84
C GLY B 222 2.81 41.24 -33.71
N LEU B 223 2.35 40.44 -32.75
CA LEU B 223 2.69 39.02 -32.74
C LEU B 223 1.64 38.32 -33.58
N ILE B 224 1.64 38.69 -34.86
CA ILE B 224 0.68 38.15 -35.84
C ILE B 224 0.85 36.67 -36.14
N ASN B 225 2.02 36.09 -35.83
CA ASN B 225 2.26 34.64 -36.02
C ASN B 225 2.03 33.78 -34.73
N LEU B 226 1.56 34.41 -33.64
CA LEU B 226 1.45 33.69 -32.37
C LEU B 226 0.34 32.65 -32.38
N THR B 227 0.70 31.39 -32.12
CA THR B 227 -0.28 30.31 -32.01
C THR B 227 -0.55 29.88 -30.56
N LEU B 228 0.38 30.15 -29.65
CA LEU B 228 0.22 29.78 -28.23
C LEU B 228 0.69 30.90 -27.31
N LEU B 229 -0.16 31.21 -26.34
CA LEU B 229 0.17 32.13 -25.26
C LEU B 229 -0.23 31.47 -23.95
N ASP B 230 0.72 31.33 -23.05
CA ASP B 230 0.51 30.81 -21.73
C ASP B 230 0.74 31.90 -20.68
N LEU B 231 -0.33 32.33 -20.02
CA LEU B 231 -0.27 33.33 -18.93
C LEU B 231 -0.75 32.77 -17.57
N SER B 232 -0.73 31.46 -17.45
CA SER B 232 -1.28 30.75 -16.29
C SER B 232 -0.48 31.15 -15.07
N GLY B 233 -1.11 31.16 -13.91
CA GLY B 233 -0.38 31.31 -12.65
C GLY B 233 0.11 32.73 -12.33
N ASN B 234 -0.47 33.73 -13.01
CA ASN B 234 -0.27 35.14 -12.71
C ASN B 234 -1.55 35.68 -12.04
N CYS B 235 -1.43 36.07 -10.78
CA CYS B 235 -2.57 36.19 -9.84
C CYS B 235 -3.22 34.81 -9.63
N PRO B 236 -2.45 33.89 -9.05
CA PRO B 236 -2.92 32.52 -8.89
C PRO B 236 -4.07 32.39 -7.92
N ARG B 237 -4.81 31.31 -8.11
CA ARG B 237 -5.77 30.82 -7.15
C ARG B 237 -4.96 29.94 -6.19
N CYS B 238 -4.64 30.46 -5.01
CA CYS B 238 -3.75 29.76 -4.09
C CYS B 238 -4.46 28.88 -3.07
N PHE B 239 -5.77 28.96 -2.99
CA PHE B 239 -6.50 28.07 -2.11
C PHE B 239 -6.07 26.62 -2.32
N ASN B 240 -5.59 25.97 -1.27
CA ASN B 240 -5.21 24.54 -1.39
C ASN B 240 -4.15 24.28 -2.50
N ALA B 241 -3.18 25.18 -2.60
CA ALA B 241 -2.09 25.04 -3.59
C ALA B 241 -0.98 24.14 -3.04
N PRO B 242 -0.53 23.17 -3.86
CA PRO B 242 0.57 22.25 -3.48
C PRO B 242 1.90 22.97 -3.26
N PHE B 243 2.20 23.95 -4.13
CA PHE B 243 3.47 24.68 -4.09
C PHE B 243 3.25 26.06 -3.50
N PRO B 244 4.34 26.71 -3.05
CA PRO B 244 4.12 28.04 -2.49
C PRO B 244 3.46 28.91 -3.54
N CYS B 245 2.69 29.88 -3.09
CA CYS B 245 1.75 30.54 -3.94
C CYS B 245 1.39 31.89 -3.35
N VAL B 246 1.48 32.93 -4.16
CA VAL B 246 1.28 34.26 -3.70
C VAL B 246 0.21 34.90 -4.53
N PRO B 247 -0.97 35.12 -3.94
CA PRO B 247 -1.96 35.75 -4.73
C PRO B 247 -1.56 37.17 -4.97
N CYS B 248 -2.21 37.78 -5.95
CA CYS B 248 -2.22 39.20 -6.10
C CYS B 248 -2.97 39.78 -4.88
N ASP B 249 -2.90 41.09 -4.68
CA ASP B 249 -3.56 41.76 -3.55
C ASP B 249 -5.02 42.07 -3.82
N GLY B 250 -5.94 41.74 -2.92
CA GLY B 250 -5.91 40.51 -2.16
C GLY B 250 -6.67 39.60 -3.13
N GLY B 251 -5.95 38.63 -3.71
CA GLY B 251 -6.53 37.65 -4.65
C GLY B 251 -7.30 38.20 -5.83
N ALA B 252 -7.01 39.46 -6.24
CA ALA B 252 -7.60 40.06 -7.46
C ALA B 252 -7.18 39.25 -8.68
N SER B 253 -7.88 39.43 -9.79
CA SER B 253 -7.60 38.63 -10.98
C SER B 253 -6.48 39.27 -11.78
N ILE B 254 -5.81 38.48 -12.60
CA ILE B 254 -4.98 39.05 -13.67
C ILE B 254 -5.83 40.12 -14.38
N ASN B 255 -5.14 41.16 -14.84
CA ASN B 255 -5.78 42.31 -15.44
C ASN B 255 -5.37 42.43 -16.92
N ILE B 256 -6.32 42.13 -17.81
CA ILE B 256 -6.00 41.97 -19.21
C ILE B 256 -6.81 42.99 -19.96
N ASP B 257 -6.10 43.96 -20.56
CA ASP B 257 -6.76 44.97 -21.33
C ASP B 257 -7.64 44.36 -22.39
N ARG B 258 -8.76 45.03 -22.61
CA ARG B 258 -9.74 44.68 -23.61
C ARG B 258 -9.13 44.35 -24.98
N PHE B 259 -8.08 45.07 -25.39
CA PHE B 259 -7.48 44.90 -26.71
C PHE B 259 -6.13 44.17 -26.66
N ALA B 260 -5.85 43.50 -25.54
CA ALA B 260 -4.62 42.78 -25.38
C ALA B 260 -4.36 41.72 -26.44
N PHE B 261 -5.38 41.13 -27.02
CA PHE B 261 -5.20 40.03 -28.01
C PHE B 261 -5.69 40.34 -29.43
N GLN B 262 -5.83 41.61 -29.76
CA GLN B 262 -6.49 41.98 -31.03
C GLN B 262 -5.72 41.56 -32.29
N ASN B 263 -4.38 41.63 -32.28
CA ASN B 263 -3.62 41.18 -33.45
C ASN B 263 -3.15 39.73 -33.37
N LEU B 264 -3.67 38.93 -32.43
CA LEU B 264 -3.29 37.52 -32.29
C LEU B 264 -4.31 36.63 -33.00
N THR B 265 -4.40 36.80 -34.30
CA THR B 265 -5.45 36.18 -35.09
C THR B 265 -5.14 34.73 -35.34
N GLN B 266 -3.89 34.30 -35.17
CA GLN B 266 -3.57 32.87 -35.36
C GLN B 266 -3.58 32.06 -34.04
N LEU B 267 -3.94 32.69 -32.93
CA LEU B 267 -3.85 31.97 -31.62
C LEU B 267 -4.68 30.72 -31.63
N ARG B 268 -4.04 29.56 -31.37
CA ARG B 268 -4.71 28.26 -31.20
C ARG B 268 -4.85 27.77 -29.75
N TYR B 269 -3.87 28.10 -28.90
CA TYR B 269 -3.75 27.62 -27.52
C TYR B 269 -3.65 28.84 -26.64
N LEU B 270 -4.58 28.94 -25.68
CA LEU B 270 -4.54 30.03 -24.68
C LEU B 270 -4.73 29.40 -23.31
N ASN B 271 -3.73 29.58 -22.46
CA ASN B 271 -3.75 29.05 -21.12
C ASN B 271 -3.85 30.18 -20.09
N LEU B 272 -5.00 30.24 -19.41
CA LEU B 272 -5.27 31.23 -18.38
C LEU B 272 -5.66 30.51 -17.09
N SER B 273 -5.08 29.35 -16.86
CA SER B 273 -5.31 28.63 -15.62
C SER B 273 -4.76 29.43 -14.47
N SER B 274 -5.47 29.43 -13.35
CA SER B 274 -4.95 30.03 -12.13
C SER B 274 -4.53 31.48 -12.33
N THR B 275 -5.46 32.28 -12.86
CA THR B 275 -5.26 33.71 -12.90
C THR B 275 -6.38 34.42 -12.14
N SER B 276 -7.03 33.67 -11.26
CA SER B 276 -8.03 34.22 -10.38
C SER B 276 -9.17 34.92 -11.13
N LEU B 277 -9.45 34.50 -12.35
CA LEU B 277 -10.49 35.17 -13.13
C LEU B 277 -11.87 34.94 -12.55
N ARG B 278 -12.58 36.03 -12.34
CA ARG B 278 -14.02 36.01 -12.03
C ARG B 278 -14.85 36.36 -13.25
N LYS B 279 -14.33 37.17 -14.15
CA LYS B 279 -15.00 37.40 -15.41
C LYS B 279 -14.11 37.45 -16.65
N ILE B 280 -14.66 36.96 -17.74
CA ILE B 280 -13.98 36.84 -19.01
C ILE B 280 -14.59 37.82 -20.04
N ASN B 281 -13.76 38.70 -20.55
CA ASN B 281 -14.16 39.64 -21.54
C ASN B 281 -14.28 38.96 -22.91
N ALA B 282 -15.49 38.84 -23.43
CA ALA B 282 -15.68 38.24 -24.74
C ALA B 282 -14.93 38.97 -25.83
N ALA B 283 -14.58 40.23 -25.61
CA ALA B 283 -13.85 40.98 -26.63
C ALA B 283 -12.46 40.42 -26.85
N TRP B 284 -11.94 39.72 -25.83
CA TRP B 284 -10.61 39.13 -25.89
C TRP B 284 -10.47 38.22 -27.09
N PHE B 285 -11.59 37.61 -27.49
CA PHE B 285 -11.66 36.61 -28.55
C PHE B 285 -12.19 37.14 -29.89
N LYS B 286 -12.40 38.45 -29.95
CA LYS B 286 -12.96 39.14 -31.13
C LYS B 286 -12.22 38.68 -32.37
N ASN B 287 -10.90 38.73 -32.31
CA ASN B 287 -10.05 38.56 -33.47
C ASN B 287 -9.29 37.23 -33.45
N MET B 288 -9.87 36.23 -32.82
CA MET B 288 -9.20 34.99 -32.49
C MET B 288 -10.09 33.84 -32.96
N PRO B 289 -10.44 33.84 -34.24
CA PRO B 289 -11.46 32.91 -34.74
C PRO B 289 -11.00 31.46 -34.89
N HIS B 290 -9.71 31.22 -34.65
CA HIS B 290 -9.19 29.83 -34.75
C HIS B 290 -8.79 29.18 -33.42
N LEU B 291 -9.06 29.85 -32.29
CA LEU B 291 -8.72 29.29 -30.98
C LEU B 291 -9.27 27.87 -30.84
N LYS B 292 -8.35 26.93 -30.55
CA LYS B 292 -8.66 25.50 -30.45
C LYS B 292 -8.75 24.96 -29.00
N VAL B 293 -7.92 25.48 -28.11
CA VAL B 293 -7.69 24.90 -26.80
C VAL B 293 -7.61 26.07 -25.82
N LEU B 294 -8.52 26.07 -24.86
CA LEU B 294 -8.60 27.13 -23.87
C LEU B 294 -8.63 26.53 -22.47
N ASP B 295 -7.62 26.85 -21.66
CA ASP B 295 -7.52 26.37 -20.31
C ASP B 295 -7.91 27.48 -19.34
N LEU B 296 -8.97 27.23 -18.56
CA LEU B 296 -9.44 28.09 -17.52
C LEU B 296 -9.64 27.37 -16.16
N GLU B 297 -8.80 26.37 -15.91
CA GLU B 297 -8.69 25.63 -14.66
C GLU B 297 -8.26 26.56 -13.50
N PHE B 298 -8.69 26.24 -12.28
CA PHE B 298 -8.24 26.97 -11.10
C PHE B 298 -8.54 28.48 -11.16
N ASN B 299 -9.77 28.84 -11.55
CA ASN B 299 -10.22 30.23 -11.47
C ASN B 299 -11.50 30.27 -10.58
N TYR B 300 -12.33 31.30 -10.76
CA TYR B 300 -13.56 31.45 -10.00
C TYR B 300 -14.70 31.73 -10.93
N LEU B 301 -14.95 30.80 -11.83
CA LEU B 301 -15.80 31.09 -12.97
C LEU B 301 -17.14 30.40 -12.91
N VAL B 302 -17.54 29.98 -11.72
CA VAL B 302 -18.88 29.47 -11.51
C VAL B 302 -19.95 30.38 -12.13
N GLY B 303 -19.85 31.69 -11.87
CA GLY B 303 -20.71 32.70 -12.49
C GLY B 303 -20.65 32.70 -13.99
N GLU B 304 -19.44 32.91 -14.54
CA GLU B 304 -19.23 32.85 -15.98
C GLU B 304 -19.68 31.56 -16.65
N ILE B 305 -19.65 30.45 -15.95
CA ILE B 305 -20.08 29.20 -16.56
C ILE B 305 -21.60 29.22 -16.71
N ALA B 306 -22.25 29.89 -15.76
CA ALA B 306 -23.70 30.09 -15.82
C ALA B 306 -24.19 31.07 -16.92
N SER B 307 -23.46 32.14 -17.18
CA SER B 307 -23.96 33.17 -18.11
C SER B 307 -23.18 33.12 -19.43
N GLY B 308 -21.91 33.53 -19.36
CA GLY B 308 -20.91 33.12 -20.36
C GLY B 308 -21.01 33.68 -21.78
N ALA B 309 -20.86 35.01 -21.88
CA ALA B 309 -20.91 35.71 -23.17
C ALA B 309 -19.77 35.25 -24.05
N PHE B 310 -18.61 35.08 -23.42
CA PHE B 310 -17.42 34.66 -24.12
C PHE B 310 -17.63 33.37 -24.90
N LEU B 311 -18.57 32.55 -24.47
CA LEU B 311 -18.77 31.28 -25.17
C LEU B 311 -19.33 31.44 -26.57
N THR B 312 -19.87 32.62 -26.92
CA THR B 312 -20.44 32.82 -28.25
C THR B 312 -19.30 33.09 -29.24
N MET B 313 -18.12 33.42 -28.72
CA MET B 313 -16.97 33.80 -29.51
C MET B 313 -16.04 32.66 -29.89
N LEU B 314 -16.43 31.40 -29.72
CA LEU B 314 -15.48 30.30 -29.84
C LEU B 314 -15.95 29.16 -30.71
N PRO B 315 -16.37 29.49 -31.93
CA PRO B 315 -16.98 28.49 -32.76
C PRO B 315 -16.02 27.41 -33.25
N ARG B 316 -14.71 27.62 -33.13
CA ARG B 316 -13.76 26.52 -33.48
C ARG B 316 -13.02 25.85 -32.28
N LEU B 317 -13.36 26.26 -31.07
CA LEU B 317 -12.74 25.65 -29.89
C LEU B 317 -13.03 24.15 -29.84
N GLU B 318 -11.99 23.37 -29.60
CA GLU B 318 -12.11 21.93 -29.56
C GLU B 318 -11.95 21.41 -28.13
N ILE B 319 -11.12 22.04 -27.33
CA ILE B 319 -10.90 21.61 -25.97
C ILE B 319 -11.13 22.80 -25.03
N LEU B 320 -12.12 22.65 -24.14
CA LEU B 320 -12.33 23.63 -23.06
C LEU B 320 -12.13 23.02 -21.67
N ASP B 321 -11.28 23.65 -20.86
CA ASP B 321 -11.01 23.14 -19.52
C ASP B 321 -11.38 24.14 -18.46
N LEU B 322 -12.44 23.79 -17.72
CA LEU B 322 -13.00 24.66 -16.69
C LEU B 322 -12.88 24.04 -15.29
N SER B 323 -11.89 23.17 -15.13
CA SER B 323 -11.81 22.35 -13.96
C SER B 323 -11.39 23.14 -12.72
N PHE B 324 -11.79 22.65 -11.56
CA PHE B 324 -11.34 23.24 -10.29
C PHE B 324 -11.64 24.71 -10.15
N ASN B 325 -12.86 25.07 -10.50
CA ASN B 325 -13.39 26.40 -10.21
C ASN B 325 -14.41 26.38 -9.04
N TYR B 326 -14.32 25.34 -8.20
CA TYR B 326 -15.25 25.19 -7.05
C TYR B 326 -15.14 26.36 -6.12
N ILE B 327 -16.24 26.67 -5.47
CA ILE B 327 -16.25 27.73 -4.46
C ILE B 327 -16.09 27.09 -3.07
N LYS B 328 -15.13 27.57 -2.30
CA LYS B 328 -14.87 27.00 -1.00
C LYS B 328 -16.10 27.00 -0.10
N GLY B 329 -16.35 25.88 0.57
CA GLY B 329 -17.49 25.75 1.46
C GLY B 329 -18.84 25.48 0.83
N SER B 330 -18.91 25.39 -0.51
CA SER B 330 -20.17 25.09 -1.19
C SER B 330 -20.24 23.64 -1.61
N TYR B 331 -21.44 23.12 -1.60
CA TYR B 331 -21.73 21.85 -2.20
C TYR B 331 -23.12 21.98 -2.81
N PRO B 332 -23.24 22.84 -3.84
CA PRO B 332 -24.53 23.20 -4.42
C PRO B 332 -25.20 21.99 -4.99
N GLN B 333 -26.52 21.99 -4.98
CA GLN B 333 -27.31 20.86 -5.48
C GLN B 333 -27.07 20.59 -6.92
N HIS B 334 -26.90 21.67 -7.69
CA HIS B 334 -27.00 21.61 -9.14
C HIS B 334 -25.84 22.33 -9.80
N ILE B 335 -25.50 21.89 -10.99
CA ILE B 335 -24.58 22.61 -11.84
C ILE B 335 -25.38 23.50 -12.80
N ASN B 336 -24.89 24.72 -13.01
CA ASN B 336 -25.54 25.72 -13.84
C ASN B 336 -24.71 26.01 -15.07
N ILE B 337 -25.13 25.42 -16.17
CA ILE B 337 -24.47 25.49 -17.46
C ILE B 337 -25.20 26.40 -18.42
N SER B 338 -24.54 27.44 -18.88
CA SER B 338 -25.16 28.37 -19.78
C SER B 338 -25.56 27.76 -21.09
N ARG B 339 -26.62 28.31 -21.64
CA ARG B 339 -27.14 27.89 -22.92
C ARG B 339 -26.13 28.14 -23.99
N ASN B 340 -25.34 29.16 -23.78
CA ASN B 340 -24.29 29.54 -24.74
C ASN B 340 -23.27 28.43 -25.00
N PHE B 341 -23.18 27.42 -24.13
CA PHE B 341 -22.34 26.26 -24.43
C PHE B 341 -22.72 25.67 -25.77
N SER B 342 -23.98 25.82 -26.15
CA SER B 342 -24.48 25.29 -27.46
C SER B 342 -23.85 25.97 -28.66
N LYS B 343 -23.15 27.08 -28.46
CA LYS B 343 -22.38 27.77 -29.55
C LYS B 343 -20.98 27.23 -29.82
N LEU B 344 -20.54 26.25 -29.03
CA LEU B 344 -19.21 25.68 -29.16
C LEU B 344 -19.25 24.55 -30.18
N LEU B 345 -19.55 24.89 -31.42
CA LEU B 345 -19.89 23.88 -32.44
C LEU B 345 -18.76 22.89 -32.71
N SER B 346 -17.53 23.29 -32.45
CA SER B 346 -16.39 22.40 -32.68
C SER B 346 -15.95 21.56 -31.48
N LEU B 347 -16.67 21.63 -30.35
CA LEU B 347 -16.14 21.11 -29.08
C LEU B 347 -15.99 19.64 -29.17
N ARG B 348 -14.78 19.15 -28.88
CA ARG B 348 -14.56 17.71 -28.81
C ARG B 348 -14.45 17.17 -27.37
N ALA B 349 -13.88 17.96 -26.48
CA ALA B 349 -13.67 17.55 -25.11
C ALA B 349 -14.00 18.69 -24.17
N LEU B 350 -14.88 18.43 -23.20
CA LEU B 350 -15.13 19.39 -22.11
C LEU B 350 -14.69 18.79 -20.75
N HIS B 351 -13.84 19.53 -20.05
CA HIS B 351 -13.31 19.12 -18.77
C HIS B 351 -13.91 20.01 -17.73
N LEU B 352 -14.71 19.38 -16.87
CA LEU B 352 -15.37 20.06 -15.79
C LEU B 352 -15.10 19.33 -14.47
N ARG B 353 -13.84 19.06 -14.20
CA ARG B 353 -13.51 18.42 -12.92
C ARG B 353 -13.63 19.43 -11.82
N GLY B 354 -13.99 18.94 -10.62
CA GLY B 354 -13.89 19.76 -9.46
C GLY B 354 -14.65 21.06 -9.48
N TYR B 355 -15.85 21.02 -10.05
CA TYR B 355 -16.84 22.10 -9.91
C TYR B 355 -17.55 21.89 -8.57
N VAL B 356 -17.91 20.62 -8.32
CA VAL B 356 -18.42 20.09 -7.02
C VAL B 356 -19.88 20.44 -6.87
N PHE B 357 -20.70 19.44 -7.08
CA PHE B 357 -22.11 19.60 -7.02
C PHE B 357 -22.77 18.24 -6.87
N GLN B 358 -24.02 18.24 -6.44
CA GLN B 358 -24.69 16.99 -5.95
C GLN B 358 -25.45 16.17 -6.92
N GLU B 359 -26.05 16.83 -7.92
CA GLU B 359 -27.01 16.13 -8.79
C GLU B 359 -26.86 16.64 -10.20
N LEU B 360 -26.90 15.73 -11.18
CA LEU B 360 -26.89 16.14 -12.56
C LEU B 360 -28.18 15.72 -13.19
N ARG B 361 -28.96 16.71 -13.64
CA ARG B 361 -30.24 16.45 -14.36
C ARG B 361 -30.09 16.53 -15.89
N GLU B 362 -30.93 15.79 -16.59
CA GLU B 362 -31.05 15.84 -18.05
C GLU B 362 -30.95 17.25 -18.60
N ASP B 363 -31.79 18.15 -18.08
CA ASP B 363 -31.86 19.53 -18.55
C ASP B 363 -30.60 20.36 -18.34
N ASP B 364 -29.74 19.96 -17.39
CA ASP B 364 -28.51 20.70 -17.13
C ASP B 364 -27.53 20.60 -18.29
N PHE B 365 -27.56 19.51 -19.02
CA PHE B 365 -26.66 19.30 -20.18
C PHE B 365 -27.32 19.44 -21.55
N GLN B 366 -28.51 20.01 -21.59
CA GLN B 366 -29.21 20.27 -22.84
C GLN B 366 -28.34 21.05 -23.84
N PRO B 367 -27.66 22.12 -23.40
CA PRO B 367 -26.82 22.86 -24.34
C PRO B 367 -25.74 22.06 -25.07
N LEU B 368 -25.30 20.96 -24.48
CA LEU B 368 -24.20 20.19 -25.04
C LEU B 368 -24.70 19.08 -25.92
N MET B 369 -25.98 18.76 -25.80
CA MET B 369 -26.49 17.61 -26.54
C MET B 369 -26.50 17.77 -28.07
N GLN B 370 -26.33 19.01 -28.56
CA GLN B 370 -26.31 19.22 -30.01
C GLN B 370 -24.91 19.54 -30.56
N LEU B 371 -23.87 19.40 -29.74
CA LEU B 371 -22.53 19.62 -30.24
C LEU B 371 -22.19 18.36 -30.98
N PRO B 372 -21.95 18.45 -32.30
CA PRO B 372 -21.82 17.25 -33.14
C PRO B 372 -20.55 16.47 -32.90
N ASN B 373 -19.47 17.13 -32.44
CA ASN B 373 -18.21 16.41 -32.27
C ASN B 373 -17.80 16.16 -30.78
N LEU B 374 -18.70 16.36 -29.83
CA LEU B 374 -18.38 16.25 -28.39
C LEU B 374 -18.21 14.81 -28.11
N SER B 375 -16.96 14.42 -27.91
CA SER B 375 -16.64 13.03 -27.71
C SER B 375 -16.18 12.74 -26.28
N THR B 376 -15.74 13.75 -25.54
CA THR B 376 -15.28 13.57 -24.14
C THR B 376 -15.97 14.54 -23.22
N ILE B 377 -16.65 13.99 -22.21
CA ILE B 377 -17.16 14.78 -21.09
C ILE B 377 -16.46 14.26 -19.83
N ASN B 378 -15.73 15.14 -19.19
CA ASN B 378 -14.92 14.79 -18.02
C ASN B 378 -15.47 15.48 -16.78
N LEU B 379 -16.11 14.70 -15.92
CA LEU B 379 -16.75 15.16 -14.70
C LEU B 379 -16.13 14.46 -13.48
N GLY B 380 -14.86 14.16 -13.56
CA GLY B 380 -14.11 13.59 -12.45
C GLY B 380 -14.14 14.47 -11.22
N ILE B 381 -14.14 13.86 -10.03
CA ILE B 381 -13.97 14.64 -8.82
C ILE B 381 -14.99 15.77 -8.67
N ASN B 382 -16.26 15.49 -8.89
CA ASN B 382 -17.29 16.45 -8.50
C ASN B 382 -18.13 15.98 -7.28
N PHE B 383 -17.89 14.76 -6.80
CA PHE B 383 -18.66 14.19 -5.71
C PHE B 383 -20.17 14.24 -5.96
N ILE B 384 -20.55 14.00 -7.20
CA ILE B 384 -21.93 13.99 -7.59
C ILE B 384 -22.59 12.77 -7.01
N LYS B 385 -23.72 12.97 -6.34
CA LYS B 385 -24.49 11.89 -5.70
C LYS B 385 -25.45 11.19 -6.60
N GLN B 386 -25.97 11.92 -7.59
CA GLN B 386 -26.90 11.28 -8.51
C GLN B 386 -26.90 11.92 -9.88
N ILE B 387 -26.98 11.05 -10.85
CA ILE B 387 -27.00 11.48 -12.20
C ILE B 387 -28.17 10.85 -12.88
N ASP B 388 -28.87 11.64 -13.66
CA ASP B 388 -29.89 11.12 -14.55
C ASP B 388 -29.18 10.55 -15.80
N PHE B 389 -28.81 9.27 -15.72
CA PHE B 389 -27.91 8.66 -16.68
C PHE B 389 -28.49 8.63 -18.11
N LYS B 390 -29.81 8.71 -18.23
CA LYS B 390 -30.42 8.64 -19.54
C LYS B 390 -29.98 9.82 -20.42
N LEU B 391 -29.61 10.95 -19.82
CA LEU B 391 -29.13 12.10 -20.56
C LEU B 391 -27.98 11.81 -21.50
N PHE B 392 -27.15 10.80 -21.19
CA PHE B 392 -26.02 10.44 -22.09
C PHE B 392 -26.45 9.76 -23.37
N GLN B 393 -27.73 9.39 -23.49
CA GLN B 393 -28.22 8.80 -24.74
C GLN B 393 -28.44 9.86 -25.84
N ASN B 394 -28.60 11.13 -25.44
CA ASN B 394 -28.87 12.24 -26.34
C ASN B 394 -27.66 12.88 -26.94
N PHE B 395 -26.56 12.15 -27.10
CA PHE B 395 -25.37 12.75 -27.66
C PHE B 395 -25.04 11.97 -28.92
N SER B 396 -24.50 12.64 -29.93
CA SER B 396 -24.20 11.93 -31.15
C SER B 396 -22.91 11.14 -31.01
N ASN B 397 -21.87 11.81 -30.53
CA ASN B 397 -20.54 11.22 -30.63
C ASN B 397 -19.78 11.01 -29.31
N LEU B 398 -20.49 10.86 -28.20
CA LEU B 398 -19.82 10.63 -26.92
C LEU B 398 -19.07 9.35 -26.98
N GLU B 399 -17.76 9.41 -26.78
CA GLU B 399 -16.94 8.21 -26.66
C GLU B 399 -16.37 8.02 -25.22
N ILE B 400 -16.23 9.10 -24.45
CA ILE B 400 -15.56 9.08 -23.12
C ILE B 400 -16.42 9.81 -22.14
N ILE B 401 -16.99 9.07 -21.19
CA ILE B 401 -17.78 9.64 -20.12
C ILE B 401 -16.95 9.35 -18.86
N TYR B 402 -16.28 10.36 -18.31
CA TYR B 402 -15.33 10.13 -17.24
C TYR B 402 -15.99 10.62 -15.95
N LEU B 403 -16.31 9.67 -15.07
CA LEU B 403 -17.04 9.99 -13.83
C LEU B 403 -16.34 9.42 -12.57
N SER B 404 -15.04 9.21 -12.64
CA SER B 404 -14.27 8.89 -11.43
C SER B 404 -14.43 9.91 -10.28
N GLU B 405 -14.44 9.42 -9.05
CA GLU B 405 -14.46 10.27 -7.86
C GLU B 405 -15.71 11.10 -7.83
N ASN B 406 -16.82 10.43 -8.13
CA ASN B 406 -18.11 10.98 -7.74
C ASN B 406 -18.70 10.10 -6.61
N ARG B 407 -19.99 10.22 -6.32
CA ARG B 407 -20.63 9.50 -5.21
C ARG B 407 -21.86 8.83 -5.68
N ILE B 408 -21.81 8.30 -6.88
CA ILE B 408 -22.89 7.46 -7.35
C ILE B 408 -23.00 6.21 -6.50
N SER B 409 -24.27 5.82 -6.26
CA SER B 409 -24.68 4.74 -5.35
C SER B 409 -25.28 3.58 -6.09
N PRO B 410 -25.54 2.46 -5.37
CA PRO B 410 -26.36 1.42 -5.96
C PRO B 410 -27.75 1.95 -6.31
N LEU B 411 -28.19 1.66 -7.54
CA LEU B 411 -29.48 2.19 -8.03
C LEU B 411 -30.51 1.10 -7.89
N VAL B 412 -31.49 1.36 -7.02
CA VAL B 412 -32.54 0.39 -6.71
C VAL B 412 -33.93 0.75 -7.29
N LYS B 413 -34.33 2.03 -7.28
CA LYS B 413 -35.66 2.49 -7.78
C LYS B 413 -35.80 2.55 -9.31
N ASP B 414 -36.93 2.10 -9.88
CA ASP B 414 -37.14 2.35 -11.34
C ASP B 414 -37.59 3.80 -11.58
N THR B 415 -37.38 4.26 -12.82
CA THR B 415 -37.82 5.59 -13.24
C THR B 415 -38.50 5.54 -14.61
N PHE B 439 7.66 20.49 -10.07
CA PHE B 439 8.77 19.56 -10.24
C PHE B 439 9.31 19.63 -11.70
N ASP B 440 9.07 18.60 -12.53
CA ASP B 440 9.49 18.53 -13.95
C ASP B 440 9.01 19.77 -14.73
N PRO B 441 9.96 20.56 -15.27
CA PRO B 441 9.59 21.78 -15.99
C PRO B 441 8.89 21.60 -17.36
N HIS B 442 9.19 20.50 -18.05
CA HIS B 442 8.60 20.23 -19.37
C HIS B 442 7.30 19.43 -19.31
N SER B 443 6.62 19.48 -18.17
CA SER B 443 5.28 18.91 -18.04
C SER B 443 4.25 19.97 -17.71
N ASN B 444 3.01 19.61 -18.01
CA ASN B 444 1.89 20.52 -17.88
C ASN B 444 1.50 20.60 -16.40
N PHE B 445 1.58 21.81 -15.86
CA PHE B 445 1.44 22.09 -14.44
C PHE B 445 -0.03 22.08 -13.98
N TYR B 446 -1.00 22.40 -14.88
CA TYR B 446 -2.46 22.59 -14.52
C TYR B 446 -3.50 21.71 -15.27
N HIS B 447 -3.06 21.02 -16.33
CA HIS B 447 -3.95 20.15 -17.12
C HIS B 447 -3.29 18.76 -17.26
N PHE B 448 -3.87 17.82 -16.50
CA PHE B 448 -3.37 16.45 -16.45
C PHE B 448 -3.45 15.81 -17.82
N THR B 449 -2.32 15.23 -18.21
CA THR B 449 -2.02 15.02 -19.62
C THR B 449 -2.31 13.58 -20.12
N ARG B 450 -2.11 12.56 -19.29
CA ARG B 450 -2.36 11.15 -19.68
C ARG B 450 -3.82 10.89 -20.08
N PRO B 451 -4.07 9.82 -20.83
CA PRO B 451 -5.47 9.60 -21.19
C PRO B 451 -6.36 9.40 -19.96
N LEU B 452 -7.61 9.85 -20.08
CA LEU B 452 -8.57 9.67 -19.01
C LEU B 452 -8.85 8.19 -18.76
N ILE B 453 -8.90 7.39 -19.81
CA ILE B 453 -9.25 6.00 -19.65
C ILE B 453 -8.17 5.24 -20.38
N LYS B 454 -7.77 4.08 -19.91
CA LYS B 454 -6.68 3.39 -20.60
C LYS B 454 -7.08 3.19 -22.08
N PRO B 455 -6.21 3.53 -23.01
CA PRO B 455 -6.49 3.40 -24.46
C PRO B 455 -6.99 2.00 -24.85
N GLN B 456 -6.46 0.99 -24.19
CA GLN B 456 -6.77 -0.38 -24.45
C GLN B 456 -8.22 -0.67 -24.22
N CYS B 457 -8.81 0.06 -23.29
CA CYS B 457 -10.21 -0.10 -22.96
C CYS B 457 -11.04 0.79 -23.85
N ALA B 458 -10.64 2.05 -23.97
CA ALA B 458 -11.41 2.97 -24.78
C ALA B 458 -11.42 2.55 -26.26
N ALA B 459 -10.43 1.80 -26.73
CA ALA B 459 -10.37 1.43 -28.15
C ALA B 459 -11.54 0.57 -28.53
N TYR B 460 -12.11 -0.16 -27.59
CA TYR B 460 -13.27 -1.01 -27.91
C TYR B 460 -14.57 -0.26 -28.17
N GLY B 461 -14.60 1.02 -27.87
CA GLY B 461 -15.81 1.79 -28.11
C GLY B 461 -16.13 2.67 -26.91
N LYS B 462 -17.40 2.93 -26.73
CA LYS B 462 -17.87 3.86 -25.75
C LYS B 462 -17.48 3.47 -24.35
N ALA B 463 -16.91 4.42 -23.64
CA ALA B 463 -16.23 4.17 -22.37
C ALA B 463 -16.84 5.02 -21.25
N LEU B 464 -17.14 4.33 -20.16
CA LEU B 464 -17.72 4.93 -18.97
C LEU B 464 -16.82 4.58 -17.77
N ASP B 465 -16.35 5.59 -17.04
CA ASP B 465 -15.50 5.39 -15.91
C ASP B 465 -16.22 5.89 -14.63
N LEU B 466 -16.59 4.95 -13.79
CA LEU B 466 -17.26 5.12 -12.55
C LEU B 466 -16.39 4.59 -11.37
N SER B 467 -15.10 4.60 -11.57
CA SER B 467 -14.17 4.24 -10.50
C SER B 467 -14.28 5.21 -9.33
N LEU B 468 -14.00 4.71 -8.14
CA LEU B 468 -13.95 5.55 -6.96
C LEU B 468 -15.23 6.32 -6.69
N ASN B 469 -16.36 5.64 -6.81
CA ASN B 469 -17.70 6.15 -6.48
C ASN B 469 -18.16 5.39 -5.20
N SER B 470 -19.46 5.20 -4.97
CA SER B 470 -19.98 4.45 -3.81
C SER B 470 -20.89 3.36 -4.27
N ILE B 471 -20.48 2.65 -5.30
CA ILE B 471 -21.33 1.60 -5.86
C ILE B 471 -20.93 0.34 -5.13
N PHE B 472 -21.37 0.24 -3.88
CA PHE B 472 -20.97 -0.91 -3.00
C PHE B 472 -21.63 -2.25 -3.33
N PHE B 473 -22.68 -2.22 -4.11
CA PHE B 473 -23.12 -3.38 -4.83
C PHE B 473 -23.76 -2.87 -6.13
N ILE B 474 -24.00 -3.77 -7.07
CA ILE B 474 -24.56 -3.37 -8.37
C ILE B 474 -26.07 -3.42 -8.18
N GLY B 475 -26.73 -2.28 -8.13
CA GLY B 475 -28.15 -2.24 -8.01
C GLY B 475 -28.84 -2.75 -9.26
N PRO B 476 -30.13 -3.15 -9.14
CA PRO B 476 -30.81 -3.75 -10.29
C PRO B 476 -31.04 -2.76 -11.43
N ASN B 477 -31.02 -1.46 -11.14
CA ASN B 477 -31.08 -0.42 -12.18
C ASN B 477 -29.76 0.31 -12.46
N GLN B 478 -28.66 -0.26 -12.00
CA GLN B 478 -27.38 0.47 -12.09
C GLN B 478 -27.14 0.96 -13.49
N PHE B 479 -27.39 0.13 -14.47
CA PHE B 479 -27.04 0.44 -15.85
C PHE B 479 -28.18 0.69 -16.86
N GLU B 480 -29.41 0.80 -16.41
CA GLU B 480 -30.53 1.08 -17.33
C GLU B 480 -30.46 2.52 -17.88
N ASN B 481 -30.94 2.74 -19.07
CA ASN B 481 -30.80 4.11 -19.66
C ASN B 481 -29.35 4.55 -19.91
N LEU B 482 -28.39 3.62 -19.89
CA LEU B 482 -27.06 3.93 -20.41
C LEU B 482 -27.02 3.59 -21.84
N PRO B 483 -26.19 4.33 -22.60
CA PRO B 483 -25.95 3.84 -23.95
C PRO B 483 -25.16 2.56 -23.93
N ASP B 484 -25.02 1.99 -25.11
CA ASP B 484 -24.24 0.81 -25.34
C ASP B 484 -22.78 1.06 -24.91
N ILE B 485 -22.38 0.55 -23.76
CA ILE B 485 -21.01 0.69 -23.24
C ILE B 485 -20.15 -0.47 -23.69
N ALA B 486 -18.98 -0.17 -24.23
CA ALA B 486 -18.02 -1.19 -24.61
C ALA B 486 -16.88 -1.31 -23.60
N CYS B 487 -16.62 -0.24 -22.83
CA CYS B 487 -15.49 -0.14 -21.89
C CYS B 487 -16.01 0.40 -20.60
N LEU B 488 -15.97 -0.42 -19.53
CA LEU B 488 -16.53 -0.01 -18.26
C LEU B 488 -15.51 -0.12 -17.12
N ASN B 489 -15.34 0.96 -16.37
CA ASN B 489 -14.48 0.96 -15.19
C ASN B 489 -15.28 1.11 -13.89
N LEU B 490 -15.23 0.07 -13.06
CA LEU B 490 -15.89 0.09 -11.71
C LEU B 490 -14.84 -0.13 -10.59
N SER B 491 -13.57 0.14 -10.89
CA SER B 491 -12.51 0.03 -9.89
C SER B 491 -12.82 0.75 -8.58
N ALA B 492 -12.51 0.10 -7.48
CA ALA B 492 -12.42 0.79 -6.16
C ALA B 492 -13.71 1.45 -5.79
N ASN B 493 -14.79 0.68 -5.80
CA ASN B 493 -16.07 1.10 -5.29
C ASN B 493 -16.48 0.33 -4.02
N SER B 494 -15.56 -0.41 -3.40
CA SER B 494 -15.96 -1.26 -2.23
C SER B 494 -17.09 -2.18 -2.61
N ASN B 495 -17.08 -2.63 -3.85
CA ASN B 495 -18.20 -3.36 -4.38
C ASN B 495 -18.13 -4.83 -4.03
N ALA B 496 -19.17 -5.30 -3.32
CA ALA B 496 -19.22 -6.68 -2.84
C ALA B 496 -20.26 -7.51 -3.49
N GLN B 497 -20.69 -7.11 -4.69
CA GLN B 497 -21.70 -7.83 -5.42
C GLN B 497 -21.44 -9.32 -5.56
N VAL B 498 -22.48 -10.12 -5.33
CA VAL B 498 -22.42 -11.56 -5.67
C VAL B 498 -22.81 -11.70 -7.15
N LEU B 499 -21.84 -11.96 -8.00
CA LEU B 499 -22.11 -11.96 -9.43
C LEU B 499 -22.78 -13.26 -9.78
N SER B 500 -23.92 -13.14 -10.46
CA SER B 500 -24.82 -14.26 -10.71
C SER B 500 -25.24 -14.39 -12.19
N GLY B 501 -24.89 -13.44 -13.03
CA GLY B 501 -25.15 -13.58 -14.47
C GLY B 501 -26.19 -12.62 -14.97
N THR B 502 -26.62 -11.68 -14.14
CA THR B 502 -27.73 -10.80 -14.52
C THR B 502 -27.46 -9.31 -14.32
N GLU B 503 -26.34 -9.00 -13.64
CA GLU B 503 -26.10 -7.64 -13.17
C GLU B 503 -25.76 -6.73 -14.30
N PHE B 504 -25.11 -7.28 -15.34
CA PHE B 504 -24.71 -6.43 -16.48
C PHE B 504 -25.58 -6.54 -17.80
N SER B 505 -26.78 -7.08 -17.69
CA SER B 505 -27.57 -7.43 -18.89
C SER B 505 -28.15 -6.19 -19.62
N ALA B 506 -28.22 -5.05 -18.95
CA ALA B 506 -28.62 -3.81 -19.59
C ALA B 506 -27.52 -3.16 -20.41
N ILE B 507 -26.29 -3.64 -20.27
CA ILE B 507 -25.14 -3.20 -21.09
C ILE B 507 -24.35 -4.44 -21.48
N PRO B 508 -24.97 -5.31 -22.30
CA PRO B 508 -24.36 -6.61 -22.57
C PRO B 508 -23.21 -6.57 -23.53
N HIS B 509 -22.87 -5.41 -24.06
CA HIS B 509 -21.78 -5.36 -25.02
C HIS B 509 -20.47 -4.83 -24.47
N VAL B 510 -20.28 -4.92 -23.14
CA VAL B 510 -18.98 -4.54 -22.53
C VAL B 510 -17.95 -5.53 -23.01
N LYS B 511 -16.87 -5.01 -23.57
CA LYS B 511 -15.72 -5.82 -24.00
C LYS B 511 -14.53 -5.78 -23.03
N TYR B 512 -14.36 -4.67 -22.32
CA TYR B 512 -13.24 -4.42 -21.40
C TYR B 512 -13.89 -3.98 -20.10
N LEU B 513 -13.78 -4.83 -19.08
CA LEU B 513 -14.40 -4.57 -17.79
C LEU B 513 -13.31 -4.53 -16.69
N ASP B 514 -13.14 -3.36 -16.06
CA ASP B 514 -12.20 -3.17 -14.96
C ASP B 514 -12.96 -3.20 -13.64
N LEU B 515 -12.76 -4.27 -12.89
CA LEU B 515 -13.38 -4.47 -11.56
C LEU B 515 -12.32 -4.45 -10.42
N THR B 516 -11.15 -3.90 -10.69
CA THR B 516 -10.04 -3.97 -9.76
C THR B 516 -10.39 -3.33 -8.41
N ASN B 517 -9.70 -3.78 -7.38
CA ASN B 517 -9.86 -3.18 -6.10
C ASN B 517 -11.26 -3.19 -5.52
N ASN B 518 -11.94 -4.30 -5.60
CA ASN B 518 -13.23 -4.39 -5.02
C ASN B 518 -13.30 -5.61 -4.14
N ARG B 519 -14.50 -5.98 -3.73
CA ARG B 519 -14.69 -7.11 -2.81
C ARG B 519 -15.66 -8.15 -3.41
N LEU B 520 -15.41 -8.53 -4.65
CA LEU B 520 -16.40 -9.25 -5.41
C LEU B 520 -16.42 -10.74 -5.12
N ASP B 521 -17.63 -11.27 -5.17
CA ASP B 521 -17.84 -12.70 -5.10
C ASP B 521 -18.14 -13.20 -6.50
N PHE B 522 -17.26 -14.02 -7.03
CA PHE B 522 -17.50 -14.64 -8.36
C PHE B 522 -17.44 -16.16 -8.23
N ASP B 523 -18.08 -16.66 -7.17
CA ASP B 523 -18.22 -18.10 -6.88
C ASP B 523 -19.23 -18.82 -7.83
N ASN B 524 -20.32 -18.14 -8.20
CA ASN B 524 -21.31 -18.70 -9.14
C ASN B 524 -20.68 -18.88 -10.56
N ALA B 525 -20.90 -20.03 -11.19
CA ALA B 525 -20.34 -20.34 -12.47
C ALA B 525 -20.91 -19.44 -13.51
N SER B 526 -22.01 -18.77 -13.21
CA SER B 526 -22.62 -17.85 -14.14
C SER B 526 -22.14 -16.40 -14.06
N ALA B 527 -21.24 -16.13 -13.13
CA ALA B 527 -20.78 -14.75 -12.93
C ALA B 527 -20.35 -14.13 -14.25
N LEU B 528 -20.87 -12.93 -14.54
CA LEU B 528 -20.44 -12.17 -15.71
C LEU B 528 -20.73 -12.79 -17.10
N THR B 529 -21.46 -13.90 -17.17
CA THR B 529 -21.65 -14.62 -18.43
C THR B 529 -22.57 -13.84 -19.36
N GLU B 530 -23.39 -12.95 -18.80
CA GLU B 530 -24.22 -12.10 -19.61
C GLU B 530 -23.43 -11.18 -20.56
N LEU B 531 -22.12 -11.03 -20.28
CA LEU B 531 -21.22 -10.22 -21.15
C LEU B 531 -20.56 -11.17 -22.13
N SER B 532 -21.36 -11.66 -23.06
CA SER B 532 -20.94 -12.77 -23.90
C SER B 532 -19.85 -12.32 -24.87
N ASP B 533 -19.70 -11.01 -25.06
CA ASP B 533 -18.58 -10.49 -25.86
C ASP B 533 -17.31 -10.09 -25.08
N LEU B 534 -17.28 -10.34 -23.78
CA LEU B 534 -16.14 -9.89 -22.94
C LEU B 534 -14.82 -10.36 -23.44
N GLU B 535 -13.90 -9.42 -23.65
CA GLU B 535 -12.54 -9.79 -24.08
C GLU B 535 -11.48 -9.60 -22.99
N VAL B 536 -11.63 -8.55 -22.17
CA VAL B 536 -10.65 -8.21 -21.17
C VAL B 536 -11.37 -8.05 -19.85
N LEU B 537 -10.96 -8.82 -18.84
CA LEU B 537 -11.48 -8.74 -17.49
C LEU B 537 -10.37 -8.53 -16.47
N ASP B 538 -10.43 -7.42 -15.72
CA ASP B 538 -9.39 -7.11 -14.73
C ASP B 538 -9.98 -7.21 -13.31
N LEU B 539 -9.51 -8.20 -12.56
CA LEU B 539 -9.94 -8.45 -11.21
C LEU B 539 -8.78 -8.24 -10.21
N SER B 540 -7.73 -7.52 -10.62
CA SER B 540 -6.62 -7.25 -9.73
C SER B 540 -7.09 -6.73 -8.34
N TYR B 541 -6.48 -7.22 -7.27
CA TYR B 541 -6.70 -6.72 -5.93
C TYR B 541 -8.10 -6.91 -5.43
N ASN B 542 -8.77 -7.95 -5.87
CA ASN B 542 -10.05 -8.27 -5.33
C ASN B 542 -9.91 -9.14 -4.08
N SER B 543 -10.76 -8.97 -3.12
CA SER B 543 -10.63 -9.80 -1.93
C SER B 543 -11.97 -9.75 -1.26
N HIS B 544 -12.12 -10.43 -0.15
CA HIS B 544 -13.44 -10.55 0.40
C HIS B 544 -13.83 -9.32 1.22
N TYR B 545 -15.13 -8.99 1.25
CA TYR B 545 -15.60 -7.79 2.00
C TYR B 545 -15.42 -7.88 3.53
N PHE B 546 -14.48 -8.76 3.94
CA PHE B 546 -14.01 -8.91 5.32
C PHE B 546 -12.49 -8.88 5.41
N ARG B 547 -11.80 -9.06 4.29
CA ARG B 547 -10.34 -9.03 4.26
C ARG B 547 -9.71 -10.02 5.24
N ILE B 548 -10.12 -11.26 5.11
CA ILE B 548 -9.73 -12.34 6.01
C ILE B 548 -8.97 -13.41 5.22
N ALA B 549 -7.78 -13.76 5.71
CA ALA B 549 -7.05 -14.92 5.19
C ALA B 549 -7.91 -16.18 5.37
N GLY B 550 -8.22 -16.81 4.25
CA GLY B 550 -9.07 -18.01 4.24
C GLY B 550 -10.09 -18.14 3.09
N VAL B 551 -10.34 -17.04 2.38
CA VAL B 551 -11.33 -16.98 1.32
C VAL B 551 -11.01 -17.99 0.21
N THR B 552 -12.02 -18.73 -0.21
CA THR B 552 -11.88 -19.70 -1.31
C THR B 552 -12.50 -19.21 -2.62
N HIS B 553 -12.07 -19.83 -3.72
CA HIS B 553 -12.43 -19.40 -5.07
C HIS B 553 -12.98 -20.52 -5.90
N HIS B 554 -13.82 -20.17 -6.86
CA HIS B 554 -14.37 -21.10 -7.84
C HIS B 554 -14.23 -20.35 -9.16
N LEU B 555 -13.54 -20.93 -10.13
CA LEU B 555 -13.16 -20.18 -11.33
C LEU B 555 -13.83 -20.77 -12.56
N GLU B 556 -14.89 -21.52 -12.33
CA GLU B 556 -15.61 -22.15 -13.42
C GLU B 556 -16.19 -21.12 -14.42
N PHE B 557 -16.51 -19.90 -13.98
CA PHE B 557 -17.14 -18.91 -14.87
C PHE B 557 -16.28 -18.64 -16.09
N ILE B 558 -14.98 -18.81 -15.92
CA ILE B 558 -14.06 -18.46 -16.99
C ILE B 558 -14.39 -19.24 -18.30
N GLN B 559 -14.72 -20.53 -18.20
CA GLN B 559 -14.95 -21.38 -19.40
C GLN B 559 -16.07 -20.88 -20.27
N ASN B 560 -17.07 -20.22 -19.70
CA ASN B 560 -18.28 -19.91 -20.41
C ASN B 560 -18.08 -18.87 -21.52
N PHE B 561 -16.98 -18.11 -21.50
CA PHE B 561 -16.74 -17.07 -22.49
C PHE B 561 -16.04 -17.58 -23.78
N THR B 562 -16.59 -17.13 -24.89
CA THR B 562 -16.23 -17.55 -26.19
C THR B 562 -15.09 -16.68 -26.75
N ASN B 563 -15.03 -15.42 -26.31
CA ASN B 563 -14.13 -14.41 -26.83
C ASN B 563 -13.24 -13.78 -25.74
N LEU B 564 -13.11 -14.38 -24.57
CA LEU B 564 -12.30 -13.79 -23.52
C LEU B 564 -10.78 -13.98 -23.79
N LYS B 565 -10.04 -12.86 -23.83
CA LYS B 565 -8.62 -12.87 -24.19
C LYS B 565 -7.62 -12.65 -23.06
N VAL B 566 -7.92 -11.68 -22.20
CA VAL B 566 -7.03 -11.28 -21.14
C VAL B 566 -7.72 -11.34 -19.78
N LEU B 567 -7.19 -12.11 -18.86
CA LEU B 567 -7.78 -12.20 -17.51
C LEU B 567 -6.73 -11.88 -16.50
N ASN B 568 -7.02 -10.92 -15.63
CA ASN B 568 -6.03 -10.54 -14.62
C ASN B 568 -6.59 -10.86 -13.26
N LEU B 569 -5.94 -11.84 -12.61
CA LEU B 569 -6.33 -12.29 -11.28
C LEU B 569 -5.21 -11.94 -10.23
N SER B 570 -4.44 -10.89 -10.48
CA SER B 570 -3.32 -10.55 -9.64
C SER B 570 -3.76 -10.12 -8.25
N HIS B 571 -2.92 -10.48 -7.28
CA HIS B 571 -3.18 -10.20 -5.89
C HIS B 571 -4.58 -10.50 -5.45
N ASN B 572 -5.07 -11.68 -5.82
CA ASN B 572 -6.31 -12.24 -5.25
C ASN B 572 -6.05 -13.26 -4.14
N ASN B 573 -4.79 -13.51 -3.79
CA ASN B 573 -4.42 -14.51 -2.77
C ASN B 573 -5.19 -15.79 -2.90
N ILE B 574 -5.17 -16.32 -4.11
CA ILE B 574 -5.83 -17.58 -4.37
C ILE B 574 -4.95 -18.73 -3.86
N TYR B 575 -5.51 -19.55 -2.97
CA TYR B 575 -4.84 -20.73 -2.42
C TYR B 575 -5.62 -22.06 -2.53
N THR B 576 -6.93 -22.01 -2.77
CA THR B 576 -7.72 -23.21 -3.15
C THR B 576 -8.89 -22.87 -4.02
N LEU B 577 -9.26 -23.84 -4.84
CA LEU B 577 -10.49 -23.80 -5.61
C LEU B 577 -11.40 -24.93 -5.12
N THR B 578 -12.70 -24.69 -5.16
CA THR B 578 -13.68 -25.64 -4.63
C THR B 578 -14.43 -26.32 -5.78
N ASP B 579 -14.54 -27.65 -5.69
CA ASP B 579 -15.19 -28.51 -6.69
C ASP B 579 -14.38 -28.65 -8.00
N LYS B 580 -14.21 -27.53 -8.73
CA LYS B 580 -13.46 -27.51 -9.99
C LYS B 580 -12.04 -27.01 -9.77
N TYR B 581 -11.06 -27.84 -10.14
CA TYR B 581 -9.65 -27.53 -9.89
C TYR B 581 -8.89 -27.10 -11.13
N ASN B 582 -9.59 -26.94 -12.26
CA ASN B 582 -8.95 -26.59 -13.54
C ASN B 582 -9.55 -25.36 -14.16
N LEU B 583 -8.68 -24.46 -14.60
CA LEU B 583 -9.17 -23.32 -15.37
C LEU B 583 -9.27 -23.77 -16.79
N GLU B 584 -10.32 -23.36 -17.49
CA GLU B 584 -10.49 -23.78 -18.86
C GLU B 584 -10.98 -22.67 -19.77
N SER B 585 -10.46 -22.63 -20.99
CA SER B 585 -10.86 -21.63 -21.99
C SER B 585 -10.20 -21.93 -23.32
N LYS B 586 -11.00 -21.84 -24.37
CA LYS B 586 -10.53 -21.99 -25.73
C LYS B 586 -9.99 -20.66 -26.27
N SER B 587 -10.43 -19.54 -25.71
CA SER B 587 -10.11 -18.22 -26.26
C SER B 587 -8.91 -17.53 -25.54
N LEU B 588 -8.67 -17.83 -24.27
CA LEU B 588 -7.77 -16.98 -23.45
C LEU B 588 -6.32 -17.03 -23.91
N VAL B 589 -5.75 -15.86 -24.05
CA VAL B 589 -4.40 -15.70 -24.54
C VAL B 589 -3.45 -15.30 -23.38
N GLU B 590 -3.99 -14.61 -22.37
CA GLU B 590 -3.16 -13.98 -21.36
C GLU B 590 -3.78 -14.15 -20.01
N LEU B 591 -3.09 -14.86 -19.12
CA LEU B 591 -3.52 -14.98 -17.72
C LEU B 591 -2.45 -14.33 -16.78
N VAL B 592 -2.88 -13.35 -16.01
CA VAL B 592 -1.99 -12.75 -14.99
C VAL B 592 -2.40 -13.33 -13.66
N PHE B 593 -1.48 -14.08 -13.04
CA PHE B 593 -1.76 -14.83 -11.85
C PHE B 593 -0.80 -14.48 -10.73
N SER B 594 -0.23 -13.29 -10.82
CA SER B 594 0.72 -12.84 -9.84
C SER B 594 0.06 -12.64 -8.53
N GLY B 595 0.83 -12.79 -7.46
CA GLY B 595 0.34 -12.43 -6.13
C GLY B 595 -0.75 -13.32 -5.64
N ASN B 596 -0.66 -14.58 -6.00
CA ASN B 596 -1.51 -15.63 -5.43
C ASN B 596 -0.63 -16.72 -4.77
N ARG B 597 -1.20 -17.89 -4.46
CA ARG B 597 -0.51 -18.91 -3.71
C ARG B 597 -0.36 -20.24 -4.46
N LEU B 598 0.32 -20.19 -5.61
CA LEU B 598 0.61 -21.42 -6.35
C LEU B 598 1.56 -22.34 -5.58
N ASP B 599 2.32 -21.76 -4.63
CA ASP B 599 3.10 -22.57 -3.72
C ASP B 599 2.20 -23.55 -2.95
N ILE B 600 1.06 -23.08 -2.46
CA ILE B 600 0.12 -23.94 -1.76
C ILE B 600 -0.63 -24.83 -2.73
N LEU B 601 -1.09 -24.24 -3.83
CA LEU B 601 -1.89 -25.03 -4.79
C LEU B 601 -1.09 -26.26 -5.29
N TRP B 602 0.18 -26.05 -5.60
CA TRP B 602 1.04 -27.10 -6.13
C TRP B 602 1.77 -27.97 -5.11
N ASN B 603 1.60 -27.71 -3.81
CA ASN B 603 2.07 -28.62 -2.75
C ASN B 603 0.92 -29.36 -2.13
N ASP B 604 -0.19 -29.40 -2.86
CA ASP B 604 -1.38 -30.16 -2.46
C ASP B 604 -1.11 -31.66 -2.31
N ASP B 605 -1.63 -32.23 -1.23
CA ASP B 605 -1.38 -33.64 -0.93
C ASP B 605 -1.89 -34.58 -2.01
N ASP B 606 -3.10 -34.34 -2.49
CA ASP B 606 -3.66 -35.16 -3.58
C ASP B 606 -3.34 -34.65 -5.01
N ASN B 607 -2.39 -33.74 -5.18
CA ASN B 607 -2.04 -33.21 -6.51
C ASN B 607 -3.25 -32.76 -7.35
N ARG B 608 -4.26 -32.18 -6.70
CA ARG B 608 -5.47 -31.73 -7.39
C ARG B 608 -5.25 -30.63 -8.47
N TYR B 609 -4.16 -29.86 -8.37
CA TYR B 609 -3.91 -28.67 -9.20
C TYR B 609 -2.74 -28.85 -10.15
N ILE B 610 -2.33 -30.09 -10.35
CA ILE B 610 -1.25 -30.43 -11.25
C ILE B 610 -1.56 -30.00 -12.70
N SER B 611 -2.83 -29.85 -13.03
CA SER B 611 -3.24 -29.49 -14.39
C SER B 611 -3.95 -28.14 -14.46
N ILE B 612 -3.71 -27.30 -13.46
CA ILE B 612 -4.58 -26.14 -13.21
C ILE B 612 -4.79 -25.20 -14.42
N PHE B 613 -3.72 -24.94 -15.15
CA PHE B 613 -3.76 -24.10 -16.36
C PHE B 613 -3.77 -24.88 -17.70
N LYS B 614 -3.61 -26.21 -17.64
CA LYS B 614 -3.65 -27.15 -18.80
C LYS B 614 -4.72 -26.78 -19.78
N GLY B 615 -5.91 -26.59 -19.25
CA GLY B 615 -7.10 -26.34 -20.07
C GLY B 615 -7.21 -24.97 -20.74
N LEU B 616 -6.20 -24.11 -20.59
CA LEU B 616 -6.21 -22.85 -21.32
C LEU B 616 -5.47 -23.09 -22.62
N LYS B 617 -6.23 -23.51 -23.63
CA LYS B 617 -5.63 -24.08 -24.86
C LYS B 617 -5.02 -23.04 -25.77
N ASN B 618 -5.41 -21.77 -25.63
CA ASN B 618 -4.88 -20.77 -26.49
C ASN B 618 -3.85 -19.91 -25.77
N LEU B 619 -3.40 -20.30 -24.57
CA LEU B 619 -2.61 -19.37 -23.74
C LEU B 619 -1.23 -19.12 -24.30
N THR B 620 -0.90 -17.86 -24.55
CA THR B 620 0.48 -17.50 -24.94
C THR B 620 1.28 -16.72 -23.87
N ARG B 621 0.61 -16.05 -22.95
CA ARG B 621 1.34 -15.27 -21.92
C ARG B 621 0.82 -15.60 -20.57
N LEU B 622 1.72 -15.98 -19.69
CA LEU B 622 1.33 -16.36 -18.33
C LEU B 622 2.30 -15.73 -17.28
N ASP B 623 1.72 -15.17 -16.23
CA ASP B 623 2.45 -14.47 -15.17
C ASP B 623 2.18 -15.17 -13.87
N LEU B 624 3.23 -15.78 -13.35
CA LEU B 624 3.17 -16.48 -12.08
C LEU B 624 4.16 -15.82 -11.10
N SER B 625 4.47 -14.57 -11.34
CA SER B 625 5.32 -13.83 -10.39
C SER B 625 4.64 -13.74 -9.04
N LEU B 626 5.44 -13.60 -7.99
CA LEU B 626 4.95 -13.30 -6.65
C LEU B 626 4.01 -14.34 -6.17
N ASN B 627 4.34 -15.59 -6.44
CA ASN B 627 3.56 -16.70 -5.90
C ASN B 627 4.31 -17.51 -4.85
N ARG B 628 5.40 -16.96 -4.33
CA ARG B 628 6.16 -17.60 -3.24
C ARG B 628 6.60 -19.03 -3.59
N LEU B 629 6.96 -19.24 -4.85
CA LEU B 629 7.35 -20.54 -5.31
C LEU B 629 8.82 -20.87 -5.03
N LYS B 630 8.99 -21.99 -4.35
CA LYS B 630 10.29 -22.57 -4.01
C LYS B 630 10.69 -23.63 -5.03
N HIS B 631 9.70 -24.36 -5.51
CA HIS B 631 9.92 -25.46 -6.38
C HIS B 631 8.60 -25.75 -7.09
N ILE B 632 8.63 -25.82 -8.41
CA ILE B 632 7.48 -26.25 -9.18
C ILE B 632 7.61 -27.75 -9.51
N PRO B 633 6.64 -28.58 -9.08
CA PRO B 633 6.69 -30.02 -9.40
C PRO B 633 6.91 -30.21 -10.87
N ASN B 634 7.75 -31.19 -11.22
CA ASN B 634 8.11 -31.42 -12.60
C ASN B 634 6.89 -31.58 -13.50
N GLU B 635 5.91 -32.37 -13.08
CA GLU B 635 4.75 -32.62 -13.95
C GLU B 635 3.78 -31.43 -13.94
N ALA B 636 3.85 -30.57 -12.92
CA ALA B 636 3.05 -29.35 -12.91
C ALA B 636 3.58 -28.43 -13.97
N PHE B 637 4.89 -28.32 -14.06
CA PHE B 637 5.48 -27.48 -15.09
C PHE B 637 5.11 -27.98 -16.48
N LEU B 638 5.05 -29.30 -16.67
CA LEU B 638 4.80 -29.89 -18.00
C LEU B 638 3.35 -29.74 -18.40
N ASN B 639 2.50 -29.57 -17.40
CA ASN B 639 1.09 -29.26 -17.61
C ASN B 639 0.71 -27.79 -17.86
N LEU B 640 1.69 -26.91 -17.98
CA LEU B 640 1.44 -25.56 -18.48
C LEU B 640 1.21 -25.67 -20.00
N PRO B 641 0.46 -24.74 -20.59
CA PRO B 641 0.11 -24.88 -21.99
C PRO B 641 1.32 -24.82 -22.91
N ALA B 642 1.29 -25.67 -23.91
CA ALA B 642 2.38 -25.84 -24.79
C ALA B 642 2.36 -24.71 -25.77
N SER B 643 1.22 -24.06 -25.88
CA SER B 643 1.11 -22.77 -26.61
C SER B 643 1.91 -21.55 -26.01
N LEU B 644 2.41 -21.61 -24.80
CA LEU B 644 3.05 -20.38 -24.22
C LEU B 644 4.20 -19.83 -25.00
N THR B 645 4.17 -18.53 -25.25
CA THR B 645 5.32 -17.87 -25.82
C THR B 645 6.04 -16.99 -24.78
N GLU B 646 5.40 -16.69 -23.66
CA GLU B 646 5.96 -15.72 -22.70
C GLU B 646 5.59 -16.14 -21.30
N LEU B 647 6.58 -16.56 -20.52
CA LEU B 647 6.29 -17.11 -19.20
C LEU B 647 7.11 -16.35 -18.15
N HIS B 648 6.44 -15.83 -17.12
CA HIS B 648 7.08 -15.01 -16.09
C HIS B 648 6.94 -15.75 -14.78
N ILE B 649 8.08 -16.03 -14.15
CA ILE B 649 8.08 -16.65 -12.82
C ILE B 649 9.06 -15.84 -11.93
N ASN B 650 9.19 -14.57 -12.26
CA ASN B 650 10.03 -13.69 -11.47
C ASN B 650 9.54 -13.50 -10.05
N ASP B 651 10.44 -13.04 -9.18
CA ASP B 651 10.12 -12.72 -7.76
C ASP B 651 9.32 -13.81 -7.09
N ASN B 652 9.87 -14.99 -7.11
CA ASN B 652 9.43 -16.09 -6.31
C ASN B 652 10.68 -16.45 -5.57
N MET B 653 10.79 -17.67 -5.04
CA MET B 653 12.07 -18.10 -4.53
C MET B 653 12.47 -19.46 -5.05
N LEU B 654 12.71 -19.51 -6.33
CA LEU B 654 13.11 -20.76 -6.97
C LEU B 654 14.57 -21.12 -6.67
N LYS B 655 14.77 -22.36 -6.19
CA LYS B 655 16.10 -22.91 -5.88
C LYS B 655 16.66 -23.64 -7.10
N PHE B 656 15.78 -24.32 -7.82
CA PHE B 656 16.19 -25.07 -9.02
C PHE B 656 15.21 -24.76 -10.14
N PHE B 657 15.72 -24.83 -11.36
CA PHE B 657 14.86 -24.84 -12.55
C PHE B 657 15.28 -25.98 -13.45
N ASN B 658 14.31 -26.84 -13.75
CA ASN B 658 14.53 -27.94 -14.64
C ASN B 658 14.52 -27.48 -16.10
N TRP B 659 15.66 -27.03 -16.55
CA TRP B 659 15.87 -26.67 -17.93
C TRP B 659 15.41 -27.70 -18.95
N THR B 660 15.46 -28.99 -18.62
CA THR B 660 15.13 -30.01 -19.64
C THR B 660 13.68 -29.88 -20.08
N LEU B 661 12.81 -29.40 -19.18
CA LEU B 661 11.39 -29.30 -19.47
C LEU B 661 11.04 -28.27 -20.53
N LEU B 662 11.96 -27.36 -20.89
CA LEU B 662 11.68 -26.44 -21.99
C LEU B 662 11.41 -27.14 -23.34
N GLN B 663 11.76 -28.43 -23.41
CA GLN B 663 11.42 -29.29 -24.54
C GLN B 663 9.96 -29.37 -24.79
N GLN B 664 9.14 -29.33 -23.75
CA GLN B 664 7.70 -29.38 -23.96
C GLN B 664 7.09 -28.03 -24.40
N PHE B 665 7.91 -27.01 -24.68
CA PHE B 665 7.39 -25.66 -24.98
C PHE B 665 8.06 -25.12 -26.22
N PRO B 666 7.61 -25.65 -27.37
CA PRO B 666 8.27 -25.37 -28.59
C PRO B 666 8.02 -23.98 -29.10
N ARG B 667 7.07 -23.24 -28.52
CA ARG B 667 6.85 -21.85 -28.92
C ARG B 667 7.51 -20.78 -27.99
N LEU B 668 8.10 -21.20 -26.87
CA LEU B 668 8.55 -20.23 -25.86
C LEU B 668 9.64 -19.27 -26.37
N GLU B 669 9.35 -17.97 -26.29
CA GLU B 669 10.28 -16.96 -26.77
C GLU B 669 10.93 -16.25 -25.60
N LEU B 670 10.20 -16.14 -24.50
CA LEU B 670 10.61 -15.28 -23.40
C LEU B 670 10.36 -16.03 -22.13
N LEU B 671 11.43 -16.22 -21.37
CA LEU B 671 11.33 -16.89 -20.06
C LEU B 671 11.96 -15.94 -19.02
N ASP B 672 11.19 -15.59 -18.01
CA ASP B 672 11.56 -14.56 -17.04
C ASP B 672 11.59 -15.19 -15.67
N LEU B 673 12.81 -15.30 -15.15
CA LEU B 673 13.08 -15.93 -13.85
C LEU B 673 13.85 -14.99 -12.89
N ARG B 674 13.87 -13.70 -13.21
CA ARG B 674 14.44 -12.67 -12.34
C ARG B 674 14.00 -12.79 -10.92
N GLY B 675 14.87 -12.38 -10.00
CA GLY B 675 14.44 -12.31 -8.60
C GLY B 675 14.05 -13.63 -7.99
N ASN B 676 14.87 -14.66 -8.23
CA ASN B 676 14.73 -15.95 -7.48
C ASN B 676 16.06 -16.37 -6.79
N LYS B 677 16.25 -17.66 -6.53
CA LYS B 677 17.47 -18.14 -5.83
C LYS B 677 18.23 -19.23 -6.60
N LEU B 678 18.35 -19.06 -7.91
CA LEU B 678 18.84 -20.16 -8.74
C LEU B 678 20.36 -20.18 -8.76
N LEU B 679 20.88 -21.40 -8.78
CA LEU B 679 22.30 -21.67 -8.65
C LEU B 679 22.97 -22.10 -9.93
N PHE B 680 22.27 -22.84 -10.78
CA PHE B 680 22.92 -23.44 -11.92
C PHE B 680 22.17 -23.23 -13.22
N LEU B 681 22.92 -23.07 -14.30
CA LEU B 681 22.41 -23.10 -15.63
C LEU B 681 22.84 -24.39 -16.28
N THR B 682 21.91 -25.03 -16.99
CA THR B 682 22.26 -26.16 -17.84
C THR B 682 23.39 -25.76 -18.81
N ASP B 683 24.20 -26.72 -19.20
CA ASP B 683 25.29 -26.48 -20.19
C ASP B 683 24.86 -26.81 -21.61
N SER B 684 23.70 -27.46 -21.79
CA SER B 684 23.22 -27.81 -23.14
C SER B 684 21.81 -27.24 -23.39
N LEU B 685 21.70 -25.92 -23.43
CA LEU B 685 20.39 -25.28 -23.55
C LEU B 685 19.74 -25.50 -24.92
N SER B 686 20.57 -25.51 -25.95
CA SER B 686 20.14 -25.72 -27.32
C SER B 686 19.52 -27.12 -27.56
N ASP B 687 19.80 -28.08 -26.69
CA ASP B 687 19.05 -29.33 -26.69
C ASP B 687 17.60 -29.17 -26.28
N PHE B 688 17.29 -28.10 -25.55
CA PHE B 688 15.97 -28.00 -24.95
C PHE B 688 15.07 -26.98 -25.62
N THR B 689 15.63 -26.07 -26.42
CA THR B 689 14.79 -25.12 -27.17
C THR B 689 15.51 -24.62 -28.39
N SER B 690 14.76 -24.32 -29.44
CA SER B 690 15.27 -23.51 -30.55
C SER B 690 14.44 -22.25 -30.70
N SER B 691 13.49 -22.02 -29.78
CA SER B 691 12.59 -20.89 -29.86
C SER B 691 12.99 -19.71 -28.94
N LEU B 692 13.66 -20.00 -27.82
CA LEU B 692 13.88 -18.99 -26.77
C LEU B 692 14.74 -17.83 -27.22
N ARG B 693 14.18 -16.63 -27.18
CA ARG B 693 14.86 -15.42 -27.64
C ARG B 693 15.32 -14.53 -26.48
N THR B 694 14.53 -14.54 -25.40
CA THR B 694 14.81 -13.68 -24.28
C THR B 694 14.78 -14.50 -23.03
N LEU B 695 15.89 -14.48 -22.31
CA LEU B 695 15.99 -15.19 -21.04
C LEU B 695 16.47 -14.21 -19.98
N LEU B 696 15.67 -14.03 -18.96
CA LEU B 696 15.95 -13.06 -17.89
C LEU B 696 16.22 -13.79 -16.58
N LEU B 697 17.46 -13.64 -16.07
CA LEU B 697 17.97 -14.34 -14.91
C LEU B 697 18.60 -13.41 -13.85
N SER B 698 18.43 -12.10 -13.97
CA SER B 698 18.97 -11.22 -12.97
C SER B 698 18.44 -11.48 -11.58
N HIS B 699 19.22 -11.05 -10.59
CA HIS B 699 18.86 -11.30 -9.17
C HIS B 699 18.63 -12.78 -8.85
N ASN B 700 19.60 -13.60 -9.25
CA ASN B 700 19.68 -14.99 -8.79
C ASN B 700 21.04 -15.28 -8.17
N ARG B 701 21.44 -16.55 -8.02
CA ARG B 701 22.70 -16.90 -7.31
C ARG B 701 23.61 -17.72 -8.19
N ILE B 702 23.70 -17.32 -9.43
CA ILE B 702 24.49 -18.02 -10.38
C ILE B 702 25.92 -17.52 -10.30
N SER B 703 26.83 -18.49 -10.08
CA SER B 703 28.26 -18.23 -9.99
C SER B 703 29.04 -18.84 -11.12
N HIS B 704 28.42 -19.65 -11.96
CA HIS B 704 29.19 -20.25 -13.06
C HIS B 704 28.42 -20.26 -14.39
N LEU B 705 29.05 -19.71 -15.43
CA LEU B 705 28.48 -19.67 -16.77
C LEU B 705 29.13 -20.75 -17.67
N PRO B 706 28.38 -21.81 -18.03
CA PRO B 706 28.97 -22.93 -18.78
C PRO B 706 29.68 -22.52 -20.09
N SER B 707 30.86 -23.09 -20.35
CA SER B 707 31.61 -22.88 -21.64
C SER B 707 30.71 -23.27 -22.82
N GLY B 708 29.82 -24.23 -22.58
CA GLY B 708 28.78 -24.58 -23.52
C GLY B 708 27.73 -23.49 -23.72
N PHE B 709 27.44 -22.71 -22.70
CA PHE B 709 26.38 -21.68 -22.77
C PHE B 709 26.78 -20.66 -23.85
N LEU B 710 25.79 -20.26 -24.65
CA LEU B 710 26.02 -19.89 -26.05
C LEU B 710 26.39 -21.22 -26.71
N SER B 711 25.38 -22.10 -26.77
CA SER B 711 25.54 -23.52 -27.14
C SER B 711 26.31 -23.82 -28.46
N GLU B 712 26.20 -22.97 -29.48
CA GLU B 712 25.40 -21.78 -29.42
C GLU B 712 23.89 -22.02 -29.55
N VAL B 713 23.16 -21.25 -28.76
CA VAL B 713 21.71 -21.17 -28.78
C VAL B 713 21.44 -20.02 -29.71
N SER B 714 21.37 -20.31 -30.98
CA SER B 714 21.35 -19.29 -31.98
C SER B 714 20.17 -18.42 -31.72
N SER B 715 19.12 -19.02 -31.17
CA SER B 715 17.87 -18.31 -30.92
C SER B 715 18.00 -17.16 -29.95
N LEU B 716 18.81 -17.30 -28.91
CA LEU B 716 18.84 -16.29 -27.87
C LEU B 716 19.31 -15.00 -28.42
N LYS B 717 18.51 -13.96 -28.24
CA LYS B 717 18.95 -12.62 -28.63
C LYS B 717 19.23 -11.74 -27.38
N HIS B 718 18.57 -12.02 -26.26
CA HIS B 718 18.70 -11.18 -25.07
C HIS B 718 18.89 -12.06 -23.87
N LEU B 719 20.05 -11.92 -23.21
CA LEU B 719 20.35 -12.74 -22.03
C LEU B 719 20.62 -11.82 -20.86
N ASP B 720 19.87 -11.96 -19.76
CA ASP B 720 20.12 -11.06 -18.67
C ASP B 720 20.61 -11.78 -17.44
N LEU B 721 21.88 -11.59 -17.13
CA LEU B 721 22.55 -12.27 -16.00
C LEU B 721 23.05 -11.26 -14.96
N SER B 722 22.58 -10.01 -15.06
CA SER B 722 22.83 -8.96 -14.05
C SER B 722 22.51 -9.40 -12.63
N SER B 723 23.15 -8.76 -11.67
CA SER B 723 23.00 -9.13 -10.25
C SER B 723 22.95 -10.63 -9.94
N ASN B 724 23.93 -11.36 -10.44
CA ASN B 724 24.14 -12.73 -9.98
C ASN B 724 25.49 -12.78 -9.20
N LEU B 725 26.11 -13.96 -9.11
CA LEU B 725 27.33 -14.12 -8.32
C LEU B 725 28.49 -14.55 -9.17
N LEU B 726 28.54 -14.08 -10.41
CA LEU B 726 29.63 -14.46 -11.32
C LEU B 726 30.88 -13.72 -10.94
N LYS B 727 31.99 -14.46 -10.78
CA LYS B 727 33.30 -13.87 -10.56
C LYS B 727 34.05 -13.72 -11.88
N THR B 728 33.74 -14.57 -12.84
CA THR B 728 34.41 -14.50 -14.12
C THR B 728 33.56 -15.17 -15.19
N ILE B 729 33.86 -14.86 -16.44
CA ILE B 729 33.43 -15.73 -17.52
C ILE B 729 34.65 -16.15 -18.37
N ASN B 730 34.62 -17.41 -18.83
CA ASN B 730 35.77 -18.10 -19.44
C ASN B 730 35.46 -18.71 -20.82
N LYS B 731 36.53 -18.99 -21.55
CA LYS B 731 36.49 -19.87 -22.72
C LYS B 731 35.78 -21.18 -22.39
N THR B 740 27.06 -16.63 -32.00
CA THR B 740 25.96 -16.06 -31.25
C THR B 740 25.20 -15.05 -32.10
N LYS B 741 23.90 -15.28 -32.29
CA LYS B 741 22.99 -14.27 -32.88
C LYS B 741 22.50 -13.33 -31.77
N LEU B 742 23.18 -13.39 -30.65
CA LEU B 742 22.88 -12.63 -29.44
C LEU B 742 23.14 -11.16 -29.68
N SER B 743 22.22 -10.30 -29.25
CA SER B 743 22.39 -8.87 -29.45
C SER B 743 22.34 -8.07 -28.14
N MET B 744 21.96 -8.68 -27.03
CA MET B 744 22.10 -8.01 -25.75
C MET B 744 22.47 -8.97 -24.65
N LEU B 745 23.44 -8.55 -23.85
CA LEU B 745 23.96 -9.39 -22.76
C LEU B 745 24.19 -8.46 -21.58
N GLU B 746 23.52 -8.76 -20.49
CA GLU B 746 23.51 -7.88 -19.34
C GLU B 746 24.29 -8.57 -18.25
N LEU B 747 25.26 -7.86 -17.68
CA LEU B 747 26.19 -8.41 -16.67
C LEU B 747 26.41 -7.59 -15.39
N HIS B 748 25.99 -6.33 -15.40
CA HIS B 748 26.16 -5.42 -14.27
C HIS B 748 25.75 -6.03 -12.94
N GLY B 749 26.48 -5.69 -11.88
CA GLY B 749 26.14 -6.12 -10.53
C GLY B 749 26.59 -7.51 -10.11
N ASN B 750 27.49 -8.09 -10.89
CA ASN B 750 28.20 -9.33 -10.51
C ASN B 750 29.59 -9.01 -9.90
N PRO B 751 30.00 -9.79 -8.89
CA PRO B 751 31.27 -9.58 -8.18
C PRO B 751 32.47 -10.09 -8.94
N PHE B 752 32.86 -9.40 -9.99
CA PHE B 752 33.91 -9.90 -10.85
C PHE B 752 35.27 -9.88 -10.17
N GLU B 753 36.02 -10.95 -10.39
CA GLU B 753 37.41 -11.07 -9.97
C GLU B 753 38.28 -10.54 -11.10
N CYS B 754 38.85 -9.34 -10.92
CA CYS B 754 39.70 -8.75 -11.97
C CYS B 754 41.21 -9.08 -11.88
N THR B 755 41.50 -10.37 -11.82
CA THR B 755 42.83 -10.94 -11.96
C THR B 755 43.02 -11.09 -13.47
N CYS B 756 44.06 -11.78 -13.92
CA CYS B 756 44.23 -11.95 -15.38
C CYS B 756 43.28 -13.06 -15.94
N ASP B 757 42.54 -13.73 -15.06
CA ASP B 757 41.50 -14.69 -15.46
C ASP B 757 40.35 -14.08 -16.28
N ILE B 758 40.02 -12.80 -16.04
CA ILE B 758 38.97 -12.09 -16.82
C ILE B 758 39.43 -11.64 -18.20
N GLY B 759 40.74 -11.71 -18.47
CA GLY B 759 41.26 -11.32 -19.79
C GLY B 759 40.57 -12.05 -20.93
N ASP B 760 40.16 -13.29 -20.68
CA ASP B 760 39.40 -14.07 -21.68
C ASP B 760 38.12 -13.39 -22.10
N PHE B 761 37.34 -12.96 -21.12
CA PHE B 761 36.08 -12.34 -21.39
C PHE B 761 36.28 -11.04 -22.15
N ARG B 762 37.23 -10.24 -21.67
CA ARG B 762 37.58 -8.96 -22.31
C ARG B 762 37.86 -9.05 -23.80
N ARG B 763 38.53 -10.12 -24.22
CA ARG B 763 38.85 -10.29 -25.63
C ARG B 763 37.58 -10.68 -26.41
N TRP B 764 36.81 -11.62 -25.85
CA TRP B 764 35.52 -12.02 -26.42
C TRP B 764 34.61 -10.83 -26.63
N MET B 765 34.70 -9.85 -25.74
CA MET B 765 33.94 -8.59 -25.91
C MET B 765 34.36 -7.87 -27.18
N ASP B 766 35.65 -7.68 -27.37
CA ASP B 766 36.13 -7.02 -28.59
C ASP B 766 35.97 -7.86 -29.87
N GLU B 767 35.87 -9.19 -29.75
CA GLU B 767 35.60 -10.05 -30.92
C GLU B 767 34.12 -10.09 -31.34
N HIS B 768 33.26 -9.42 -30.58
CA HIS B 768 31.82 -9.38 -30.86
C HIS B 768 31.22 -7.99 -30.56
N LEU B 769 31.45 -7.03 -31.42
CA LEU B 769 30.89 -5.70 -31.23
C LEU B 769 29.37 -5.63 -31.31
N ASN B 770 28.77 -6.52 -32.08
CA ASN B 770 27.33 -6.58 -32.27
C ASN B 770 26.58 -6.88 -30.98
N VAL B 771 27.24 -7.52 -30.03
CA VAL B 771 26.59 -7.93 -28.79
C VAL B 771 26.66 -6.74 -27.86
N LYS B 772 25.52 -6.09 -27.66
CA LYS B 772 25.43 -4.89 -26.89
C LYS B 772 25.47 -5.27 -25.39
N ILE B 773 26.28 -4.53 -24.63
CA ILE B 773 26.35 -4.73 -23.18
C ILE B 773 26.07 -3.39 -22.56
N PRO B 774 24.90 -3.24 -21.94
CA PRO B 774 24.56 -1.95 -21.37
C PRO B 774 25.30 -1.74 -20.07
N ARG B 775 25.33 -0.48 -19.62
CA ARG B 775 25.74 -0.16 -18.28
C ARG B 775 27.10 -0.76 -17.97
N LEU B 776 28.05 -0.61 -18.90
CA LEU B 776 29.43 -1.14 -18.73
C LEU B 776 30.09 -0.60 -17.48
N VAL B 777 29.87 0.68 -17.23
CA VAL B 777 30.40 1.35 -16.08
C VAL B 777 29.92 0.69 -14.78
N ASP B 778 28.85 -0.09 -14.83
CA ASP B 778 28.37 -0.80 -13.63
C ASP B 778 28.74 -2.26 -13.57
N VAL B 779 29.54 -2.69 -14.54
CA VAL B 779 30.06 -4.06 -14.55
C VAL B 779 31.43 -3.97 -13.86
N ILE B 780 31.41 -4.30 -12.57
CA ILE B 780 32.42 -3.83 -11.61
C ILE B 780 33.20 -4.97 -10.94
N CYS B 781 34.52 -4.91 -11.02
CA CYS B 781 35.41 -5.75 -10.16
C CYS B 781 35.04 -5.61 -8.69
N ALA B 782 34.78 -6.71 -7.98
CA ALA B 782 34.63 -6.65 -6.52
C ALA B 782 35.92 -7.04 -5.77
N SER B 783 36.89 -7.54 -6.52
CA SER B 783 38.12 -8.13 -6.01
C SER B 783 39.07 -8.15 -7.21
N PRO B 784 40.38 -8.34 -7.00
CA PRO B 784 41.00 -8.23 -5.68
C PRO B 784 40.97 -6.76 -5.20
N GLY B 785 41.31 -6.54 -3.93
CA GLY B 785 41.22 -5.21 -3.29
C GLY B 785 41.66 -4.00 -4.12
N ASP B 786 42.79 -4.12 -4.81
CA ASP B 786 43.34 -3.02 -5.62
C ASP B 786 42.53 -2.73 -6.87
N GLN B 787 41.67 -3.69 -7.25
CA GLN B 787 40.75 -3.49 -8.34
C GLN B 787 39.36 -3.13 -7.86
N ARG B 788 39.03 -3.55 -6.65
CA ARG B 788 37.68 -3.37 -6.17
C ARG B 788 37.12 -2.01 -6.59
N GLY B 789 35.96 -2.02 -7.24
CA GLY B 789 35.25 -0.79 -7.58
C GLY B 789 35.52 -0.23 -8.98
N LYS B 790 36.51 -0.77 -9.71
CA LYS B 790 36.77 -0.32 -11.07
C LYS B 790 35.90 -1.12 -12.07
N SER B 791 35.71 -0.54 -13.26
CA SER B 791 34.99 -1.20 -14.34
C SER B 791 35.89 -2.21 -15.00
N ILE B 792 35.35 -3.35 -15.39
CA ILE B 792 36.19 -4.38 -16.00
C ILE B 792 36.78 -3.92 -17.31
N VAL B 793 36.22 -2.87 -17.90
CA VAL B 793 36.76 -2.38 -19.18
C VAL B 793 38.07 -1.63 -19.03
N SER B 794 38.29 -1.03 -17.85
CA SER B 794 39.53 -0.30 -17.55
C SER B 794 40.45 -1.22 -16.79
N LEU B 795 41.24 -1.98 -17.54
CA LEU B 795 42.06 -3.03 -16.97
C LEU B 795 43.06 -3.34 -18.08
N GLU B 796 44.10 -4.10 -17.77
CA GLU B 796 45.08 -4.51 -18.78
C GLU B 796 45.41 -6.00 -18.72
#